data_3SC6
#
_entry.id   3SC6
#
_cell.length_a   79.449
_cell.length_b   113.337
_cell.length_c   144.949
_cell.angle_alpha   90.00
_cell.angle_beta   91.18
_cell.angle_gamma   90.00
#
_symmetry.space_group_name_H-M   'P 1 21 1'
#
loop_
_entity.id
_entity.type
_entity.pdbx_description
1 polymer 'dTDP-4-dehydrorhamnose reductase'
2 non-polymer 'NADP NICOTINAMIDE-ADENINE-DINUCLEOTIDE PHOSPHATE'
3 non-polymer 'SULFATE ION'
4 water water
#
_entity_poly.entity_id   1
_entity_poly.type   'polypeptide(L)'
_entity_poly.pdbx_seq_one_letter_code
;SNAMKERVIITGANGQLGKQLQEELNPEEYDIYPFDKKLLDITNISQVQQVVQEIRPHIIIHCAAYTKVDQAEKERDLAY
VINAIGARNVAVASQLVGAKLVYISTDYVFQGDRPEGYDEFHNPAPINIYGASKYAGEQFVKELHNKYFIVRTSWLYGKY
GNNFVKTMIRLGKEREEISVVADQIGSPTYVADLNVMINKLIHTSLYGTYHVSNTGSCSWFEFAKKIFSYANMKVNVLPV
STEEFGAAAARPKYSIFQHNMLRLNGFLQMPSWEEGLERFFIETKSH
;
_entity_poly.pdbx_strand_id   A,B,C,D,E,F
#
loop_
_chem_comp.id
_chem_comp.type
_chem_comp.name
_chem_comp.formula
NAP non-polymer 'NADP NICOTINAMIDE-ADENINE-DINUCLEOTIDE PHOSPHATE' 'C21 H28 N7 O17 P3'
SO4 non-polymer 'SULFATE ION' 'O4 S -2'
#
# COMPACT_ATOMS: atom_id res chain seq x y z
N LYS A 5 -27.90 -43.24 18.74
CA LYS A 5 -26.63 -43.98 18.92
C LYS A 5 -25.75 -43.67 17.70
N GLU A 6 -25.29 -42.43 17.60
CA GLU A 6 -24.45 -42.01 16.47
C GLU A 6 -23.10 -42.75 16.37
N ARG A 7 -22.51 -42.68 15.18
CA ARG A 7 -21.25 -43.34 14.86
C ARG A 7 -20.19 -42.29 14.58
N VAL A 8 -19.00 -42.46 15.13
CA VAL A 8 -17.93 -41.50 14.91
C VAL A 8 -16.64 -42.18 14.51
N ILE A 9 -16.02 -41.71 13.43
CA ILE A 9 -14.76 -42.25 12.96
C ILE A 9 -13.64 -41.29 13.32
N ILE A 10 -12.52 -41.85 13.78
CA ILE A 10 -11.34 -41.05 14.15
C ILE A 10 -10.14 -41.48 13.32
N THR A 11 -9.63 -40.57 12.51
CA THR A 11 -8.46 -40.87 11.66
C THR A 11 -7.20 -40.48 12.43
N GLY A 12 -6.21 -41.37 12.47
CA GLY A 12 -4.96 -41.11 13.18
C GLY A 12 -5.19 -41.32 14.67
N ALA A 13 -5.83 -42.44 15.01
CA ALA A 13 -6.17 -42.80 16.38
C ALA A 13 -4.99 -43.06 17.33
N ASN A 14 -3.82 -43.40 16.78
CA ASN A 14 -2.65 -43.67 17.64
C ASN A 14 -1.86 -42.43 18.04
N GLY A 15 -2.17 -41.29 17.44
CA GLY A 15 -1.48 -40.03 17.75
C GLY A 15 -1.91 -39.45 19.08
N GLN A 16 -1.35 -38.29 19.41
CA GLN A 16 -1.67 -37.62 20.68
C GLN A 16 -3.18 -37.44 20.91
N LEU A 17 -3.89 -36.88 19.92
CA LEU A 17 -5.35 -36.68 20.07
C LEU A 17 -6.14 -37.96 19.97
N GLY A 18 -6.05 -38.62 18.83
CA GLY A 18 -6.78 -39.86 18.59
C GLY A 18 -6.71 -40.84 19.73
N LYS A 19 -5.52 -41.01 20.29
CA LYS A 19 -5.31 -41.92 21.40
C LYS A 19 -6.10 -41.50 22.64
N GLN A 20 -6.14 -40.19 22.91
CA GLN A 20 -6.84 -39.66 24.08
C GLN A 20 -8.31 -39.26 23.81
N LEU A 21 -8.60 -38.87 22.57
CA LEU A 21 -9.96 -38.47 22.20
C LEU A 21 -10.85 -39.72 22.25
N GLN A 22 -10.30 -40.82 21.75
CA GLN A 22 -10.96 -42.10 21.72
C GLN A 22 -11.48 -42.53 23.11
N GLU A 23 -10.76 -42.12 24.14
CA GLU A 23 -11.13 -42.46 25.52
C GLU A 23 -12.06 -41.46 26.18
N GLU A 24 -12.07 -40.22 25.69
CA GLU A 24 -12.92 -39.19 26.28
C GLU A 24 -14.33 -39.02 25.68
N LEU A 25 -14.61 -39.67 24.55
CA LEU A 25 -15.94 -39.59 23.95
C LEU A 25 -16.79 -40.62 24.67
N ASN A 26 -17.94 -40.18 25.20
CA ASN A 26 -18.83 -41.06 25.93
C ASN A 26 -19.28 -42.25 25.06
N PRO A 27 -18.86 -43.48 25.44
CA PRO A 27 -19.23 -44.67 24.67
C PRO A 27 -20.72 -45.01 24.70
N GLU A 28 -21.44 -44.51 25.71
CA GLU A 28 -22.88 -44.78 25.81
C GLU A 28 -23.64 -43.64 25.14
N GLU A 29 -23.16 -43.26 23.96
CA GLU A 29 -23.73 -42.19 23.15
C GLU A 29 -23.28 -42.36 21.70
N TYR A 30 -22.02 -42.76 21.52
CA TYR A 30 -21.46 -42.96 20.19
C TYR A 30 -20.74 -44.30 20.04
N ASP A 31 -20.71 -44.80 18.81
CA ASP A 31 -20.02 -46.06 18.49
C ASP A 31 -18.70 -45.52 17.95
N ILE A 32 -17.66 -45.61 18.76
CA ILE A 32 -16.35 -45.09 18.37
C ILE A 32 -15.56 -46.06 17.50
N TYR A 33 -15.27 -45.64 16.27
CA TYR A 33 -14.51 -46.44 15.33
C TYR A 33 -13.16 -45.81 15.02
N PRO A 34 -12.15 -46.11 15.84
CA PRO A 34 -10.83 -45.56 15.63
C PRO A 34 -10.05 -46.35 14.58
N PHE A 35 -9.23 -45.65 13.81
CA PHE A 35 -8.41 -46.28 12.77
C PHE A 35 -6.99 -45.76 12.75
N ASP A 36 -6.05 -46.68 12.66
CA ASP A 36 -4.65 -46.35 12.63
C ASP A 36 -4.28 -46.11 11.17
N LYS A 37 -3.01 -45.78 10.96
CA LYS A 37 -2.45 -45.53 9.64
C LYS A 37 -2.61 -46.73 8.68
N LYS A 38 -2.40 -47.95 9.20
CA LYS A 38 -2.52 -49.16 8.38
C LYS A 38 -3.97 -49.59 8.09
N LEU A 39 -4.87 -49.38 9.05
CA LEU A 39 -6.27 -49.75 8.87
C LEU A 39 -7.07 -48.73 8.06
N LEU A 40 -6.54 -47.50 7.97
CA LEU A 40 -7.19 -46.42 7.21
C LEU A 40 -6.15 -45.42 6.72
N ASP A 41 -5.57 -45.70 5.57
CA ASP A 41 -4.56 -44.84 4.98
C ASP A 41 -5.25 -43.65 4.32
N ILE A 42 -5.06 -42.48 4.92
CA ILE A 42 -5.65 -41.24 4.44
C ILE A 42 -5.31 -40.95 2.97
N THR A 43 -4.11 -41.35 2.55
CA THR A 43 -3.66 -41.12 1.17
C THR A 43 -4.24 -42.09 0.15
N ASN A 44 -5.00 -43.09 0.60
CA ASN A 44 -5.62 -44.07 -0.29
C ASN A 44 -7.13 -43.80 -0.33
N ILE A 45 -7.56 -43.04 -1.34
CA ILE A 45 -8.97 -42.69 -1.49
C ILE A 45 -9.89 -43.91 -1.62
N SER A 46 -9.46 -44.91 -2.37
CA SER A 46 -10.28 -46.09 -2.54
C SER A 46 -10.57 -46.72 -1.18
N GLN A 47 -9.58 -46.71 -0.31
CA GLN A 47 -9.75 -47.27 1.04
C GLN A 47 -10.60 -46.36 1.91
N VAL A 48 -10.37 -45.05 1.80
CA VAL A 48 -11.12 -44.07 2.58
C VAL A 48 -12.60 -44.23 2.33
N GLN A 49 -12.98 -44.33 1.06
CA GLN A 49 -14.38 -44.51 0.69
C GLN A 49 -14.95 -45.84 1.20
N GLN A 50 -14.20 -46.92 1.04
CA GLN A 50 -14.66 -48.22 1.50
C GLN A 50 -15.04 -48.20 2.98
N VAL A 51 -14.14 -47.70 3.80
CA VAL A 51 -14.37 -47.64 5.24
C VAL A 51 -15.52 -46.71 5.61
N VAL A 52 -15.56 -45.52 5.00
CA VAL A 52 -16.62 -44.56 5.30
C VAL A 52 -17.99 -45.06 4.80
N GLN A 53 -18.00 -45.82 3.71
CA GLN A 53 -19.27 -46.35 3.17
C GLN A 53 -19.84 -47.41 4.09
N GLU A 54 -19.00 -48.38 4.44
CA GLU A 54 -19.39 -49.49 5.31
C GLU A 54 -19.92 -49.02 6.66
N ILE A 55 -19.11 -48.27 7.39
CA ILE A 55 -19.52 -47.76 8.70
C ILE A 55 -20.57 -46.67 8.56
N ARG A 56 -20.39 -45.83 7.54
CA ARG A 56 -21.29 -44.72 7.25
C ARG A 56 -21.58 -43.97 8.55
N PRO A 57 -20.61 -43.14 8.99
CA PRO A 57 -20.68 -42.36 10.22
C PRO A 57 -21.35 -41.00 10.15
N HIS A 58 -21.88 -40.58 11.30
CA HIS A 58 -22.55 -39.30 11.44
C HIS A 58 -21.49 -38.22 11.63
N ILE A 59 -20.39 -38.58 12.31
CA ILE A 59 -19.31 -37.65 12.57
C ILE A 59 -17.96 -38.24 12.23
N ILE A 60 -17.03 -37.38 11.82
CA ILE A 60 -15.68 -37.81 11.49
C ILE A 60 -14.68 -36.80 12.03
N ILE A 61 -13.90 -37.24 13.02
CA ILE A 61 -12.90 -36.38 13.61
C ILE A 61 -11.59 -36.75 12.95
N HIS A 62 -11.18 -35.89 12.03
CA HIS A 62 -9.96 -36.11 11.28
C HIS A 62 -8.71 -35.61 12.02
N CYS A 63 -7.98 -36.55 12.63
CA CYS A 63 -6.76 -36.20 13.37
C CYS A 63 -5.49 -36.58 12.61
N ALA A 64 -5.62 -37.45 11.60
CA ALA A 64 -4.48 -37.89 10.80
C ALA A 64 -3.73 -36.70 10.20
N ALA A 65 -2.39 -36.75 10.25
CA ALA A 65 -1.57 -35.68 9.72
C ALA A 65 -0.07 -35.95 9.87
N TYR A 66 0.72 -35.22 9.07
CA TYR A 66 2.16 -35.32 9.08
C TYR A 66 2.59 -34.14 9.94
N THR A 67 2.86 -34.41 11.21
CA THR A 67 3.25 -33.36 12.17
C THR A 67 4.75 -33.22 12.41
N LYS A 68 5.56 -33.40 11.37
CA LYS A 68 7.01 -33.27 11.50
C LYS A 68 7.41 -31.93 10.90
N VAL A 69 7.11 -30.88 11.65
CA VAL A 69 7.38 -29.49 11.26
C VAL A 69 8.72 -29.26 10.57
N ASP A 70 9.81 -29.63 11.24
CA ASP A 70 11.16 -29.46 10.68
C ASP A 70 11.44 -30.26 9.42
N GLN A 71 11.15 -31.55 9.47
CA GLN A 71 11.40 -32.42 8.32
C GLN A 71 10.46 -32.09 7.15
N ALA A 72 9.38 -31.37 7.44
CA ALA A 72 8.41 -30.98 6.42
C ALA A 72 9.08 -30.14 5.34
N GLU A 73 10.08 -29.37 5.74
CA GLU A 73 10.83 -28.51 4.82
C GLU A 73 11.63 -29.32 3.80
N LYS A 74 12.06 -30.51 4.22
CA LYS A 74 12.83 -31.38 3.36
C LYS A 74 11.97 -32.36 2.55
N GLU A 75 10.76 -32.64 3.03
CA GLU A 75 9.84 -33.54 2.34
C GLU A 75 8.52 -32.81 2.14
N ARG A 76 8.49 -31.96 1.12
CA ARG A 76 7.30 -31.17 0.80
C ARG A 76 6.15 -31.98 0.19
N ASP A 77 6.43 -32.79 -0.82
CA ASP A 77 5.37 -33.59 -1.43
C ASP A 77 4.68 -34.44 -0.39
N LEU A 78 5.46 -35.03 0.51
CA LEU A 78 4.94 -35.88 1.57
C LEU A 78 4.08 -35.08 2.57
N ALA A 79 4.39 -33.81 2.75
CA ALA A 79 3.63 -32.95 3.67
C ALA A 79 2.26 -32.71 3.08
N TYR A 80 2.23 -32.39 1.78
CA TYR A 80 0.98 -32.16 1.07
C TYR A 80 0.15 -33.41 0.87
N VAL A 81 0.76 -34.48 0.38
CA VAL A 81 0.03 -35.73 0.16
C VAL A 81 -0.78 -36.08 1.39
N ILE A 82 -0.15 -36.05 2.56
CA ILE A 82 -0.84 -36.38 3.80
C ILE A 82 -1.82 -35.32 4.27
N ASN A 83 -1.31 -34.11 4.52
CA ASN A 83 -2.13 -33.00 5.00
C ASN A 83 -3.14 -32.38 4.04
N ALA A 84 -2.77 -32.23 2.77
CA ALA A 84 -3.66 -31.64 1.79
C ALA A 84 -4.53 -32.70 1.10
N ILE A 85 -3.91 -33.52 0.25
CA ILE A 85 -4.62 -34.58 -0.47
C ILE A 85 -5.39 -35.46 0.49
N GLY A 86 -4.79 -35.74 1.64
CA GLY A 86 -5.44 -36.57 2.65
C GLY A 86 -6.75 -36.00 3.15
N ALA A 87 -6.75 -34.68 3.41
CA ALA A 87 -7.94 -34.01 3.88
C ALA A 87 -8.99 -33.96 2.77
N ARG A 88 -8.50 -33.89 1.54
CA ARG A 88 -9.38 -33.83 0.37
C ARG A 88 -10.14 -35.16 0.22
N ASN A 89 -9.44 -36.28 0.44
CA ASN A 89 -10.03 -37.61 0.34
C ASN A 89 -11.07 -37.85 1.43
N VAL A 90 -10.74 -37.45 2.65
CA VAL A 90 -11.66 -37.61 3.79
C VAL A 90 -12.86 -36.67 3.61
N ALA A 91 -12.63 -35.56 2.90
CA ALA A 91 -13.69 -34.60 2.65
C ALA A 91 -14.69 -35.21 1.69
N VAL A 92 -14.19 -35.76 0.58
CA VAL A 92 -15.05 -36.40 -0.42
C VAL A 92 -15.93 -37.46 0.24
N ALA A 93 -15.32 -38.39 0.97
CA ALA A 93 -16.04 -39.46 1.64
C ALA A 93 -17.09 -38.91 2.61
N SER A 94 -16.70 -37.90 3.38
CA SER A 94 -17.61 -37.28 4.35
C SER A 94 -18.86 -36.79 3.62
N GLN A 95 -18.66 -36.22 2.43
CA GLN A 95 -19.76 -35.71 1.61
C GLN A 95 -20.71 -36.83 1.16
N LEU A 96 -20.18 -37.91 0.58
CA LEU A 96 -21.04 -39.02 0.13
C LEU A 96 -21.91 -39.59 1.23
N VAL A 97 -21.46 -39.53 2.48
CA VAL A 97 -22.25 -40.06 3.60
C VAL A 97 -23.00 -38.97 4.33
N GLY A 98 -22.57 -37.72 4.16
CA GLY A 98 -23.21 -36.59 4.83
C GLY A 98 -22.85 -36.52 6.30
N ALA A 99 -21.58 -36.81 6.60
CA ALA A 99 -21.10 -36.78 7.97
C ALA A 99 -20.52 -35.41 8.30
N LYS A 100 -20.62 -35.01 9.57
CA LYS A 100 -20.06 -33.74 9.99
C LYS A 100 -18.58 -34.01 10.06
N LEU A 101 -17.76 -33.13 9.49
CA LEU A 101 -16.30 -33.32 9.49
C LEU A 101 -15.54 -32.34 10.38
N VAL A 102 -14.70 -32.87 11.27
CA VAL A 102 -13.91 -32.02 12.15
C VAL A 102 -12.48 -32.11 11.67
N TYR A 103 -11.97 -31.01 11.13
CA TYR A 103 -10.60 -30.96 10.63
C TYR A 103 -9.73 -30.16 11.57
N ILE A 104 -8.80 -30.84 12.24
CA ILE A 104 -7.90 -30.21 13.18
C ILE A 104 -6.78 -29.51 12.42
N SER A 105 -6.62 -28.22 12.66
CA SER A 105 -5.59 -27.45 11.99
C SER A 105 -4.63 -26.80 12.98
N THR A 106 -3.75 -25.95 12.46
CA THR A 106 -2.74 -25.27 13.28
C THR A 106 -2.64 -23.75 13.13
N ASP A 107 -1.83 -23.16 14.01
CA ASP A 107 -1.61 -21.72 13.99
C ASP A 107 -0.49 -21.34 13.02
N TYR A 108 0.16 -22.34 12.42
CA TYR A 108 1.23 -22.08 11.45
C TYR A 108 0.67 -21.65 10.09
N VAL A 109 -0.64 -21.43 10.04
CA VAL A 109 -1.29 -21.00 8.81
C VAL A 109 -1.15 -19.47 8.73
N PHE A 110 -0.72 -18.86 9.85
CA PHE A 110 -0.50 -17.42 9.92
C PHE A 110 0.99 -17.14 10.10
N GLN A 111 1.38 -15.87 9.96
CA GLN A 111 2.77 -15.46 10.13
C GLN A 111 3.17 -15.44 11.60
N GLY A 112 2.18 -15.39 12.48
CA GLY A 112 2.41 -15.38 13.92
C GLY A 112 3.35 -14.28 14.35
N ASP A 113 3.13 -13.08 13.84
CA ASP A 113 3.97 -11.94 14.18
C ASP A 113 3.22 -10.86 14.98
N ARG A 114 1.95 -11.12 15.27
CA ARG A 114 1.14 -10.17 16.03
C ARG A 114 0.93 -10.72 17.43
N PRO A 115 1.21 -9.90 18.45
CA PRO A 115 1.06 -10.35 19.85
C PRO A 115 -0.39 -10.64 20.26
N GLU A 116 -1.34 -9.83 19.79
CA GLU A 116 -2.76 -10.03 20.13
C GLU A 116 -3.36 -11.25 19.43
N GLY A 117 -2.75 -11.66 18.32
CA GLY A 117 -3.23 -12.83 17.58
C GLY A 117 -4.10 -12.52 16.39
N TYR A 118 -4.68 -13.57 15.81
CA TYR A 118 -5.55 -13.46 14.66
C TYR A 118 -6.90 -14.09 14.94
N ASP A 119 -7.95 -13.56 14.30
CA ASP A 119 -9.30 -14.11 14.50
C ASP A 119 -9.51 -15.08 13.33
N GLU A 120 -10.65 -15.77 13.34
CA GLU A 120 -10.94 -16.73 12.30
C GLU A 120 -11.20 -16.12 10.92
N PHE A 121 -11.38 -14.80 10.86
CA PHE A 121 -11.65 -14.14 9.57
C PHE A 121 -10.45 -13.59 8.79
N HIS A 122 -9.30 -13.44 9.45
N HIS A 122 -9.30 -13.48 9.45
CA HIS A 122 -8.12 -12.93 8.75
CA HIS A 122 -8.11 -12.96 8.78
C HIS A 122 -7.60 -13.95 7.74
C HIS A 122 -7.58 -13.96 7.75
N ASN A 123 -7.19 -13.46 6.57
CA ASN A 123 -6.66 -14.31 5.52
C ASN A 123 -5.36 -14.93 5.96
N PRO A 124 -5.28 -16.26 5.95
CA PRO A 124 -4.05 -16.90 6.38
C PRO A 124 -2.86 -16.62 5.47
N ALA A 125 -1.67 -16.78 6.05
CA ALA A 125 -0.40 -16.57 5.36
C ALA A 125 0.58 -17.56 5.99
N PRO A 126 0.48 -18.84 5.61
CA PRO A 126 1.33 -19.91 6.11
C PRO A 126 2.78 -19.50 6.23
N ILE A 127 3.37 -19.75 7.40
CA ILE A 127 4.76 -19.39 7.66
C ILE A 127 5.79 -20.46 7.26
N ASN A 128 5.36 -21.71 7.17
CA ASN A 128 6.25 -22.82 6.80
C ASN A 128 5.52 -23.91 6.03
N ILE A 129 6.26 -24.90 5.53
CA ILE A 129 5.64 -26.00 4.75
C ILE A 129 4.50 -26.68 5.49
N TYR A 130 4.69 -26.98 6.77
CA TYR A 130 3.64 -27.63 7.56
C TYR A 130 2.38 -26.78 7.55
N GLY A 131 2.54 -25.50 7.85
CA GLY A 131 1.42 -24.57 7.89
C GLY A 131 0.72 -24.45 6.55
N ALA A 132 1.50 -24.42 5.47
CA ALA A 132 0.96 -24.31 4.12
C ALA A 132 0.25 -25.57 3.68
N SER A 133 0.77 -26.72 4.11
CA SER A 133 0.17 -28.00 3.75
C SER A 133 -1.22 -28.14 4.37
N LYS A 134 -1.37 -27.77 5.64
CA LYS A 134 -2.69 -27.89 6.25
C LYS A 134 -3.65 -26.80 5.80
N TYR A 135 -3.14 -25.65 5.40
CA TYR A 135 -4.02 -24.59 4.93
C TYR A 135 -4.65 -25.12 3.64
N ALA A 136 -3.84 -25.79 2.82
CA ALA A 136 -4.30 -26.37 1.57
C ALA A 136 -5.33 -27.42 1.94
N GLY A 137 -5.09 -28.09 3.06
CA GLY A 137 -6.00 -29.12 3.56
C GLY A 137 -7.34 -28.48 3.92
N GLU A 138 -7.30 -27.36 4.63
CA GLU A 138 -8.52 -26.65 5.04
C GLU A 138 -9.33 -26.24 3.82
N GLN A 139 -8.66 -25.74 2.79
CA GLN A 139 -9.35 -25.31 1.58
C GLN A 139 -10.09 -26.47 0.90
N PHE A 140 -9.47 -27.65 0.76
CA PHE A 140 -10.20 -28.75 0.12
C PHE A 140 -11.45 -29.10 0.92
N VAL A 141 -11.39 -28.95 2.24
CA VAL A 141 -12.53 -29.26 3.09
C VAL A 141 -13.69 -28.29 2.83
N LYS A 142 -13.40 -26.99 2.80
CA LYS A 142 -14.44 -25.99 2.54
C LYS A 142 -14.95 -26.11 1.12
N GLU A 143 -14.07 -26.47 0.21
CA GLU A 143 -14.42 -26.61 -1.20
C GLU A 143 -15.21 -27.87 -1.58
N LEU A 144 -15.01 -28.98 -0.87
CA LEU A 144 -15.73 -30.21 -1.21
C LEU A 144 -16.72 -30.77 -0.17
N HIS A 145 -16.97 -30.03 0.90
CA HIS A 145 -17.90 -30.51 1.93
C HIS A 145 -18.59 -29.30 2.57
N ASN A 146 -19.81 -29.48 3.06
CA ASN A 146 -20.55 -28.36 3.67
C ASN A 146 -21.07 -28.56 5.10
N LYS A 147 -20.47 -29.50 5.81
CA LYS A 147 -20.83 -29.80 7.20
C LYS A 147 -19.51 -30.08 7.86
N TYR A 148 -18.81 -29.02 8.26
CA TYR A 148 -17.51 -29.17 8.88
C TYR A 148 -17.18 -28.16 9.96
N PHE A 149 -16.13 -28.48 10.71
CA PHE A 149 -15.63 -27.66 11.78
C PHE A 149 -14.12 -27.64 11.64
N ILE A 150 -13.56 -26.53 11.19
CA ILE A 150 -12.11 -26.44 11.06
C ILE A 150 -11.66 -25.94 12.42
N VAL A 151 -10.99 -26.80 13.19
CA VAL A 151 -10.52 -26.45 14.51
C VAL A 151 -9.00 -26.28 14.60
N ARG A 152 -8.56 -25.03 14.60
CA ARG A 152 -7.14 -24.71 14.70
C ARG A 152 -6.74 -24.67 16.16
N THR A 153 -5.65 -25.35 16.48
CA THR A 153 -5.14 -25.40 17.84
C THR A 153 -3.64 -25.15 17.77
N SER A 154 -2.94 -25.21 18.91
CA SER A 154 -1.49 -24.98 18.93
C SER A 154 -0.81 -25.43 20.22
N TRP A 155 0.47 -25.79 20.14
CA TRP A 155 1.20 -26.23 21.34
C TRP A 155 0.39 -27.27 22.08
N LEU A 156 -0.08 -28.25 21.32
CA LEU A 156 -0.88 -29.33 21.84
C LEU A 156 -0.03 -30.40 22.53
N TYR A 157 -0.50 -30.89 23.68
CA TYR A 157 0.22 -31.92 24.44
C TYR A 157 -0.82 -32.70 25.24
N GLY A 158 -0.62 -34.02 25.34
CA GLY A 158 -1.56 -34.87 26.09
C GLY A 158 -0.92 -35.96 26.93
N LYS A 159 -1.74 -36.88 27.41
CA LYS A 159 -1.28 -37.99 28.23
C LYS A 159 -0.39 -38.96 27.50
N TYR A 160 -0.75 -39.25 26.25
CA TYR A 160 0.00 -40.20 25.44
C TYR A 160 0.99 -39.57 24.49
N GLY A 161 2.03 -40.33 24.16
CA GLY A 161 3.08 -39.88 23.25
C GLY A 161 4.04 -38.90 23.91
N ASN A 162 5.16 -38.63 23.25
CA ASN A 162 6.13 -37.70 23.78
C ASN A 162 5.64 -36.28 23.57
N ASN A 163 6.02 -35.38 24.47
CA ASN A 163 5.62 -33.99 24.38
C ASN A 163 6.59 -33.15 25.21
N PHE A 164 6.45 -31.83 25.12
CA PHE A 164 7.33 -30.93 25.86
C PHE A 164 7.20 -31.07 27.38
N VAL A 165 6.03 -31.39 27.89
CA VAL A 165 5.86 -31.52 29.34
C VAL A 165 6.58 -32.77 29.87
N LYS A 166 6.43 -33.90 29.18
CA LYS A 166 7.09 -35.14 29.60
C LYS A 166 8.61 -35.03 29.49
N THR A 167 9.09 -34.30 28.49
CA THR A 167 10.52 -34.12 28.28
C THR A 167 11.18 -33.36 29.43
N MET A 168 10.55 -32.28 29.89
CA MET A 168 11.10 -31.50 31.00
C MET A 168 11.20 -32.33 32.29
N ILE A 169 10.17 -33.10 32.59
CA ILE A 169 10.16 -33.93 33.79
C ILE A 169 11.18 -35.06 33.70
N ARG A 170 11.43 -35.51 32.48
CA ARG A 170 12.39 -36.58 32.22
C ARG A 170 13.81 -36.06 32.37
N LEU A 171 14.08 -34.93 31.73
CA LEU A 171 15.40 -34.31 31.77
C LEU A 171 15.63 -33.56 33.09
N GLY A 172 14.57 -32.92 33.59
CA GLY A 172 14.64 -32.16 34.82
C GLY A 172 15.23 -32.88 36.02
N LYS A 173 14.88 -34.16 36.18
CA LYS A 173 15.38 -34.95 37.30
C LYS A 173 16.90 -35.15 37.28
N GLU A 174 17.48 -35.18 36.08
CA GLU A 174 18.92 -35.38 35.93
C GLU A 174 19.73 -34.07 35.94
N ARG A 175 19.18 -33.02 35.33
CA ARG A 175 19.86 -31.73 35.29
C ARG A 175 19.76 -30.85 36.52
N GLU A 176 20.74 -29.95 36.60
CA GLU A 176 20.85 -28.98 37.67
C GLU A 176 20.36 -27.67 37.04
N GLU A 177 20.52 -27.57 35.72
CA GLU A 177 20.11 -26.41 34.92
C GLU A 177 19.73 -26.92 33.54
N ILE A 178 18.78 -26.23 32.89
CA ILE A 178 18.34 -26.63 31.56
C ILE A 178 17.89 -25.40 30.75
N SER A 179 18.45 -25.26 29.56
CA SER A 179 18.12 -24.12 28.70
C SER A 179 16.94 -24.39 27.76
N VAL A 180 15.99 -23.44 27.75
CA VAL A 180 14.79 -23.51 26.92
C VAL A 180 14.56 -22.21 26.18
N VAL A 181 14.10 -22.30 24.93
CA VAL A 181 13.83 -21.11 24.12
C VAL A 181 12.89 -20.15 24.88
N ALA A 182 13.16 -18.86 24.79
CA ALA A 182 12.34 -17.85 25.47
C ALA A 182 11.91 -16.67 24.58
N ASP A 183 12.18 -16.76 23.28
CA ASP A 183 11.81 -15.69 22.35
C ASP A 183 10.67 -16.10 21.41
N GLN A 184 9.94 -17.14 21.82
CA GLN A 184 8.80 -17.66 21.04
C GLN A 184 7.60 -17.78 21.99
N ILE A 185 6.64 -16.87 21.83
CA ILE A 185 5.45 -16.87 22.66
C ILE A 185 4.36 -17.71 22.03
N GLY A 186 3.61 -18.43 22.87
CA GLY A 186 2.53 -19.28 22.41
C GLY A 186 1.54 -19.59 23.53
N SER A 187 0.64 -20.53 23.27
CA SER A 187 -0.36 -20.90 24.26
C SER A 187 -0.53 -22.42 24.33
N PRO A 188 0.07 -23.04 25.36
CA PRO A 188 -0.01 -24.49 25.55
C PRO A 188 -1.46 -24.96 25.63
N THR A 189 -1.80 -25.97 24.85
CA THR A 189 -3.15 -26.50 24.84
C THR A 189 -3.20 -27.98 25.21
N TYR A 190 -3.88 -28.28 26.31
CA TYR A 190 -4.00 -29.66 26.77
C TYR A 190 -5.17 -30.40 26.11
N VAL A 191 -4.82 -31.47 25.40
CA VAL A 191 -5.77 -32.31 24.67
C VAL A 191 -7.12 -32.49 25.37
N ALA A 192 -7.11 -32.76 26.67
CA ALA A 192 -8.37 -32.94 27.40
C ALA A 192 -9.29 -31.74 27.24
N ASP A 193 -8.75 -30.53 27.32
CA ASP A 193 -9.56 -29.31 27.17
C ASP A 193 -10.03 -29.16 25.72
N LEU A 194 -9.20 -29.57 24.77
CA LEU A 194 -9.54 -29.48 23.36
C LEU A 194 -10.68 -30.46 23.07
N ASN A 195 -10.52 -31.70 23.52
CA ASN A 195 -11.54 -32.72 23.31
C ASN A 195 -12.88 -32.30 23.87
N VAL A 196 -12.87 -31.60 25.01
CA VAL A 196 -14.11 -31.15 25.62
C VAL A 196 -14.82 -30.21 24.66
N MET A 197 -14.05 -29.36 23.99
CA MET A 197 -14.63 -28.41 23.04
C MET A 197 -15.07 -29.11 21.76
N ILE A 198 -14.26 -30.04 21.27
CA ILE A 198 -14.61 -30.78 20.05
C ILE A 198 -15.94 -31.48 20.28
N ASN A 199 -16.05 -32.11 21.43
CA ASN A 199 -17.25 -32.83 21.83
C ASN A 199 -18.48 -31.89 21.78
N LYS A 200 -18.31 -30.66 22.24
CA LYS A 200 -19.40 -29.68 22.25
C LYS A 200 -19.80 -29.27 20.84
N LEU A 201 -18.82 -29.11 19.95
CA LEU A 201 -19.10 -28.74 18.56
C LEU A 201 -19.81 -29.81 17.75
N ILE A 202 -19.44 -31.09 17.95
CA ILE A 202 -20.07 -32.18 17.19
C ILE A 202 -21.57 -32.36 17.50
N HIS A 203 -22.04 -31.92 18.66
CA HIS A 203 -23.48 -32.05 19.00
C HIS A 203 -24.33 -30.96 18.34
N THR A 204 -23.69 -30.04 17.64
N THR A 204 -23.68 -30.04 17.64
CA THR A 204 -24.39 -28.95 16.97
CA THR A 204 -24.37 -28.95 16.97
C THR A 204 -24.03 -28.92 15.49
C THR A 204 -24.05 -28.94 15.48
N SER A 205 -24.58 -27.95 14.78
N SER A 205 -24.57 -27.92 14.78
CA SER A 205 -24.30 -27.78 13.35
CA SER A 205 -24.34 -27.76 13.36
C SER A 205 -23.81 -26.36 13.08
C SER A 205 -23.84 -26.35 13.09
N LEU A 206 -23.17 -25.76 14.08
CA LEU A 206 -22.62 -24.41 13.97
C LEU A 206 -21.31 -24.56 13.22
N TYR A 207 -21.39 -24.94 11.95
CA TYR A 207 -20.20 -25.15 11.13
C TYR A 207 -19.38 -23.89 10.93
N GLY A 208 -18.10 -24.08 10.63
CA GLY A 208 -17.20 -22.95 10.41
C GLY A 208 -15.80 -23.23 10.88
N THR A 209 -15.01 -22.17 11.00
CA THR A 209 -13.63 -22.26 11.45
C THR A 209 -13.56 -21.75 12.88
N TYR A 210 -12.90 -22.51 13.76
CA TYR A 210 -12.76 -22.16 15.18
C TYR A 210 -11.36 -22.29 15.75
N HIS A 211 -10.95 -21.30 16.55
CA HIS A 211 -9.65 -21.37 17.18
C HIS A 211 -9.85 -21.89 18.59
N VAL A 212 -9.33 -23.08 18.87
CA VAL A 212 -9.47 -23.68 20.20
C VAL A 212 -8.11 -23.91 20.81
N SER A 213 -7.85 -23.19 21.90
CA SER A 213 -6.59 -23.27 22.62
C SER A 213 -6.83 -22.77 24.01
N ASN A 214 -5.91 -23.03 24.92
CA ASN A 214 -6.07 -22.56 26.28
C ASN A 214 -5.81 -21.06 26.29
N THR A 215 -6.47 -20.37 27.21
CA THR A 215 -6.34 -18.92 27.35
C THR A 215 -4.95 -18.48 27.81
N GLY A 216 -4.61 -17.24 27.47
CA GLY A 216 -3.32 -16.65 27.83
C GLY A 216 -2.15 -16.93 26.92
N SER A 217 -1.19 -16.03 26.93
CA SER A 217 0.02 -16.14 26.13
C SER A 217 1.03 -16.82 27.04
N CYS A 218 2.15 -17.29 26.47
CA CYS A 218 3.15 -17.96 27.27
C CYS A 218 4.46 -18.04 26.48
N SER A 219 5.38 -18.91 26.90
CA SER A 219 6.66 -19.09 26.22
C SER A 219 7.23 -20.40 26.75
N TRP A 220 7.97 -21.13 25.92
CA TRP A 220 8.55 -22.40 26.37
C TRP A 220 9.30 -22.21 27.67
N PHE A 221 9.97 -21.07 27.79
CA PHE A 221 10.73 -20.74 28.98
C PHE A 221 9.83 -20.59 30.22
N GLU A 222 8.85 -19.70 30.16
CA GLU A 222 7.92 -19.50 31.30
C GLU A 222 7.13 -20.76 31.54
N PHE A 223 6.80 -21.46 30.46
CA PHE A 223 6.05 -22.69 30.52
C PHE A 223 6.91 -23.73 31.23
N ALA A 224 8.18 -23.78 30.85
CA ALA A 224 9.11 -24.72 31.45
C ALA A 224 9.16 -24.50 32.96
N LYS A 225 9.38 -23.25 33.39
CA LYS A 225 9.44 -22.94 34.82
C LYS A 225 8.22 -23.43 35.57
N LYS A 226 7.05 -23.08 35.06
CA LYS A 226 5.80 -23.47 35.71
C LYS A 226 5.57 -24.99 35.69
N ILE A 227 6.21 -25.72 34.79
CA ILE A 227 6.04 -27.17 34.76
C ILE A 227 6.75 -27.70 35.99
N PHE A 228 7.91 -27.15 36.29
CA PHE A 228 8.68 -27.58 37.46
C PHE A 228 8.03 -27.05 38.73
N SER A 229 7.28 -25.96 38.62
CA SER A 229 6.61 -25.38 39.76
C SER A 229 5.59 -26.39 40.27
N TYR A 230 4.75 -26.91 39.38
CA TYR A 230 3.74 -27.91 39.78
C TYR A 230 4.38 -29.26 40.05
N ALA A 231 5.46 -29.56 39.33
CA ALA A 231 6.17 -30.82 39.51
C ALA A 231 6.93 -30.79 40.83
N ASN A 232 7.14 -29.58 41.34
CA ASN A 232 7.86 -29.35 42.59
C ASN A 232 9.28 -29.90 42.48
N MET A 233 9.97 -29.49 41.42
CA MET A 233 11.34 -29.92 41.16
C MET A 233 12.23 -28.67 41.13
N LYS A 234 13.29 -28.68 41.93
CA LYS A 234 14.20 -27.55 42.00
C LYS A 234 15.25 -27.62 40.89
N VAL A 235 14.97 -26.93 39.78
CA VAL A 235 15.85 -26.89 38.63
C VAL A 235 15.81 -25.51 37.99
N ASN A 236 16.94 -25.04 37.49
CA ASN A 236 17.02 -23.73 36.86
C ASN A 236 16.76 -23.80 35.36
N VAL A 237 16.25 -22.71 34.80
CA VAL A 237 15.95 -22.65 33.38
C VAL A 237 16.66 -21.43 32.79
N LEU A 238 17.49 -21.67 31.76
CA LEU A 238 18.23 -20.59 31.11
C LEU A 238 17.56 -20.17 29.80
N PRO A 239 17.21 -18.87 29.66
CA PRO A 239 16.56 -18.39 28.45
C PRO A 239 17.52 -18.27 27.28
N VAL A 240 17.19 -18.93 26.17
CA VAL A 240 18.03 -18.90 24.96
C VAL A 240 17.22 -18.44 23.74
N SER A 241 17.93 -17.94 22.74
CA SER A 241 17.30 -17.46 21.51
C SER A 241 17.06 -18.60 20.52
N THR A 242 16.38 -18.28 19.43
CA THR A 242 16.07 -19.24 18.38
C THR A 242 17.28 -19.54 17.49
N GLU A 243 18.10 -18.53 17.26
CA GLU A 243 19.29 -18.68 16.41
C GLU A 243 20.30 -19.66 17.01
N GLU A 244 20.44 -19.65 18.33
CA GLU A 244 21.37 -20.55 19.01
C GLU A 244 20.84 -21.98 19.08
N PHE A 245 19.53 -22.13 18.95
CA PHE A 245 18.90 -23.44 19.00
C PHE A 245 19.02 -24.17 17.67
N GLY A 246 19.15 -23.39 16.59
CA GLY A 246 19.28 -23.95 15.25
C GLY A 246 18.02 -24.68 14.81
N ALA A 247 17.10 -23.94 14.23
CA ALA A 247 15.85 -24.52 13.75
C ALA A 247 15.84 -24.63 12.22
N ALA A 248 15.34 -25.75 11.72
CA ALA A 248 15.27 -25.98 10.28
C ALA A 248 13.97 -25.44 9.70
N ALA A 249 13.03 -25.10 10.58
CA ALA A 249 11.74 -24.57 10.15
C ALA A 249 11.59 -23.25 10.89
N ALA A 250 10.92 -22.29 10.27
CA ALA A 250 10.71 -20.99 10.90
C ALA A 250 9.44 -20.83 11.72
N ARG A 251 9.55 -20.91 13.05
CA ARG A 251 8.38 -20.73 13.91
C ARG A 251 8.06 -19.26 14.08
N PRO A 252 6.82 -18.95 14.47
CA PRO A 252 6.43 -17.57 14.67
C PRO A 252 6.88 -17.10 16.03
N LYS A 253 7.02 -15.79 16.20
CA LYS A 253 7.44 -15.26 17.49
C LYS A 253 6.22 -15.03 18.39
N TYR A 254 5.02 -15.11 17.80
CA TYR A 254 3.77 -14.93 18.53
C TYR A 254 2.68 -15.82 17.94
N SER A 255 2.51 -17.02 18.49
CA SER A 255 1.50 -17.96 18.02
C SER A 255 0.31 -17.96 18.99
N ILE A 256 -0.55 -16.96 18.85
CA ILE A 256 -1.72 -16.83 19.70
C ILE A 256 -2.97 -16.58 18.87
N PHE A 257 -4.09 -17.12 19.32
CA PHE A 257 -5.36 -16.93 18.61
C PHE A 257 -6.30 -16.06 19.41
N GLN A 258 -7.27 -15.48 18.69
CA GLN A 258 -8.29 -14.66 19.30
C GLN A 258 -9.44 -15.66 19.26
N HIS A 259 -10.15 -15.83 20.36
CA HIS A 259 -11.24 -16.78 20.40
C HIS A 259 -12.61 -16.16 20.12
N ASN A 260 -12.81 -15.73 18.87
CA ASN A 260 -14.07 -15.10 18.47
C ASN A 260 -15.21 -16.09 18.26
N MET A 261 -15.07 -16.98 17.28
CA MET A 261 -16.11 -17.98 16.99
C MET A 261 -16.70 -18.66 18.23
N LEU A 262 -15.85 -19.08 19.17
CA LEU A 262 -16.37 -19.73 20.39
C LEU A 262 -17.24 -18.75 21.15
N ARG A 263 -16.74 -17.55 21.34
CA ARG A 263 -17.46 -16.50 22.05
C ARG A 263 -18.68 -15.99 21.28
N LEU A 264 -18.63 -16.00 19.96
CA LEU A 264 -19.76 -15.55 19.14
C LEU A 264 -20.83 -16.65 19.02
N ASN A 265 -20.48 -17.89 19.33
CA ASN A 265 -21.43 -19.00 19.26
C ASN A 265 -21.90 -19.49 20.62
N GLY A 266 -21.84 -18.61 21.62
CA GLY A 266 -22.29 -18.93 22.98
C GLY A 266 -21.44 -19.89 23.80
N PHE A 267 -20.39 -20.44 23.24
CA PHE A 267 -19.55 -21.37 24.00
C PHE A 267 -18.75 -20.59 25.04
N LEU A 268 -18.42 -21.25 26.16
CA LEU A 268 -17.65 -20.61 27.21
C LEU A 268 -16.17 -20.62 26.83
N GLN A 269 -15.40 -19.74 27.45
CA GLN A 269 -13.97 -19.66 27.18
C GLN A 269 -13.20 -20.86 27.70
N MET A 270 -12.12 -21.19 27.00
CA MET A 270 -11.26 -22.30 27.35
C MET A 270 -10.53 -21.93 28.63
N PRO A 271 -10.05 -22.94 29.38
CA PRO A 271 -9.31 -22.63 30.59
C PRO A 271 -7.96 -22.06 30.19
N SER A 272 -7.24 -21.45 31.15
CA SER A 272 -5.94 -20.89 30.85
C SER A 272 -4.95 -22.03 30.67
N TRP A 273 -3.87 -21.79 29.95
CA TRP A 273 -2.85 -22.82 29.72
C TRP A 273 -2.31 -23.25 31.07
N GLU A 274 -2.24 -22.29 31.97
CA GLU A 274 -1.76 -22.49 33.33
C GLU A 274 -2.67 -23.48 34.02
N GLU A 275 -3.96 -23.27 33.82
CA GLU A 275 -4.99 -24.11 34.41
C GLU A 275 -5.13 -25.44 33.65
N GLY A 276 -4.83 -25.41 32.36
CA GLY A 276 -4.91 -26.61 31.53
C GLY A 276 -3.81 -27.58 31.91
N LEU A 277 -2.67 -27.02 32.32
CA LEU A 277 -1.52 -27.81 32.74
C LEU A 277 -1.77 -28.47 34.10
N GLU A 278 -2.57 -27.84 34.94
CA GLU A 278 -2.87 -28.40 36.25
C GLU A 278 -3.54 -29.74 36.11
N ARG A 279 -4.62 -29.78 35.35
CA ARG A 279 -5.39 -31.01 35.15
C ARG A 279 -4.56 -32.10 34.46
N PHE A 280 -3.42 -31.72 33.89
CA PHE A 280 -2.54 -32.68 33.24
C PHE A 280 -1.89 -33.57 34.29
N PHE A 281 -1.31 -32.95 35.31
CA PHE A 281 -0.66 -33.70 36.39
C PHE A 281 -1.70 -34.48 37.19
N ILE A 282 -2.85 -33.87 37.42
CA ILE A 282 -3.94 -34.50 38.17
C ILE A 282 -4.39 -35.82 37.56
N GLU A 283 -4.53 -35.82 36.23
CA GLU A 283 -4.97 -37.01 35.52
C GLU A 283 -3.87 -38.03 35.21
N THR A 284 -2.62 -37.58 35.12
CA THR A 284 -1.50 -38.50 34.83
C THR A 284 -0.61 -38.71 36.04
N LYS A 285 -1.21 -38.80 37.23
CA LYS A 285 -0.46 -39.00 38.46
C LYS A 285 0.24 -40.37 38.45
N SER B 1 -57.60 -27.24 -10.96
CA SER B 1 -56.24 -27.39 -10.41
C SER B 1 -55.36 -26.22 -10.86
N ASN B 2 -54.38 -25.87 -10.02
CA ASN B 2 -53.46 -24.77 -10.30
C ASN B 2 -52.02 -25.21 -10.02
N ALA B 3 -51.09 -24.27 -10.10
CA ALA B 3 -49.71 -24.56 -9.83
C ALA B 3 -49.56 -24.58 -8.31
N MET B 4 -48.72 -25.46 -7.79
CA MET B 4 -48.51 -25.55 -6.36
C MET B 4 -47.91 -24.28 -5.80
N LYS B 5 -48.58 -23.69 -4.80
CA LYS B 5 -48.07 -22.47 -4.18
C LYS B 5 -46.73 -22.86 -3.58
N GLU B 6 -45.74 -22.01 -3.78
CA GLU B 6 -44.42 -22.27 -3.27
C GLU B 6 -44.24 -21.56 -1.91
N ARG B 7 -43.74 -22.31 -0.94
CA ARG B 7 -43.51 -21.83 0.43
C ARG B 7 -42.27 -20.95 0.62
N VAL B 8 -42.49 -19.78 1.24
CA VAL B 8 -41.43 -18.81 1.50
C VAL B 8 -41.38 -18.26 2.92
N ILE B 9 -40.18 -18.22 3.49
CA ILE B 9 -39.96 -17.72 4.82
C ILE B 9 -39.20 -16.41 4.71
N ILE B 10 -39.63 -15.41 5.48
CA ILE B 10 -38.99 -14.10 5.48
C ILE B 10 -38.51 -13.78 6.89
N THR B 11 -37.18 -13.69 7.05
CA THR B 11 -36.59 -13.38 8.35
C THR B 11 -36.49 -11.87 8.45
N GLY B 12 -36.62 -11.34 9.68
CA GLY B 12 -36.55 -9.90 9.90
C GLY B 12 -37.66 -9.21 9.13
N ALA B 13 -38.80 -9.91 9.04
CA ALA B 13 -40.00 -9.44 8.33
C ALA B 13 -40.66 -8.17 8.88
N ASN B 14 -40.22 -7.69 10.03
CA ASN B 14 -40.82 -6.50 10.61
C ASN B 14 -40.06 -5.22 10.16
N GLY B 15 -38.94 -5.40 9.45
CA GLY B 15 -38.13 -4.27 8.97
C GLY B 15 -38.60 -3.64 7.66
N GLN B 16 -37.94 -2.56 7.25
CA GLN B 16 -38.28 -1.85 6.01
C GLN B 16 -38.54 -2.75 4.83
N LEU B 17 -37.53 -3.53 4.45
CA LEU B 17 -37.63 -4.43 3.32
C LEU B 17 -38.62 -5.55 3.55
N GLY B 18 -38.41 -6.31 4.62
CA GLY B 18 -39.26 -7.44 4.98
C GLY B 18 -40.75 -7.15 5.10
N LYS B 19 -41.10 -6.06 5.76
CA LYS B 19 -42.50 -5.70 5.95
C LYS B 19 -43.18 -5.37 4.62
N GLN B 20 -42.44 -4.77 3.69
CA GLN B 20 -43.02 -4.41 2.40
C GLN B 20 -42.96 -5.58 1.40
N LEU B 21 -41.93 -6.42 1.51
CA LEU B 21 -41.79 -7.57 0.63
C LEU B 21 -42.92 -8.56 0.89
N GLN B 22 -43.36 -8.58 2.15
CA GLN B 22 -44.43 -9.44 2.61
C GLN B 22 -45.75 -9.15 1.88
N GLU B 23 -46.02 -7.86 1.66
CA GLU B 23 -47.23 -7.42 0.98
C GLU B 23 -47.11 -7.41 -0.53
N GLU B 24 -45.91 -7.56 -1.06
CA GLU B 24 -45.71 -7.55 -2.50
C GLU B 24 -45.59 -8.93 -3.16
N LEU B 25 -45.52 -9.98 -2.36
CA LEU B 25 -45.43 -11.33 -2.90
C LEU B 25 -46.87 -11.77 -3.15
N ASN B 26 -47.17 -12.12 -4.40
CA ASN B 26 -48.53 -12.55 -4.77
C ASN B 26 -48.92 -13.81 -3.99
N PRO B 27 -49.91 -13.67 -3.05
CA PRO B 27 -50.39 -14.80 -2.22
C PRO B 27 -51.03 -15.97 -2.98
N GLU B 28 -51.40 -15.76 -4.23
CA GLU B 28 -52.01 -16.82 -5.03
C GLU B 28 -50.92 -17.73 -5.56
N GLU B 29 -49.66 -17.27 -5.47
CA GLU B 29 -48.52 -18.03 -5.95
C GLU B 29 -47.57 -18.46 -4.83
N TYR B 30 -47.75 -17.91 -3.63
CA TYR B 30 -46.88 -18.26 -2.51
C TYR B 30 -47.56 -18.35 -1.15
N ASP B 31 -47.09 -19.27 -0.31
CA ASP B 31 -47.60 -19.44 1.04
C ASP B 31 -46.52 -18.71 1.83
N ILE B 32 -46.80 -17.44 2.15
CA ILE B 32 -45.86 -16.59 2.86
C ILE B 32 -45.84 -16.75 4.38
N TYR B 33 -44.65 -17.09 4.90
CA TYR B 33 -44.45 -17.27 6.33
C TYR B 33 -43.46 -16.22 6.83
N PRO B 34 -43.97 -15.04 7.20
CA PRO B 34 -43.10 -13.99 7.69
C PRO B 34 -42.82 -14.18 9.17
N PHE B 35 -41.59 -13.90 9.59
CA PHE B 35 -41.21 -14.04 10.98
C PHE B 35 -40.53 -12.82 11.58
N ASP B 36 -40.91 -12.55 12.82
CA ASP B 36 -40.39 -11.45 13.59
C ASP B 36 -39.15 -11.91 14.35
N LYS B 37 -38.37 -10.95 14.84
CA LYS B 37 -37.18 -11.22 15.60
C LYS B 37 -37.48 -12.17 16.78
N LYS B 38 -38.61 -11.96 17.44
CA LYS B 38 -39.01 -12.80 18.58
C LYS B 38 -39.43 -14.21 18.18
N LEU B 39 -40.19 -14.35 17.10
CA LEU B 39 -40.64 -15.67 16.66
C LEU B 39 -39.57 -16.44 15.89
N LEU B 40 -38.53 -15.75 15.42
CA LEU B 40 -37.45 -16.41 14.69
C LEU B 40 -36.16 -15.63 14.82
N ASP B 41 -35.44 -15.88 15.91
CA ASP B 41 -34.18 -15.23 16.20
C ASP B 41 -33.12 -16.00 15.40
N ILE B 42 -32.50 -15.34 14.44
CA ILE B 42 -31.48 -15.98 13.62
C ILE B 42 -30.21 -16.36 14.38
N THR B 43 -30.07 -15.89 15.61
CA THR B 43 -28.88 -16.20 16.43
C THR B 43 -29.06 -17.49 17.22
N ASN B 44 -30.29 -17.98 17.27
CA ASN B 44 -30.61 -19.21 17.97
C ASN B 44 -30.84 -20.30 16.93
N ILE B 45 -29.79 -21.08 16.66
CA ILE B 45 -29.85 -22.14 15.66
C ILE B 45 -30.89 -23.23 15.90
N SER B 46 -31.20 -23.51 17.16
CA SER B 46 -32.21 -24.54 17.46
C SER B 46 -33.57 -24.06 16.98
N GLN B 47 -33.85 -22.77 17.19
CA GLN B 47 -35.11 -22.18 16.78
C GLN B 47 -35.18 -22.06 15.25
N VAL B 48 -34.05 -21.71 14.64
CA VAL B 48 -33.98 -21.56 13.19
C VAL B 48 -34.24 -22.90 12.50
N GLN B 49 -33.69 -23.97 13.05
CA GLN B 49 -33.89 -25.30 12.46
C GLN B 49 -35.28 -25.88 12.72
N GLN B 50 -35.88 -25.51 13.85
CA GLN B 50 -37.21 -26.01 14.19
C GLN B 50 -38.22 -25.41 13.20
N VAL B 51 -38.14 -24.11 13.00
CA VAL B 51 -39.04 -23.43 12.08
C VAL B 51 -38.86 -23.87 10.65
N VAL B 52 -37.61 -23.93 10.18
CA VAL B 52 -37.34 -24.35 8.80
C VAL B 52 -37.73 -25.81 8.54
N GLN B 53 -37.48 -26.70 9.50
CA GLN B 53 -37.84 -28.12 9.32
C GLN B 53 -39.35 -28.31 9.29
N GLU B 54 -40.06 -27.55 10.11
CA GLU B 54 -41.51 -27.63 10.18
C GLU B 54 -42.20 -27.12 8.92
N ILE B 55 -41.67 -26.05 8.34
CA ILE B 55 -42.23 -25.45 7.14
C ILE B 55 -41.65 -25.99 5.83
N ARG B 56 -40.41 -26.45 5.86
CA ARG B 56 -39.75 -26.97 4.67
C ARG B 56 -40.03 -26.04 3.50
N PRO B 57 -39.50 -24.81 3.57
CA PRO B 57 -39.70 -23.83 2.52
C PRO B 57 -38.86 -24.07 1.27
N HIS B 58 -39.36 -23.60 0.13
CA HIS B 58 -38.68 -23.75 -1.13
C HIS B 58 -37.72 -22.57 -1.29
N ILE B 59 -38.10 -21.45 -0.68
CA ILE B 59 -37.32 -20.23 -0.74
C ILE B 59 -37.27 -19.52 0.62
N ILE B 60 -36.14 -18.87 0.89
CA ILE B 60 -35.95 -18.13 2.12
C ILE B 60 -35.31 -16.80 1.79
N ILE B 61 -36.04 -15.73 2.07
CA ILE B 61 -35.56 -14.38 1.82
C ILE B 61 -35.10 -13.89 3.18
N HIS B 62 -33.79 -13.90 3.38
CA HIS B 62 -33.19 -13.48 4.63
C HIS B 62 -33.03 -11.97 4.73
N CYS B 63 -33.92 -11.35 5.48
CA CYS B 63 -33.88 -9.90 5.68
C CYS B 63 -33.40 -9.52 7.08
N ALA B 64 -33.19 -10.52 7.95
CA ALA B 64 -32.73 -10.28 9.32
C ALA B 64 -31.34 -9.65 9.32
N ALA B 65 -31.15 -8.56 10.05
CA ALA B 65 -29.84 -7.91 10.09
C ALA B 65 -29.71 -6.78 11.11
N TYR B 66 -28.46 -6.43 11.39
CA TYR B 66 -28.13 -5.36 12.31
C TYR B 66 -27.61 -4.27 11.38
N THR B 67 -28.54 -3.41 10.96
CA THR B 67 -28.25 -2.29 10.05
C THR B 67 -27.95 -0.94 10.69
N LYS B 68 -27.20 -0.94 11.79
CA LYS B 68 -26.85 0.31 12.46
C LYS B 68 -25.34 0.51 12.30
N VAL B 69 -24.98 1.10 11.17
CA VAL B 69 -23.59 1.37 10.78
C VAL B 69 -22.69 1.97 11.88
N ASP B 70 -23.05 3.14 12.41
CA ASP B 70 -22.25 3.76 13.46
C ASP B 70 -22.12 2.88 14.71
N GLN B 71 -23.24 2.35 15.20
CA GLN B 71 -23.21 1.49 16.38
C GLN B 71 -22.44 0.21 16.16
N ALA B 72 -22.33 -0.21 14.90
CA ALA B 72 -21.60 -1.42 14.56
C ALA B 72 -20.16 -1.25 15.04
N GLU B 73 -19.65 -0.02 14.97
CA GLU B 73 -18.29 0.30 15.39
C GLU B 73 -18.15 0.20 16.90
N LYS B 74 -19.25 0.45 17.62
CA LYS B 74 -19.23 0.41 19.07
C LYS B 74 -19.52 -0.99 19.64
N GLU B 75 -20.25 -1.81 18.89
CA GLU B 75 -20.59 -3.16 19.34
C GLU B 75 -20.28 -4.14 18.20
N ARG B 76 -19.00 -4.43 17.97
CA ARG B 76 -18.59 -5.32 16.88
C ARG B 76 -19.18 -6.74 16.97
N ASP B 77 -19.12 -7.35 18.15
CA ASP B 77 -19.64 -8.71 18.32
C ASP B 77 -21.12 -8.84 18.02
N LEU B 78 -21.92 -7.89 18.47
CA LEU B 78 -23.35 -7.93 18.23
C LEU B 78 -23.56 -7.87 16.71
N ALA B 79 -22.75 -7.05 16.03
CA ALA B 79 -22.85 -6.91 14.59
C ALA B 79 -22.57 -8.25 13.91
N TYR B 80 -21.49 -8.91 14.31
CA TYR B 80 -21.13 -10.23 13.74
C TYR B 80 -22.09 -11.36 14.11
N VAL B 81 -22.58 -11.35 15.35
CA VAL B 81 -23.50 -12.40 15.78
C VAL B 81 -24.72 -12.39 14.88
N ILE B 82 -25.27 -11.21 14.64
CA ILE B 82 -26.46 -11.07 13.80
C ILE B 82 -26.18 -11.19 12.31
N ASN B 83 -25.36 -10.30 11.78
CA ASN B 83 -25.04 -10.30 10.35
C ASN B 83 -24.18 -11.46 9.80
N ALA B 84 -23.34 -12.07 10.64
CA ALA B 84 -22.48 -13.18 10.18
C ALA B 84 -22.90 -14.54 10.71
N ILE B 85 -22.99 -14.66 12.03
CA ILE B 85 -23.38 -15.92 12.65
C ILE B 85 -24.83 -16.25 12.32
N GLY B 86 -25.67 -15.23 12.33
CA GLY B 86 -27.09 -15.40 12.03
C GLY B 86 -27.26 -15.86 10.59
N ALA B 87 -26.38 -15.39 9.72
CA ALA B 87 -26.43 -15.77 8.32
C ALA B 87 -26.02 -17.22 8.18
N ARG B 88 -25.04 -17.65 8.98
CA ARG B 88 -24.58 -19.05 8.92
C ARG B 88 -25.74 -19.99 9.20
N ASN B 89 -26.42 -19.74 10.32
CA ASN B 89 -27.55 -20.55 10.75
C ASN B 89 -28.63 -20.72 9.68
N VAL B 90 -29.02 -19.62 9.07
CA VAL B 90 -30.03 -19.67 8.04
C VAL B 90 -29.50 -20.43 6.82
N ALA B 91 -28.22 -20.23 6.50
CA ALA B 91 -27.62 -20.92 5.36
C ALA B 91 -27.63 -22.44 5.57
N VAL B 92 -27.40 -22.86 6.82
CA VAL B 92 -27.38 -24.28 7.18
C VAL B 92 -28.78 -24.90 7.09
N ALA B 93 -29.77 -24.20 7.66
CA ALA B 93 -31.15 -24.68 7.64
C ALA B 93 -31.63 -24.77 6.19
N SER B 94 -31.21 -23.82 5.37
CA SER B 94 -31.60 -23.80 3.96
C SER B 94 -31.03 -25.02 3.27
N GLN B 95 -29.74 -25.23 3.41
CA GLN B 95 -29.07 -26.38 2.80
C GLN B 95 -29.68 -27.70 3.25
N LEU B 96 -30.12 -27.74 4.51
CA LEU B 96 -30.70 -28.95 5.07
C LEU B 96 -32.05 -29.32 4.41
N VAL B 97 -32.82 -28.31 4.00
CA VAL B 97 -34.14 -28.55 3.36
C VAL B 97 -34.12 -28.27 1.85
N GLY B 98 -32.96 -27.94 1.31
CA GLY B 98 -32.82 -27.64 -0.13
C GLY B 98 -33.56 -26.43 -0.67
N ALA B 99 -33.66 -25.37 0.13
CA ALA B 99 -34.35 -24.15 -0.29
C ALA B 99 -33.42 -23.16 -0.98
N LYS B 100 -33.99 -22.27 -1.78
CA LYS B 100 -33.21 -21.25 -2.47
C LYS B 100 -33.06 -20.13 -1.44
N LEU B 101 -31.86 -19.61 -1.26
CA LEU B 101 -31.64 -18.55 -0.29
C LEU B 101 -31.26 -17.19 -0.88
N VAL B 102 -31.94 -16.16 -0.39
CA VAL B 102 -31.68 -14.79 -0.83
C VAL B 102 -31.05 -14.08 0.36
N TYR B 103 -29.81 -13.64 0.18
CA TYR B 103 -29.09 -12.93 1.22
C TYR B 103 -28.90 -11.50 0.75
N ILE B 104 -29.54 -10.57 1.45
CA ILE B 104 -29.44 -9.15 1.12
C ILE B 104 -28.16 -8.59 1.72
N SER B 105 -27.38 -7.90 0.91
CA SER B 105 -26.12 -7.33 1.39
C SER B 105 -25.99 -5.84 1.02
N THR B 106 -24.86 -5.25 1.40
CA THR B 106 -24.58 -3.83 1.16
C THR B 106 -23.32 -3.48 0.37
N ASP B 107 -23.26 -2.24 -0.09
CA ASP B 107 -22.11 -1.73 -0.85
C ASP B 107 -20.92 -1.52 0.09
N TYR B 108 -21.21 -1.47 1.39
CA TYR B 108 -20.17 -1.30 2.39
C TYR B 108 -19.14 -2.45 2.41
N VAL B 109 -19.36 -3.48 1.60
CA VAL B 109 -18.40 -4.58 1.53
C VAL B 109 -17.24 -4.09 0.65
N PHE B 110 -17.46 -2.99 -0.06
CA PHE B 110 -16.42 -2.41 -0.92
C PHE B 110 -15.82 -1.18 -0.25
N GLN B 111 -14.67 -0.76 -0.76
CA GLN B 111 -13.96 0.38 -0.23
C GLN B 111 -14.68 1.71 -0.56
N GLY B 112 -15.54 1.70 -1.57
CA GLY B 112 -16.31 2.88 -1.99
C GLY B 112 -15.51 4.09 -2.40
N ASP B 113 -14.52 3.88 -3.27
CA ASP B 113 -13.67 4.99 -3.73
C ASP B 113 -13.67 5.15 -5.26
N ARG B 114 -14.68 4.60 -5.93
CA ARG B 114 -14.78 4.70 -7.39
C ARG B 114 -16.11 5.27 -7.87
N PRO B 115 -16.06 6.31 -8.72
CA PRO B 115 -17.28 6.92 -9.26
C PRO B 115 -18.10 5.97 -10.13
N GLU B 116 -17.40 5.04 -10.80
CA GLU B 116 -18.06 4.06 -11.66
C GLU B 116 -18.49 2.81 -10.89
N GLY B 117 -18.09 2.73 -9.62
CA GLY B 117 -18.44 1.59 -8.77
C GLY B 117 -17.74 0.28 -9.09
N TYR B 118 -17.98 -0.72 -8.25
CA TYR B 118 -17.40 -2.05 -8.39
C TYR B 118 -18.45 -3.05 -8.88
N ASP B 119 -18.03 -4.00 -9.72
CA ASP B 119 -18.96 -5.00 -10.23
C ASP B 119 -18.92 -6.21 -9.30
N GLU B 120 -19.77 -7.19 -9.58
CA GLU B 120 -19.84 -8.39 -8.76
C GLU B 120 -18.57 -9.24 -8.70
N PHE B 121 -17.63 -9.04 -9.62
CA PHE B 121 -16.42 -9.85 -9.61
C PHE B 121 -15.19 -9.34 -8.84
N HIS B 122 -15.19 -8.07 -8.42
N HIS B 122 -15.19 -8.08 -8.42
CA HIS B 122 -14.04 -7.54 -7.68
CA HIS B 122 -14.04 -7.56 -7.69
C HIS B 122 -14.06 -8.09 -6.26
C HIS B 122 -14.06 -8.08 -6.26
N ASN B 123 -12.87 -8.27 -5.68
CA ASN B 123 -12.75 -8.77 -4.33
C ASN B 123 -13.17 -7.70 -3.33
N PRO B 124 -14.16 -8.00 -2.48
CA PRO B 124 -14.58 -6.99 -1.52
C PRO B 124 -13.50 -6.63 -0.53
N ALA B 125 -13.56 -5.40 -0.05
CA ALA B 125 -12.62 -4.88 0.93
C ALA B 125 -13.45 -3.92 1.80
N PRO B 126 -14.24 -4.49 2.72
CA PRO B 126 -15.12 -3.78 3.65
C PRO B 126 -14.56 -2.46 4.14
N ILE B 127 -15.39 -1.42 4.12
CA ILE B 127 -14.96 -0.10 4.57
C ILE B 127 -15.20 0.10 6.07
N ASN B 128 -15.97 -0.80 6.69
CA ASN B 128 -16.25 -0.66 8.12
C ASN B 128 -16.81 -1.95 8.75
N ILE B 129 -16.98 -1.91 10.08
CA ILE B 129 -17.51 -3.06 10.84
C ILE B 129 -18.76 -3.62 10.16
N TYR B 130 -19.79 -2.79 10.00
CA TYR B 130 -21.02 -3.24 9.36
C TYR B 130 -20.69 -3.95 8.04
N GLY B 131 -19.95 -3.28 7.17
CA GLY B 131 -19.58 -3.87 5.88
C GLY B 131 -18.88 -5.22 6.05
N ALA B 132 -18.00 -5.28 7.06
CA ALA B 132 -17.26 -6.50 7.35
C ALA B 132 -18.13 -7.64 7.88
N SER B 133 -19.13 -7.33 8.72
CA SER B 133 -20.02 -8.35 9.28
C SER B 133 -20.81 -8.96 8.13
N LYS B 134 -21.22 -8.09 7.21
CA LYS B 134 -21.96 -8.51 6.03
C LYS B 134 -21.14 -9.38 5.11
N TYR B 135 -19.94 -8.93 4.78
CA TYR B 135 -19.08 -9.73 3.92
C TYR B 135 -18.88 -11.09 4.57
N ALA B 136 -18.78 -11.11 5.90
CA ALA B 136 -18.60 -12.36 6.62
C ALA B 136 -19.86 -13.20 6.42
N GLY B 137 -21.01 -12.54 6.49
CA GLY B 137 -22.28 -13.21 6.30
C GLY B 137 -22.33 -13.84 4.91
N GLU B 138 -21.95 -13.07 3.90
CA GLU B 138 -21.93 -13.56 2.53
C GLU B 138 -21.05 -14.80 2.41
N GLN B 139 -19.91 -14.78 3.09
CA GLN B 139 -18.99 -15.92 3.05
C GLN B 139 -19.57 -17.21 3.62
N PHE B 140 -20.22 -17.16 4.78
CA PHE B 140 -20.79 -18.41 5.31
C PHE B 140 -21.83 -19.00 4.35
N VAL B 141 -22.60 -18.12 3.71
CA VAL B 141 -23.62 -18.56 2.76
C VAL B 141 -23.03 -19.29 1.58
N LYS B 142 -22.04 -18.67 0.94
CA LYS B 142 -21.40 -19.29 -0.22
C LYS B 142 -20.64 -20.54 0.19
N GLU B 143 -20.18 -20.59 1.44
CA GLU B 143 -19.42 -21.73 1.96
C GLU B 143 -20.24 -22.94 2.45
N LEU B 144 -21.46 -22.70 2.91
CA LEU B 144 -22.30 -23.79 3.43
C LEU B 144 -23.58 -24.11 2.64
N HIS B 145 -23.81 -23.42 1.53
CA HIS B 145 -25.02 -23.66 0.74
C HIS B 145 -24.72 -23.44 -0.74
N ASN B 146 -25.49 -24.06 -1.62
CA ASN B 146 -25.26 -23.92 -3.07
C ASN B 146 -26.44 -23.43 -3.94
N LYS B 147 -27.49 -22.95 -3.28
CA LYS B 147 -28.68 -22.41 -3.96
C LYS B 147 -28.93 -21.07 -3.32
N TYR B 148 -28.21 -20.05 -3.78
CA TYR B 148 -28.36 -18.74 -3.21
C TYR B 148 -28.23 -17.57 -4.17
N PHE B 149 -28.74 -16.43 -3.70
CA PHE B 149 -28.70 -15.20 -4.44
C PHE B 149 -28.25 -14.13 -3.46
N ILE B 150 -27.02 -13.66 -3.63
CA ILE B 150 -26.49 -12.62 -2.77
C ILE B 150 -26.81 -11.32 -3.48
N VAL B 151 -27.81 -10.61 -2.96
CA VAL B 151 -28.24 -9.36 -3.56
C VAL B 151 -27.73 -8.17 -2.76
N ARG B 152 -26.79 -7.43 -3.34
CA ARG B 152 -26.21 -6.24 -2.70
C ARG B 152 -26.97 -5.03 -3.19
N THR B 153 -27.46 -4.23 -2.25
CA THR B 153 -28.21 -3.02 -2.60
C THR B 153 -27.55 -1.84 -1.88
N SER B 154 -28.15 -0.64 -1.97
CA SER B 154 -27.56 0.53 -1.33
C SER B 154 -28.53 1.70 -1.15
N TRP B 155 -28.36 2.52 -0.11
CA TRP B 155 -29.27 3.66 0.10
C TRP B 155 -30.70 3.22 -0.09
N LEU B 156 -31.05 2.15 0.61
CA LEU B 156 -32.38 1.55 0.55
C LEU B 156 -33.41 2.30 1.42
N TYR B 157 -34.63 2.43 0.89
CA TYR B 157 -35.72 3.11 1.59
C TYR B 157 -37.04 2.59 1.04
N GLY B 158 -38.05 2.46 1.92
CA GLY B 158 -39.36 1.97 1.50
C GLY B 158 -40.51 2.71 2.15
N LYS B 159 -41.71 2.17 1.98
CA LYS B 159 -42.90 2.78 2.55
C LYS B 159 -42.93 2.80 4.06
N TYR B 160 -42.49 1.71 4.68
CA TYR B 160 -42.51 1.61 6.14
C TYR B 160 -41.20 1.95 6.83
N GLY B 161 -41.34 2.34 8.10
CA GLY B 161 -40.19 2.70 8.93
C GLY B 161 -39.65 4.06 8.57
N ASN B 162 -38.62 4.48 9.28
CA ASN B 162 -38.00 5.79 9.03
C ASN B 162 -36.96 5.69 7.91
N ASN B 163 -36.82 6.76 7.15
CA ASN B 163 -35.85 6.81 6.06
C ASN B 163 -35.54 8.26 5.71
N PHE B 164 -34.49 8.47 4.93
CA PHE B 164 -34.08 9.81 4.52
C PHE B 164 -35.21 10.62 3.89
N VAL B 165 -35.98 10.00 3.00
CA VAL B 165 -37.08 10.69 2.33
C VAL B 165 -38.14 11.23 3.27
N LYS B 166 -38.65 10.41 4.18
CA LYS B 166 -39.67 10.88 5.10
C LYS B 166 -39.09 11.86 6.13
N THR B 167 -37.78 11.81 6.33
CA THR B 167 -37.13 12.70 7.26
C THR B 167 -37.06 14.09 6.63
N MET B 168 -36.72 14.14 5.33
CA MET B 168 -36.63 15.41 4.62
C MET B 168 -38.00 16.08 4.54
N ILE B 169 -39.03 15.30 4.24
CA ILE B 169 -40.39 15.85 4.15
C ILE B 169 -40.79 16.47 5.48
N ARG B 170 -40.48 15.77 6.57
CA ARG B 170 -40.80 16.26 7.90
C ARG B 170 -40.05 17.56 8.16
N LEU B 171 -38.75 17.57 7.89
CA LEU B 171 -37.94 18.78 8.10
C LEU B 171 -38.44 19.94 7.24
N GLY B 172 -38.92 19.62 6.04
CA GLY B 172 -39.43 20.64 5.13
C GLY B 172 -40.60 21.37 5.75
N LYS B 173 -41.53 20.62 6.33
CA LYS B 173 -42.71 21.21 6.96
C LYS B 173 -42.40 21.98 8.25
N GLU B 174 -41.28 21.68 8.90
CA GLU B 174 -40.92 22.38 10.15
C GLU B 174 -40.41 23.79 9.87
N ARG B 175 -39.79 24.00 8.70
CA ARG B 175 -39.27 25.33 8.26
C ARG B 175 -37.88 25.90 8.62
N GLU B 176 -37.07 25.23 9.43
CA GLU B 176 -35.74 25.78 9.73
C GLU B 176 -34.84 25.38 8.55
N GLU B 177 -33.64 25.94 8.48
CA GLU B 177 -32.76 25.58 7.37
C GLU B 177 -32.48 24.10 7.38
N ILE B 178 -32.09 23.59 6.22
CA ILE B 178 -31.78 22.19 6.06
C ILE B 178 -30.45 22.09 5.34
N SER B 179 -29.49 21.44 6.00
CA SER B 179 -28.17 21.25 5.46
C SER B 179 -28.00 19.78 5.13
N VAL B 180 -27.70 19.48 3.88
CA VAL B 180 -27.52 18.10 3.44
C VAL B 180 -26.17 17.90 2.76
N VAL B 181 -25.55 16.76 3.01
CA VAL B 181 -24.25 16.43 2.41
C VAL B 181 -24.29 16.48 0.89
N ALA B 182 -23.31 17.15 0.31
CA ALA B 182 -23.22 17.29 -1.15
C ALA B 182 -22.01 16.58 -1.77
N ASP B 183 -21.04 16.15 -0.96
CA ASP B 183 -19.84 15.46 -1.46
C ASP B 183 -19.86 13.94 -1.29
N GLN B 184 -21.02 13.38 -0.95
CA GLN B 184 -21.16 11.95 -0.75
C GLN B 184 -22.22 11.43 -1.74
N ILE B 185 -21.76 10.79 -2.80
CA ILE B 185 -22.63 10.25 -3.85
C ILE B 185 -23.05 8.79 -3.67
N GLY B 186 -24.26 8.47 -4.13
CA GLY B 186 -24.81 7.12 -4.03
C GLY B 186 -26.04 6.93 -4.91
N SER B 187 -26.68 5.77 -4.78
CA SER B 187 -27.87 5.46 -5.57
C SER B 187 -29.03 5.09 -4.67
N PRO B 188 -30.03 5.97 -4.57
CA PRO B 188 -31.18 5.68 -3.72
C PRO B 188 -31.97 4.52 -4.30
N THR B 189 -32.30 3.52 -3.48
CA THR B 189 -33.04 2.37 -3.97
C THR B 189 -34.35 2.19 -3.23
N TYR B 190 -35.44 2.15 -3.99
CA TYR B 190 -36.78 1.98 -3.43
C TYR B 190 -37.10 0.49 -3.30
N VAL B 191 -37.37 0.08 -2.06
CA VAL B 191 -37.70 -1.30 -1.72
C VAL B 191 -38.56 -2.00 -2.75
N ALA B 192 -39.63 -1.34 -3.19
CA ALA B 192 -40.52 -1.93 -4.18
C ALA B 192 -39.80 -2.39 -5.46
N ASP B 193 -38.86 -1.58 -5.95
CA ASP B 193 -38.12 -1.95 -7.17
C ASP B 193 -37.12 -3.06 -6.88
N LEU B 194 -36.69 -3.15 -5.63
CA LEU B 194 -35.75 -4.19 -5.23
C LEU B 194 -36.56 -5.50 -5.21
N ASN B 195 -37.69 -5.47 -4.51
CA ASN B 195 -38.56 -6.65 -4.40
C ASN B 195 -38.92 -7.18 -5.77
N VAL B 196 -39.13 -6.28 -6.72
CA VAL B 196 -39.47 -6.68 -8.08
C VAL B 196 -38.38 -7.54 -8.67
N MET B 197 -37.14 -7.13 -8.47
CA MET B 197 -36.02 -7.88 -9.00
C MET B 197 -35.81 -9.19 -8.23
N ILE B 198 -36.13 -9.19 -6.94
CA ILE B 198 -35.98 -10.40 -6.14
C ILE B 198 -36.90 -11.50 -6.66
N ASN B 199 -38.16 -11.16 -6.99
CA ASN B 199 -39.09 -12.15 -7.51
C ASN B 199 -38.58 -12.76 -8.79
N LYS B 200 -38.10 -11.92 -9.71
CA LYS B 200 -37.60 -12.43 -10.98
C LYS B 200 -36.47 -13.43 -10.72
N LEU B 201 -35.64 -13.17 -9.70
CA LEU B 201 -34.54 -14.05 -9.36
C LEU B 201 -34.98 -15.37 -8.69
N ILE B 202 -35.79 -15.26 -7.64
CA ILE B 202 -36.26 -16.46 -6.93
C ILE B 202 -37.03 -17.45 -7.80
N HIS B 203 -37.39 -17.05 -9.02
CA HIS B 203 -38.10 -17.95 -9.92
C HIS B 203 -37.10 -18.69 -10.80
N THR B 204 -35.82 -18.37 -10.65
CA THR B 204 -34.79 -19.02 -11.44
C THR B 204 -33.79 -19.73 -10.55
N SER B 205 -32.78 -20.33 -11.17
CA SER B 205 -31.73 -21.04 -10.48
C SER B 205 -30.40 -20.45 -10.96
N LEU B 206 -30.42 -19.15 -11.26
CA LEU B 206 -29.25 -18.41 -11.74
C LEU B 206 -28.53 -17.86 -10.51
N TYR B 207 -28.02 -18.77 -9.70
CA TYR B 207 -27.34 -18.40 -8.46
C TYR B 207 -26.08 -17.59 -8.69
N GLY B 208 -25.71 -16.86 -7.65
CA GLY B 208 -24.53 -16.01 -7.68
C GLY B 208 -24.77 -14.78 -6.83
N THR B 209 -23.95 -13.77 -7.04
CA THR B 209 -24.06 -12.52 -6.30
C THR B 209 -24.50 -11.46 -7.30
N TYR B 210 -25.49 -10.65 -6.91
CA TYR B 210 -26.00 -9.60 -7.77
C TYR B 210 -25.99 -8.24 -7.10
N HIS B 211 -25.84 -7.21 -7.93
CA HIS B 211 -25.82 -5.81 -7.55
C HIS B 211 -27.16 -5.27 -8.01
N VAL B 212 -28.03 -4.96 -7.06
CA VAL B 212 -29.34 -4.45 -7.40
C VAL B 212 -29.67 -3.13 -6.72
N SER B 213 -29.80 -2.09 -7.52
CA SER B 213 -30.12 -0.76 -7.05
C SER B 213 -30.62 0.05 -8.24
N ASN B 214 -31.33 1.14 -7.95
CA ASN B 214 -31.84 1.97 -9.02
C ASN B 214 -30.66 2.56 -9.78
N THR B 215 -30.87 2.85 -11.06
CA THR B 215 -29.83 3.40 -11.92
C THR B 215 -29.51 4.86 -11.60
N GLY B 216 -28.28 5.26 -11.92
CA GLY B 216 -27.81 6.62 -11.69
C GLY B 216 -27.22 6.85 -10.32
N SER B 217 -26.84 8.09 -10.05
CA SER B 217 -26.26 8.45 -8.77
C SER B 217 -26.57 9.90 -8.43
N CYS B 218 -26.39 10.26 -7.16
CA CYS B 218 -26.66 11.61 -6.71
C CYS B 218 -26.26 11.75 -5.26
N SER B 219 -26.02 12.99 -4.85
CA SER B 219 -25.65 13.28 -3.48
C SER B 219 -26.92 13.41 -2.67
N TRP B 220 -26.85 13.23 -1.35
CA TRP B 220 -28.04 13.35 -0.54
C TRP B 220 -28.65 14.72 -0.82
N PHE B 221 -27.79 15.69 -1.07
CA PHE B 221 -28.23 17.04 -1.35
C PHE B 221 -29.10 17.08 -2.60
N GLU B 222 -28.58 16.56 -3.70
CA GLU B 222 -29.32 16.53 -4.97
C GLU B 222 -30.58 15.68 -4.80
N PHE B 223 -30.47 14.65 -3.99
CA PHE B 223 -31.58 13.76 -3.73
C PHE B 223 -32.64 14.51 -2.91
N ALA B 224 -32.21 15.29 -1.93
CA ALA B 224 -33.14 16.05 -1.09
C ALA B 224 -33.96 17.02 -1.94
N LYS B 225 -33.31 17.73 -2.85
CA LYS B 225 -34.04 18.68 -3.70
C LYS B 225 -35.13 18.03 -4.51
N LYS B 226 -34.83 16.90 -5.14
CA LYS B 226 -35.84 16.25 -5.94
C LYS B 226 -36.97 15.72 -5.07
N ILE B 227 -36.68 15.40 -3.82
CA ILE B 227 -37.71 14.92 -2.91
C ILE B 227 -38.70 16.07 -2.73
N PHE B 228 -38.18 17.28 -2.54
CA PHE B 228 -39.05 18.43 -2.37
C PHE B 228 -39.71 18.81 -3.68
N SER B 229 -39.08 18.45 -4.79
CA SER B 229 -39.63 18.74 -6.10
C SER B 229 -40.90 17.93 -6.31
N TYR B 230 -40.83 16.61 -6.17
CA TYR B 230 -42.01 15.77 -6.33
C TYR B 230 -43.08 16.08 -5.28
N ALA B 231 -42.66 16.46 -4.09
CA ALA B 231 -43.61 16.78 -3.03
C ALA B 231 -44.24 18.16 -3.28
N ASN B 232 -43.91 18.77 -4.42
CA ASN B 232 -44.41 20.10 -4.78
C ASN B 232 -44.37 20.92 -3.51
N MET B 233 -43.16 20.98 -2.96
CA MET B 233 -42.88 21.66 -1.73
C MET B 233 -41.61 22.49 -2.00
N LYS B 234 -41.68 23.79 -1.74
CA LYS B 234 -40.53 24.67 -2.00
C LYS B 234 -39.69 24.99 -0.75
N VAL B 235 -38.56 24.29 -0.64
CA VAL B 235 -37.64 24.45 0.48
C VAL B 235 -36.22 24.73 -0.02
N ASN B 236 -35.54 25.67 0.66
CA ASN B 236 -34.17 26.04 0.29
C ASN B 236 -33.19 25.16 1.07
N VAL B 237 -32.50 24.27 0.35
CA VAL B 237 -31.52 23.36 0.94
C VAL B 237 -30.11 23.91 0.82
N LEU B 238 -29.33 23.77 1.89
CA LEU B 238 -27.96 24.24 1.92
C LEU B 238 -27.04 23.04 1.79
N PRO B 239 -26.10 23.07 0.84
CA PRO B 239 -25.19 21.96 0.68
C PRO B 239 -23.96 22.11 1.56
N VAL B 240 -23.55 21.04 2.23
CA VAL B 240 -22.37 21.04 3.11
C VAL B 240 -21.50 19.85 2.77
N SER B 241 -20.25 19.88 3.24
CA SER B 241 -19.31 18.79 2.97
C SER B 241 -19.37 17.77 4.09
N THR B 242 -18.65 16.67 3.92
CA THR B 242 -18.61 15.60 4.91
C THR B 242 -17.31 15.66 5.71
N ALA B 247 -15.33 10.91 14.69
CA ALA B 247 -14.95 9.64 15.30
C ALA B 247 -15.91 8.50 14.95
N ALA B 248 -16.83 8.76 14.00
CA ALA B 248 -17.81 7.75 13.58
C ALA B 248 -17.19 6.70 12.66
N ALA B 249 -18.05 5.95 11.96
CA ALA B 249 -17.59 4.91 11.05
C ALA B 249 -17.24 5.46 9.67
N ALA B 250 -16.19 4.89 9.07
CA ALA B 250 -15.74 5.30 7.75
C ALA B 250 -16.97 5.27 6.87
N ARG B 251 -17.20 6.35 6.13
CA ARG B 251 -18.37 6.41 5.29
C ARG B 251 -17.79 6.54 3.88
N PRO B 252 -18.33 5.80 2.90
CA PRO B 252 -17.79 5.90 1.54
C PRO B 252 -18.21 7.15 0.76
N LYS B 253 -17.40 7.52 -0.23
CA LYS B 253 -17.70 8.70 -1.04
C LYS B 253 -18.53 8.33 -2.27
N TYR B 254 -18.63 7.05 -2.57
CA TYR B 254 -19.40 6.58 -3.72
C TYR B 254 -20.10 5.26 -3.43
N SER B 255 -21.41 5.33 -3.20
CA SER B 255 -22.19 4.12 -2.95
C SER B 255 -22.82 3.71 -4.27
N ILE B 256 -21.96 3.39 -5.23
CA ILE B 256 -22.39 2.98 -6.55
C ILE B 256 -21.87 1.62 -6.96
N PHE B 257 -22.72 0.82 -7.62
CA PHE B 257 -22.34 -0.51 -8.10
C PHE B 257 -22.45 -0.55 -9.60
N GLN B 258 -21.79 -1.54 -10.21
CA GLN B 258 -21.87 -1.72 -11.65
C GLN B 258 -22.85 -2.89 -11.71
N HIS B 259 -23.88 -2.79 -12.56
CA HIS B 259 -24.89 -3.84 -12.66
C HIS B 259 -24.62 -4.92 -13.74
N ASN B 260 -23.50 -5.62 -13.63
CA ASN B 260 -23.14 -6.66 -14.60
C ASN B 260 -23.99 -7.94 -14.60
N MET B 261 -24.11 -8.61 -13.46
CA MET B 261 -24.90 -9.84 -13.40
C MET B 261 -26.31 -9.71 -13.99
N LEU B 262 -27.02 -8.63 -13.69
CA LEU B 262 -28.36 -8.45 -14.23
C LEU B 262 -28.39 -8.60 -15.76
N ARG B 263 -27.64 -7.78 -16.49
CA ARG B 263 -27.66 -7.90 -17.95
C ARG B 263 -27.02 -9.21 -18.41
N LEU B 264 -26.07 -9.75 -17.64
CA LEU B 264 -25.42 -11.01 -18.02
C LEU B 264 -26.38 -12.19 -17.91
N ASN B 265 -27.33 -12.11 -16.99
CA ASN B 265 -28.30 -13.21 -16.80
C ASN B 265 -29.65 -12.92 -17.45
N GLY B 266 -29.68 -11.97 -18.38
CA GLY B 266 -30.89 -11.60 -19.11
C GLY B 266 -31.93 -10.72 -18.46
N PHE B 267 -31.75 -10.34 -17.20
CA PHE B 267 -32.74 -9.48 -16.53
C PHE B 267 -32.70 -8.07 -17.10
N LEU B 268 -33.81 -7.35 -16.95
CA LEU B 268 -33.91 -5.97 -17.44
C LEU B 268 -33.25 -5.06 -16.43
N GLN B 269 -32.73 -3.93 -16.88
CA GLN B 269 -32.08 -2.99 -15.97
C GLN B 269 -33.09 -2.35 -15.03
N MET B 270 -32.66 -2.07 -13.81
CA MET B 270 -33.50 -1.43 -12.82
C MET B 270 -33.92 -0.05 -13.30
N PRO B 271 -34.95 0.53 -12.67
CA PRO B 271 -35.39 1.86 -13.07
C PRO B 271 -34.41 2.88 -12.50
N SER B 272 -34.42 4.11 -13.00
CA SER B 272 -33.51 5.15 -12.49
C SER B 272 -33.92 5.51 -11.07
N TRP B 273 -33.05 6.17 -10.32
CA TRP B 273 -33.40 6.54 -8.95
C TRP B 273 -34.59 7.51 -8.91
N GLU B 274 -34.73 8.34 -9.96
CA GLU B 274 -35.85 9.28 -10.01
C GLU B 274 -37.14 8.48 -10.06
N GLU B 275 -37.18 7.53 -10.99
CA GLU B 275 -38.33 6.68 -11.17
C GLU B 275 -38.65 5.93 -9.89
N GLY B 276 -37.61 5.54 -9.16
CA GLY B 276 -37.79 4.84 -7.91
C GLY B 276 -38.48 5.77 -6.93
N LEU B 277 -37.96 6.99 -6.83
CA LEU B 277 -38.52 8.00 -5.93
C LEU B 277 -39.94 8.39 -6.36
N GLU B 278 -40.17 8.49 -7.66
CA GLU B 278 -41.48 8.86 -8.17
C GLU B 278 -42.51 7.84 -7.69
N ARG B 279 -42.18 6.56 -7.90
CA ARG B 279 -43.05 5.46 -7.52
C ARG B 279 -43.27 5.40 -6.00
N PHE B 280 -42.45 6.12 -5.24
CA PHE B 280 -42.56 6.17 -3.80
C PHE B 280 -43.80 6.99 -3.40
N PHE B 281 -43.87 8.22 -3.89
CA PHE B 281 -45.01 9.10 -3.59
C PHE B 281 -46.36 8.52 -4.03
N ILE B 282 -46.35 7.84 -5.16
CA ILE B 282 -47.55 7.23 -5.71
C ILE B 282 -48.14 6.19 -4.77
N GLU B 283 -47.26 5.37 -4.23
CA GLU B 283 -47.66 4.30 -3.32
C GLU B 283 -47.74 4.74 -1.86
N THR B 284 -47.67 6.06 -1.62
CA THR B 284 -47.75 6.62 -0.26
C THR B 284 -48.45 7.98 -0.29
N MET C 4 -24.00 -51.84 -16.78
CA MET C 4 -24.44 -50.65 -17.57
C MET C 4 -23.30 -49.64 -17.72
N LYS C 5 -23.17 -49.07 -18.91
CA LYS C 5 -22.13 -48.08 -19.21
C LYS C 5 -22.44 -46.71 -18.62
N GLU C 6 -21.39 -45.97 -18.26
CA GLU C 6 -21.59 -44.63 -17.71
C GLU C 6 -21.81 -43.65 -18.86
N ARG C 7 -22.63 -42.64 -18.61
CA ARG C 7 -22.94 -41.64 -19.61
C ARG C 7 -22.05 -40.42 -19.48
N VAL C 8 -21.65 -39.87 -20.63
CA VAL C 8 -20.79 -38.69 -20.65
C VAL C 8 -21.29 -37.63 -21.61
N ILE C 9 -21.39 -36.40 -21.12
CA ILE C 9 -21.85 -35.29 -21.93
C ILE C 9 -20.70 -34.34 -22.23
N ILE C 10 -20.50 -34.04 -23.52
CA ILE C 10 -19.44 -33.14 -23.93
C ILE C 10 -20.09 -31.88 -24.48
N THR C 11 -19.91 -30.75 -23.81
CA THR C 11 -20.49 -29.50 -24.28
C THR C 11 -19.44 -28.89 -25.21
N GLY C 12 -19.89 -28.15 -26.22
CA GLY C 12 -18.98 -27.54 -27.17
C GLY C 12 -18.28 -28.64 -27.98
N ALA C 13 -19.04 -29.67 -28.30
CA ALA C 13 -18.56 -30.83 -29.04
C ALA C 13 -17.85 -30.54 -30.37
N ASN C 14 -18.17 -29.43 -31.04
CA ASN C 14 -17.51 -29.11 -32.33
C ASN C 14 -16.20 -28.30 -32.26
N GLY C 15 -15.67 -28.08 -31.07
CA GLY C 15 -14.42 -27.33 -30.91
C GLY C 15 -13.22 -28.24 -31.02
N GLN C 16 -12.02 -27.70 -30.80
CA GLN C 16 -10.78 -28.50 -30.88
C GLN C 16 -10.89 -29.77 -30.04
N LEU C 17 -11.21 -29.62 -28.76
CA LEU C 17 -11.34 -30.78 -27.87
C LEU C 17 -12.57 -31.60 -28.18
N GLY C 18 -13.73 -31.03 -27.89
CA GLY C 18 -15.00 -31.71 -28.12
C GLY C 18 -14.98 -32.62 -29.34
N LYS C 19 -14.61 -32.04 -30.47
CA LYS C 19 -14.54 -32.76 -31.74
C LYS C 19 -13.58 -33.95 -31.66
N GLN C 20 -12.40 -33.73 -31.09
CA GLN C 20 -11.40 -34.80 -30.98
C GLN C 20 -11.56 -35.66 -29.71
N LEU C 21 -12.12 -35.07 -28.66
CA LEU C 21 -12.32 -35.78 -27.39
C LEU C 21 -13.36 -36.87 -27.62
N GLN C 22 -14.34 -36.56 -28.46
CA GLN C 22 -15.41 -37.48 -28.79
C GLN C 22 -14.85 -38.74 -29.49
N GLU C 23 -13.75 -38.58 -30.21
CA GLU C 23 -13.11 -39.69 -30.92
C GLU C 23 -12.26 -40.57 -30.02
N GLU C 24 -11.54 -39.96 -29.08
CA GLU C 24 -10.66 -40.71 -28.18
C GLU C 24 -11.34 -41.47 -27.04
N LEU C 25 -12.39 -40.95 -26.44
CA LEU C 25 -13.05 -41.69 -25.35
C LEU C 25 -13.50 -43.04 -25.88
N ASN C 26 -13.30 -44.09 -25.09
CA ASN C 26 -13.68 -45.45 -25.50
C ASN C 26 -15.19 -45.65 -25.45
N PRO C 27 -15.81 -45.90 -26.62
CA PRO C 27 -17.26 -46.12 -26.69
C PRO C 27 -17.72 -47.41 -26.02
N GLU C 28 -16.82 -48.39 -25.92
CA GLU C 28 -17.17 -49.66 -25.30
C GLU C 28 -17.18 -49.52 -23.77
N GLU C 29 -16.78 -48.36 -23.28
CA GLU C 29 -16.75 -48.08 -21.85
C GLU C 29 -17.80 -47.04 -21.46
N TYR C 30 -17.99 -46.03 -22.30
CA TYR C 30 -18.95 -44.98 -22.02
C TYR C 30 -19.92 -44.70 -23.17
N ASP C 31 -21.07 -44.13 -22.81
CA ASP C 31 -22.09 -43.74 -23.78
C ASP C 31 -21.85 -42.25 -23.90
N ILE C 32 -21.25 -41.86 -25.03
CA ILE C 32 -20.92 -40.47 -25.31
C ILE C 32 -22.05 -39.67 -25.92
N TYR C 33 -22.46 -38.61 -25.24
CA TYR C 33 -23.52 -37.73 -25.71
C TYR C 33 -22.97 -36.34 -26.00
N PRO C 34 -22.39 -36.15 -27.20
CA PRO C 34 -21.83 -34.87 -27.57
C PRO C 34 -22.91 -33.89 -27.98
N PHE C 35 -22.73 -32.61 -27.68
CA PHE C 35 -23.72 -31.60 -28.04
C PHE C 35 -23.11 -30.38 -28.66
N ASP C 36 -23.83 -29.86 -29.64
CA ASP C 36 -23.42 -28.68 -30.37
C ASP C 36 -23.99 -27.45 -29.66
N LYS C 37 -23.65 -26.27 -30.16
CA LYS C 37 -24.11 -25.01 -29.60
C LYS C 37 -25.62 -24.83 -29.76
N LYS C 38 -26.19 -25.47 -30.79
CA LYS C 38 -27.63 -25.37 -31.06
C LYS C 38 -28.45 -26.31 -30.18
N LEU C 39 -28.03 -27.57 -30.12
CA LEU C 39 -28.72 -28.57 -29.31
C LEU C 39 -28.53 -28.36 -27.81
N LEU C 40 -27.46 -27.67 -27.43
CA LEU C 40 -27.18 -27.41 -26.02
C LEU C 40 -26.44 -26.08 -25.84
N ASP C 41 -27.20 -25.00 -25.76
CA ASP C 41 -26.66 -23.67 -25.58
C ASP C 41 -26.45 -23.51 -24.07
N ILE C 42 -25.20 -23.43 -23.63
CA ILE C 42 -24.93 -23.30 -22.20
C ILE C 42 -25.43 -21.98 -21.61
N THR C 43 -25.75 -21.01 -22.47
CA THR C 43 -26.25 -19.71 -21.99
C THR C 43 -27.73 -19.81 -21.62
N ASN C 44 -28.41 -20.84 -22.13
CA ASN C 44 -29.82 -21.05 -21.85
C ASN C 44 -29.98 -22.11 -20.77
N ILE C 45 -30.18 -21.66 -19.54
CA ILE C 45 -30.33 -22.58 -18.39
C ILE C 45 -31.49 -23.57 -18.55
N SER C 46 -32.60 -23.11 -19.12
CA SER C 46 -33.74 -24.00 -19.30
C SER C 46 -33.39 -25.17 -20.22
N GLN C 47 -32.58 -24.90 -21.24
CA GLN C 47 -32.19 -25.96 -22.17
C GLN C 47 -31.14 -26.88 -21.53
N VAL C 48 -30.26 -26.32 -20.71
CA VAL C 48 -29.23 -27.12 -20.06
C VAL C 48 -29.85 -28.15 -19.13
N GLN C 49 -30.78 -27.73 -18.26
CA GLN C 49 -31.43 -28.66 -17.34
C GLN C 49 -32.09 -29.81 -18.09
N GLN C 50 -32.85 -29.49 -19.13
CA GLN C 50 -33.52 -30.52 -19.93
C GLN C 50 -32.60 -31.67 -20.34
N VAL C 51 -31.60 -31.34 -21.16
CA VAL C 51 -30.64 -32.32 -21.66
C VAL C 51 -29.96 -33.10 -20.54
N VAL C 52 -29.54 -32.40 -19.50
CA VAL C 52 -28.87 -33.05 -18.38
C VAL C 52 -29.85 -33.96 -17.63
N GLN C 53 -31.04 -33.45 -17.30
CA GLN C 53 -32.05 -34.24 -16.61
C GLN C 53 -32.36 -35.53 -17.34
N GLU C 54 -32.61 -35.40 -18.65
CA GLU C 54 -32.93 -36.53 -19.50
C GLU C 54 -31.80 -37.56 -19.58
N ILE C 55 -30.58 -37.10 -19.81
CA ILE C 55 -29.43 -38.00 -19.90
C ILE C 55 -28.95 -38.44 -18.52
N ARG C 56 -29.09 -37.56 -17.54
CA ARG C 56 -28.67 -37.84 -16.17
C ARG C 56 -27.34 -38.57 -16.21
N PRO C 57 -26.30 -37.89 -16.72
CA PRO C 57 -24.96 -38.44 -16.86
C PRO C 57 -24.13 -38.46 -15.58
N HIS C 58 -23.08 -39.29 -15.60
CA HIS C 58 -22.18 -39.43 -14.46
C HIS C 58 -21.07 -38.40 -14.59
N ILE C 59 -20.73 -38.08 -15.84
CA ILE C 59 -19.67 -37.15 -16.16
C ILE C 59 -20.09 -36.11 -17.19
N ILE C 60 -19.60 -34.88 -17.02
CA ILE C 60 -19.87 -33.77 -17.92
C ILE C 60 -18.57 -33.08 -18.25
N ILE C 61 -18.06 -33.28 -19.46
CA ILE C 61 -16.82 -32.66 -19.88
C ILE C 61 -17.21 -31.36 -20.56
N HIS C 62 -17.00 -30.25 -19.86
CA HIS C 62 -17.35 -28.94 -20.38
C HIS C 62 -16.24 -28.33 -21.24
N CYS C 63 -16.49 -28.26 -22.55
CA CYS C 63 -15.53 -27.70 -23.49
C CYS C 63 -16.11 -26.49 -24.21
N ALA C 64 -17.30 -26.06 -23.80
CA ALA C 64 -17.96 -24.91 -24.41
C ALA C 64 -17.31 -23.63 -23.91
N ALA C 65 -17.01 -22.71 -24.83
CA ALA C 65 -16.39 -21.44 -24.43
C ALA C 65 -16.17 -20.47 -25.59
N TYR C 66 -15.94 -19.22 -25.22
CA TYR C 66 -15.67 -18.14 -26.16
C TYR C 66 -14.15 -18.02 -26.13
N THR C 67 -13.50 -18.61 -27.12
CA THR C 67 -12.05 -18.62 -27.20
C THR C 67 -11.38 -17.51 -28.02
N LYS C 68 -12.14 -16.52 -28.46
CA LYS C 68 -11.57 -15.41 -29.25
C LYS C 68 -10.89 -14.46 -28.26
N VAL C 69 -9.64 -14.76 -27.89
CA VAL C 69 -8.88 -13.94 -26.93
C VAL C 69 -8.77 -12.44 -27.25
N ASP C 70 -8.37 -12.11 -28.47
CA ASP C 70 -8.23 -10.70 -28.87
C ASP C 70 -9.56 -9.93 -28.92
N GLN C 71 -10.59 -10.55 -29.51
CA GLN C 71 -11.90 -9.92 -29.62
C GLN C 71 -12.56 -9.78 -28.25
N ALA C 72 -12.12 -10.58 -27.29
CA ALA C 72 -12.67 -10.55 -25.93
C ALA C 72 -12.57 -9.17 -25.30
N GLU C 73 -11.52 -8.43 -25.66
CA GLU C 73 -11.32 -7.09 -25.12
C GLU C 73 -12.45 -6.15 -25.54
N LYS C 74 -13.03 -6.41 -26.71
CA LYS C 74 -14.13 -5.60 -27.23
C LYS C 74 -15.47 -6.20 -26.82
N GLU C 75 -15.55 -7.53 -26.85
CA GLU C 75 -16.77 -8.27 -26.49
C GLU C 75 -16.66 -8.78 -25.04
N ARG C 76 -16.63 -7.86 -24.08
N ARG C 76 -16.64 -7.86 -24.09
CA ARG C 76 -16.51 -8.27 -22.68
CA ARG C 76 -16.53 -8.22 -22.68
C ARG C 76 -17.72 -9.06 -22.17
C ARG C 76 -17.72 -9.05 -22.18
N ASP C 77 -18.93 -8.55 -22.40
CA ASP C 77 -20.12 -9.27 -21.95
C ASP C 77 -20.23 -10.65 -22.59
N LEU C 78 -20.01 -10.73 -23.90
CA LEU C 78 -20.09 -12.00 -24.62
C LEU C 78 -19.12 -13.02 -24.04
N ALA C 79 -17.96 -12.56 -23.57
CA ALA C 79 -16.96 -13.46 -22.99
C ALA C 79 -17.48 -14.01 -21.66
N TYR C 80 -17.98 -13.13 -20.79
CA TYR C 80 -18.51 -13.55 -19.49
C TYR C 80 -19.76 -14.40 -19.60
N VAL C 81 -20.68 -14.03 -20.48
CA VAL C 81 -21.92 -14.82 -20.62
C VAL C 81 -21.62 -16.27 -20.97
N ILE C 82 -20.74 -16.49 -21.94
CA ILE C 82 -20.37 -17.83 -22.37
C ILE C 82 -19.43 -18.55 -21.41
N ASN C 83 -18.36 -17.87 -21.01
CA ASN C 83 -17.38 -18.47 -20.10
C ASN C 83 -17.69 -18.45 -18.61
N ALA C 84 -18.37 -17.42 -18.12
CA ALA C 84 -18.70 -17.34 -16.69
C ALA C 84 -20.11 -17.85 -16.39
N ILE C 85 -21.10 -17.22 -17.00
CA ILE C 85 -22.50 -17.60 -16.78
C ILE C 85 -22.76 -19.01 -17.32
N GLY C 86 -22.17 -19.33 -18.47
CA GLY C 86 -22.34 -20.64 -19.06
C GLY C 86 -21.84 -21.71 -18.11
N ALA C 87 -20.67 -21.49 -17.55
CA ALA C 87 -20.09 -22.43 -16.63
C ALA C 87 -21.00 -22.57 -15.42
N ARG C 88 -21.49 -21.43 -14.92
CA ARG C 88 -22.37 -21.42 -13.77
C ARG C 88 -23.59 -22.29 -14.04
N ASN C 89 -24.17 -22.14 -15.22
CA ASN C 89 -25.33 -22.93 -15.59
C ASN C 89 -25.04 -24.42 -15.57
N VAL C 90 -23.93 -24.83 -16.18
CA VAL C 90 -23.55 -26.23 -16.22
C VAL C 90 -23.24 -26.77 -14.82
N ALA C 91 -22.67 -25.92 -13.97
CA ALA C 91 -22.34 -26.30 -12.61
C ALA C 91 -23.61 -26.63 -11.82
N VAL C 92 -24.62 -25.78 -11.95
CA VAL C 92 -25.88 -25.99 -11.26
C VAL C 92 -26.54 -27.29 -11.74
N ALA C 93 -26.57 -27.50 -13.05
CA ALA C 93 -27.17 -28.71 -13.63
C ALA C 93 -26.44 -29.97 -13.15
N SER C 94 -25.11 -29.88 -13.06
CA SER C 94 -24.30 -31.00 -12.60
C SER C 94 -24.66 -31.35 -11.17
N GLN C 95 -24.86 -30.33 -10.34
CA GLN C 95 -25.23 -30.54 -8.93
C GLN C 95 -26.59 -31.24 -8.85
N LEU C 96 -27.52 -30.86 -9.71
CA LEU C 96 -28.85 -31.47 -9.73
C LEU C 96 -28.89 -32.96 -10.05
N VAL C 97 -27.91 -33.45 -10.81
CA VAL C 97 -27.86 -34.87 -11.16
C VAL C 97 -26.70 -35.61 -10.49
N GLY C 98 -25.87 -34.87 -9.75
CA GLY C 98 -24.71 -35.44 -9.06
C GLY C 98 -23.61 -35.99 -9.95
N ALA C 99 -23.35 -35.32 -11.06
CA ALA C 99 -22.31 -35.76 -11.99
C ALA C 99 -20.96 -35.10 -11.75
N LYS C 100 -19.89 -35.78 -12.18
CA LYS C 100 -18.54 -35.25 -12.04
C LYS C 100 -18.44 -34.21 -13.14
N LEU C 101 -17.80 -33.07 -12.86
CA LEU C 101 -17.65 -32.01 -13.86
C LEU C 101 -16.20 -31.71 -14.20
N VAL C 102 -15.91 -31.51 -15.48
CA VAL C 102 -14.57 -31.20 -15.94
C VAL C 102 -14.60 -29.85 -16.64
N TYR C 103 -14.08 -28.84 -15.97
CA TYR C 103 -14.04 -27.50 -16.52
C TYR C 103 -12.63 -27.21 -17.02
N ILE C 104 -12.49 -27.00 -18.32
CA ILE C 104 -11.19 -26.72 -18.89
C ILE C 104 -10.93 -25.24 -18.64
N SER C 105 -9.70 -24.87 -18.35
CA SER C 105 -9.38 -23.48 -18.10
C SER C 105 -8.04 -23.11 -18.73
N THR C 106 -7.57 -21.89 -18.46
CA THR C 106 -6.33 -21.40 -19.03
C THR C 106 -5.35 -20.75 -18.05
N ASP C 107 -4.12 -20.58 -18.52
CA ASP C 107 -3.06 -19.96 -17.72
C ASP C 107 -3.23 -18.44 -17.68
N TYR C 108 -4.12 -17.93 -18.53
CA TYR C 108 -4.40 -16.50 -18.58
C TYR C 108 -5.05 -16.00 -17.30
N VAL C 109 -5.29 -16.91 -16.36
CA VAL C 109 -5.87 -16.54 -15.09
C VAL C 109 -4.75 -15.95 -14.24
N PHE C 110 -3.51 -16.08 -14.73
CA PHE C 110 -2.32 -15.56 -14.04
C PHE C 110 -1.66 -14.47 -14.88
N GLN C 111 -0.71 -13.75 -14.27
CA GLN C 111 0.01 -12.66 -14.94
C GLN C 111 1.06 -13.19 -15.93
N GLY C 112 1.56 -14.39 -15.67
CA GLY C 112 2.56 -15.01 -16.54
C GLY C 112 3.87 -14.26 -16.44
N ASP C 113 4.14 -13.70 -15.26
CA ASP C 113 5.36 -12.94 -15.03
C ASP C 113 6.50 -13.73 -14.40
N ARG C 114 6.34 -15.04 -14.26
CA ARG C 114 7.40 -15.88 -13.69
C ARG C 114 7.65 -17.12 -14.55
N PRO C 115 8.94 -17.39 -14.85
CA PRO C 115 9.30 -18.56 -15.67
C PRO C 115 9.11 -19.91 -14.98
N GLU C 116 9.03 -19.93 -13.65
CA GLU C 116 8.86 -21.19 -12.92
C GLU C 116 7.42 -21.66 -13.12
N GLY C 117 6.52 -20.69 -13.15
CA GLY C 117 5.10 -20.96 -13.32
C GLY C 117 4.46 -20.93 -11.95
N TYR C 118 3.13 -20.98 -11.91
CA TYR C 118 2.40 -20.97 -10.65
C TYR C 118 1.87 -22.36 -10.34
N ASP C 119 1.59 -22.61 -9.06
CA ASP C 119 1.07 -23.91 -8.65
C ASP C 119 -0.45 -23.78 -8.60
N GLU C 120 -1.12 -24.91 -8.43
CA GLU C 120 -2.58 -24.92 -8.37
C GLU C 120 -3.20 -24.18 -7.18
N PHE C 121 -2.37 -23.75 -6.23
CA PHE C 121 -2.89 -23.06 -5.04
C PHE C 121 -2.77 -21.53 -5.03
N HIS C 122 -1.95 -20.96 -5.91
N HIS C 122 -1.98 -20.98 -5.94
CA HIS C 122 -1.80 -19.50 -5.95
CA HIS C 122 -1.77 -19.53 -6.00
C HIS C 122 -3.08 -18.83 -6.43
C HIS C 122 -3.05 -18.81 -6.47
N ASN C 123 -3.35 -17.66 -5.87
CA ASN C 123 -4.54 -16.88 -6.22
C ASN C 123 -4.35 -16.25 -7.60
N PRO C 124 -5.28 -16.51 -8.51
CA PRO C 124 -5.16 -15.96 -9.85
C PRO C 124 -5.20 -14.44 -9.91
N ALA C 125 -4.73 -13.91 -11.04
CA ALA C 125 -4.69 -12.48 -11.32
C ALA C 125 -4.74 -12.43 -12.83
N PRO C 126 -5.94 -12.57 -13.40
CA PRO C 126 -6.18 -12.56 -14.85
C PRO C 126 -5.41 -11.49 -15.60
N ILE C 127 -4.71 -11.92 -16.65
CA ILE C 127 -3.91 -11.01 -17.47
C ILE C 127 -4.78 -10.25 -18.45
N ASN C 128 -5.91 -10.85 -18.84
CA ASN C 128 -6.83 -10.22 -19.79
C ASN C 128 -8.29 -10.66 -19.59
N ILE C 129 -9.20 -10.11 -20.40
CA ILE C 129 -10.63 -10.44 -20.30
C ILE C 129 -10.91 -11.94 -20.45
N TYR C 130 -10.41 -12.54 -21.51
CA TYR C 130 -10.62 -13.97 -21.71
C TYR C 130 -10.26 -14.72 -20.45
N GLY C 131 -9.11 -14.41 -19.88
CA GLY C 131 -8.66 -15.07 -18.66
C GLY C 131 -9.58 -14.74 -17.52
N ALA C 132 -9.95 -13.47 -17.40
CA ALA C 132 -10.83 -13.00 -16.35
C ALA C 132 -12.19 -13.67 -16.46
N SER C 133 -12.64 -13.89 -17.70
CA SER C 133 -13.92 -14.54 -17.92
C SER C 133 -13.88 -15.98 -17.45
N LYS C 134 -12.80 -16.71 -17.76
CA LYS C 134 -12.75 -18.09 -17.31
C LYS C 134 -12.49 -18.25 -15.82
N TYR C 135 -11.78 -17.31 -15.20
CA TYR C 135 -11.54 -17.38 -13.77
C TYR C 135 -12.90 -17.25 -13.07
N ALA C 136 -13.79 -16.43 -13.65
CA ALA C 136 -15.12 -16.25 -13.08
C ALA C 136 -15.83 -17.58 -13.21
N GLY C 137 -15.54 -18.29 -14.30
CA GLY C 137 -16.14 -19.59 -14.57
C GLY C 137 -15.70 -20.58 -13.51
N GLU C 138 -14.39 -20.62 -13.26
CA GLU C 138 -13.88 -21.52 -12.24
C GLU C 138 -14.62 -21.26 -10.92
N GLN C 139 -14.71 -19.99 -10.56
CA GLN C 139 -15.38 -19.64 -9.32
C GLN C 139 -16.80 -20.17 -9.24
N PHE C 140 -17.65 -19.92 -10.24
CA PHE C 140 -19.01 -20.45 -10.15
C PHE C 140 -18.99 -21.97 -10.04
N VAL C 141 -18.09 -22.63 -10.77
CA VAL C 141 -18.00 -24.08 -10.74
C VAL C 141 -17.71 -24.60 -9.32
N LYS C 142 -16.78 -23.97 -8.60
CA LYS C 142 -16.46 -24.42 -7.25
C LYS C 142 -17.47 -23.94 -6.22
N GLU C 143 -17.99 -22.75 -6.43
CA GLU C 143 -18.97 -22.14 -5.53
C GLU C 143 -20.35 -22.77 -5.57
N LEU C 144 -20.65 -23.55 -6.61
CA LEU C 144 -21.96 -24.19 -6.73
C LEU C 144 -21.98 -25.71 -6.89
N HIS C 145 -20.82 -26.33 -7.08
CA HIS C 145 -20.75 -27.77 -7.24
C HIS C 145 -19.59 -28.32 -6.40
N ASN C 146 -19.65 -29.60 -6.04
CA ASN C 146 -18.60 -30.22 -5.22
C ASN C 146 -17.94 -31.49 -5.78
N LYS C 147 -18.14 -31.76 -7.06
CA LYS C 147 -17.55 -32.92 -7.72
C LYS C 147 -17.02 -32.41 -9.05
N TYR C 148 -15.82 -31.86 -9.04
CA TYR C 148 -15.23 -31.34 -10.26
C TYR C 148 -13.73 -31.50 -10.44
N PHE C 149 -13.27 -31.11 -11.62
CA PHE C 149 -11.89 -31.16 -11.98
C PHE C 149 -11.59 -29.91 -12.80
N ILE C 150 -10.99 -28.90 -12.20
CA ILE C 150 -10.67 -27.69 -12.95
C ILE C 150 -9.31 -27.96 -13.59
N VAL C 151 -9.33 -28.27 -14.88
CA VAL C 151 -8.13 -28.57 -15.63
C VAL C 151 -7.68 -27.38 -16.46
N ARG C 152 -6.56 -26.77 -16.07
CA ARG C 152 -6.01 -25.62 -16.78
C ARG C 152 -4.95 -26.06 -17.79
N THR C 153 -5.01 -25.53 -19.00
CA THR C 153 -4.03 -25.89 -20.01
C THR C 153 -3.53 -24.62 -20.71
N SER C 154 -2.76 -24.78 -21.78
CA SER C 154 -2.23 -23.64 -22.49
C SER C 154 -1.67 -23.97 -23.87
N TRP C 155 -1.72 -23.00 -24.79
CA TRP C 155 -1.18 -23.22 -26.13
C TRP C 155 -1.67 -24.54 -26.70
N LEU C 156 -2.97 -24.75 -26.56
CA LEU C 156 -3.64 -25.95 -27.01
C LEU C 156 -3.80 -26.02 -28.53
N TYR C 157 -3.65 -27.20 -29.09
CA TYR C 157 -3.79 -27.39 -30.54
C TYR C 157 -4.16 -28.85 -30.82
N GLY C 158 -5.02 -29.07 -31.81
CA GLY C 158 -5.44 -30.43 -32.17
C GLY C 158 -5.67 -30.59 -33.65
N LYS C 159 -6.18 -31.75 -34.05
CA LYS C 159 -6.46 -32.02 -35.47
C LYS C 159 -7.49 -31.08 -36.06
N TYR C 160 -8.54 -30.81 -35.30
CA TYR C 160 -9.63 -29.95 -35.77
C TYR C 160 -9.61 -28.52 -35.23
N GLY C 161 -10.36 -27.66 -35.90
CA GLY C 161 -10.48 -26.25 -35.52
C GLY C 161 -9.30 -25.35 -35.86
N ASN C 162 -9.31 -24.16 -35.26
CA ASN C 162 -8.26 -23.16 -35.46
C ASN C 162 -7.28 -23.18 -34.31
N ASN C 163 -5.99 -23.19 -34.65
CA ASN C 163 -4.93 -23.20 -33.68
C ASN C 163 -3.64 -22.73 -34.34
N PHE C 164 -2.64 -22.39 -33.54
CA PHE C 164 -1.38 -21.91 -34.07
C PHE C 164 -0.67 -22.85 -35.06
N VAL C 165 -0.73 -24.15 -34.82
CA VAL C 165 -0.09 -25.12 -35.72
C VAL C 165 -0.69 -25.11 -37.13
N LYS C 166 -2.01 -25.10 -37.21
CA LYS C 166 -2.72 -25.09 -38.50
C LYS C 166 -2.65 -23.74 -39.22
N THR C 167 -2.47 -22.64 -38.48
CA THR C 167 -2.38 -21.33 -39.10
C THR C 167 -1.02 -21.23 -39.74
N MET C 168 0.02 -21.69 -39.03
CA MET C 168 1.39 -21.67 -39.57
C MET C 168 1.46 -22.49 -40.84
N ILE C 169 0.79 -23.64 -40.83
CA ILE C 169 0.79 -24.50 -42.01
C ILE C 169 0.06 -23.80 -43.15
N ARG C 170 -1.08 -23.20 -42.84
CA ARG C 170 -1.85 -22.49 -43.87
C ARG C 170 -1.00 -21.36 -44.44
N LEU C 171 -0.52 -20.47 -43.56
CA LEU C 171 0.32 -19.36 -43.99
C LEU C 171 1.58 -19.89 -44.68
N GLY C 172 2.05 -21.05 -44.26
CA GLY C 172 3.23 -21.67 -44.85
C GLY C 172 3.03 -22.03 -46.32
N LYS C 173 1.77 -22.13 -46.75
CA LYS C 173 1.46 -22.47 -48.13
C LYS C 173 1.19 -21.21 -48.95
N GLU C 174 1.44 -20.03 -48.36
CA GLU C 174 1.23 -18.76 -49.05
C GLU C 174 2.53 -17.97 -49.24
N ARG C 175 3.08 -17.43 -48.16
N ARG C 175 3.09 -17.46 -48.15
CA ARG C 175 4.33 -16.66 -48.24
CA ARG C 175 4.32 -16.68 -48.20
C ARG C 175 5.57 -17.50 -47.95
C ARG C 175 5.56 -17.50 -47.91
N GLU C 176 6.73 -16.91 -48.20
CA GLU C 176 8.02 -17.57 -47.96
C GLU C 176 8.53 -17.20 -46.57
N GLU C 177 8.09 -16.04 -46.08
CA GLU C 177 8.48 -15.55 -44.74
C GLU C 177 7.26 -15.27 -43.88
N ILE C 178 7.36 -15.63 -42.59
CA ILE C 178 6.26 -15.43 -41.64
C ILE C 178 6.81 -14.79 -40.38
N SER C 179 6.11 -13.78 -39.86
CA SER C 179 6.54 -13.08 -38.65
C SER C 179 5.83 -13.67 -37.43
N VAL C 180 6.62 -14.16 -36.47
CA VAL C 180 6.08 -14.75 -35.26
C VAL C 180 6.70 -14.16 -33.99
N VAL C 181 5.87 -13.95 -32.96
CA VAL C 181 6.33 -13.39 -31.69
C VAL C 181 7.36 -14.30 -31.03
N ALA C 182 8.49 -13.72 -30.60
CA ALA C 182 9.56 -14.50 -29.95
C ALA C 182 9.81 -14.11 -28.49
N ASP C 183 9.16 -13.07 -27.99
CA ASP C 183 9.35 -12.65 -26.59
C ASP C 183 8.24 -13.12 -25.66
N GLN C 184 7.67 -14.27 -25.98
CA GLN C 184 6.60 -14.89 -25.19
C GLN C 184 6.94 -16.38 -25.16
N ILE C 185 7.12 -16.91 -23.96
CA ILE C 185 7.45 -18.32 -23.79
C ILE C 185 6.32 -19.08 -23.13
N GLY C 186 6.02 -20.25 -23.67
CA GLY C 186 4.96 -21.08 -23.13
C GLY C 186 5.19 -22.55 -23.43
N SER C 187 4.28 -23.38 -22.96
CA SER C 187 4.39 -24.81 -23.17
C SER C 187 3.23 -25.29 -24.03
N PRO C 188 3.51 -25.59 -25.32
CA PRO C 188 2.48 -26.06 -26.24
C PRO C 188 1.85 -27.35 -25.75
N THR C 189 0.54 -27.48 -25.93
CA THR C 189 -0.17 -28.67 -25.50
C THR C 189 -0.97 -29.29 -26.64
N TYR C 190 -0.79 -30.60 -26.82
CA TYR C 190 -1.50 -31.34 -27.85
C TYR C 190 -2.74 -32.03 -27.28
N VAL C 191 -3.88 -31.68 -27.86
CA VAL C 191 -5.19 -32.22 -27.46
C VAL C 191 -5.17 -33.70 -27.09
N ALA C 192 -4.57 -34.53 -27.94
CA ALA C 192 -4.52 -35.97 -27.68
C ALA C 192 -3.92 -36.27 -26.29
N ASP C 193 -2.84 -35.58 -25.94
CA ASP C 193 -2.19 -35.80 -24.64
C ASP C 193 -3.07 -35.28 -23.50
N LEU C 194 -3.85 -34.23 -23.76
CA LEU C 194 -4.72 -33.68 -22.75
C LEU C 194 -5.89 -34.64 -22.53
N ASN C 195 -6.48 -35.13 -23.61
CA ASN C 195 -7.59 -36.07 -23.53
C ASN C 195 -7.21 -37.33 -22.76
N VAL C 196 -5.97 -37.78 -22.96
CA VAL C 196 -5.48 -38.96 -22.28
C VAL C 196 -5.50 -38.72 -20.78
N MET C 197 -5.20 -37.49 -20.38
CA MET C 197 -5.17 -37.14 -18.98
C MET C 197 -6.58 -36.94 -18.44
N ILE C 198 -7.47 -36.37 -19.26
CA ILE C 198 -8.85 -36.14 -18.84
C ILE C 198 -9.54 -37.46 -18.57
N ASN C 199 -9.28 -38.44 -19.45
CA ASN C 199 -9.88 -39.75 -19.33
C ASN C 199 -9.50 -40.37 -17.99
N LYS C 200 -8.24 -40.18 -17.59
CA LYS C 200 -7.75 -40.74 -16.32
C LYS C 200 -8.44 -40.11 -15.10
N LEU C 201 -8.67 -38.80 -15.14
CA LEU C 201 -9.32 -38.10 -14.02
C LEU C 201 -10.80 -38.47 -13.82
N ILE C 202 -11.53 -38.64 -14.92
CA ILE C 202 -12.94 -38.99 -14.82
C ILE C 202 -13.23 -40.34 -14.13
N HIS C 203 -12.25 -41.25 -14.14
CA HIS C 203 -12.43 -42.56 -13.48
C HIS C 203 -12.20 -42.47 -11.98
N THR C 204 -11.71 -41.34 -11.50
CA THR C 204 -11.45 -41.15 -10.09
C THR C 204 -12.39 -40.16 -9.44
N SER C 205 -12.15 -39.90 -8.16
CA SER C 205 -12.93 -38.96 -7.37
C SER C 205 -11.96 -37.98 -6.72
N LEU C 206 -10.79 -37.85 -7.34
CA LEU C 206 -9.72 -36.97 -6.87
C LEU C 206 -10.01 -35.55 -7.35
N TYR C 207 -11.06 -34.96 -6.79
CA TYR C 207 -11.45 -33.61 -7.18
C TYR C 207 -10.41 -32.59 -6.76
N GLY C 208 -10.39 -31.46 -7.48
CA GLY C 208 -9.46 -30.36 -7.21
C GLY C 208 -9.20 -29.63 -8.52
N THR C 209 -8.13 -28.84 -8.57
CA THR C 209 -7.78 -28.10 -9.77
C THR C 209 -6.43 -28.66 -10.23
N TYR C 210 -6.26 -28.85 -11.53
CA TYR C 210 -5.01 -29.41 -12.07
C TYR C 210 -4.47 -28.68 -13.28
N HIS C 211 -3.15 -28.49 -13.32
CA HIS C 211 -2.54 -27.83 -14.48
C HIS C 211 -2.05 -28.96 -15.37
N VAL C 212 -2.47 -28.95 -16.62
CA VAL C 212 -2.07 -30.00 -17.57
C VAL C 212 -1.56 -29.44 -18.89
N SER C 213 -0.35 -29.84 -19.27
CA SER C 213 0.28 -29.40 -20.50
C SER C 213 1.52 -30.21 -20.74
N ASN C 214 2.08 -30.12 -21.95
CA ASN C 214 3.29 -30.85 -22.24
C ASN C 214 4.43 -30.23 -21.44
N THR C 215 5.43 -31.02 -21.13
CA THR C 215 6.57 -30.55 -20.36
C THR C 215 7.57 -29.80 -21.24
N GLY C 216 8.22 -28.81 -20.66
CA GLY C 216 9.20 -28.00 -21.38
C GLY C 216 8.57 -26.71 -21.86
N SER C 217 9.37 -25.87 -22.51
CA SER C 217 8.86 -24.61 -23.01
C SER C 217 9.60 -24.13 -24.25
N CYS C 218 9.02 -23.14 -24.91
CA CYS C 218 9.57 -22.55 -26.11
C CYS C 218 8.72 -21.34 -26.45
N SER C 219 9.28 -20.44 -27.26
CA SER C 219 8.55 -19.26 -27.66
C SER C 219 7.80 -19.62 -28.92
N TRP C 220 6.80 -18.83 -29.30
CA TRP C 220 6.05 -19.12 -30.52
C TRP C 220 7.00 -19.23 -31.71
N PHE C 221 8.04 -18.41 -31.70
CA PHE C 221 9.03 -18.39 -32.75
C PHE C 221 9.72 -19.75 -32.92
N GLU C 222 10.20 -20.33 -31.83
CA GLU C 222 10.87 -21.63 -31.85
C GLU C 222 9.89 -22.72 -32.26
N PHE C 223 8.70 -22.65 -31.67
CA PHE C 223 7.64 -23.61 -31.93
C PHE C 223 7.24 -23.62 -33.42
N ALA C 224 7.28 -22.45 -34.05
CA ALA C 224 6.94 -22.34 -35.46
C ALA C 224 7.99 -23.08 -36.30
N LYS C 225 9.26 -22.95 -35.92
CA LYS C 225 10.34 -23.61 -36.64
C LYS C 225 10.17 -25.13 -36.62
N LYS C 226 9.74 -25.68 -35.48
CA LYS C 226 9.53 -27.12 -35.37
C LYS C 226 8.42 -27.54 -36.30
N ILE C 227 7.29 -26.84 -36.20
CA ILE C 227 6.13 -27.13 -37.03
C ILE C 227 6.54 -27.30 -38.49
N PHE C 228 7.29 -26.34 -39.02
CA PHE C 228 7.72 -26.43 -40.42
C PHE C 228 8.77 -27.52 -40.60
N SER C 229 9.55 -27.79 -39.55
CA SER C 229 10.58 -28.82 -39.60
C SER C 229 9.92 -30.20 -39.75
N TYR C 230 8.98 -30.51 -38.84
CA TYR C 230 8.29 -31.80 -38.90
C TYR C 230 7.38 -31.89 -40.13
N ALA C 231 6.90 -30.75 -40.59
CA ALA C 231 6.01 -30.70 -41.76
C ALA C 231 6.78 -30.79 -43.09
N ASN C 232 8.10 -30.69 -43.04
CA ASN C 232 8.95 -30.74 -44.24
C ASN C 232 8.63 -29.59 -45.19
N MET C 233 8.46 -28.40 -44.61
CA MET C 233 8.15 -27.20 -45.38
C MET C 233 9.28 -26.20 -45.22
N LYS C 234 9.88 -25.77 -46.34
CA LYS C 234 10.96 -24.79 -46.28
C LYS C 234 10.36 -23.40 -46.17
N VAL C 235 10.14 -22.96 -44.93
CA VAL C 235 9.57 -21.64 -44.67
C VAL C 235 10.49 -20.81 -43.78
N ASN C 236 10.73 -19.55 -44.16
CA ASN C 236 11.57 -18.66 -43.39
C ASN C 236 10.70 -18.03 -42.30
N VAL C 237 11.21 -18.01 -41.07
CA VAL C 237 10.46 -17.44 -39.96
C VAL C 237 11.21 -16.27 -39.34
N LEU C 238 10.59 -15.10 -39.35
CA LEU C 238 11.19 -13.90 -38.79
C LEU C 238 10.70 -13.66 -37.37
N PRO C 239 11.63 -13.37 -36.45
CA PRO C 239 11.30 -13.10 -35.06
C PRO C 239 10.80 -11.67 -34.86
N VAL C 240 9.76 -11.51 -34.07
CA VAL C 240 9.17 -10.20 -33.80
C VAL C 240 8.79 -10.07 -32.34
N SER C 241 8.77 -8.85 -31.82
CA SER C 241 8.41 -8.61 -30.44
C SER C 241 6.91 -8.45 -30.29
N THR C 242 6.45 -8.41 -29.05
CA THR C 242 5.04 -8.25 -28.75
C THR C 242 4.56 -6.90 -29.25
N GLU C 243 5.38 -5.86 -29.06
CA GLU C 243 5.03 -4.51 -29.51
C GLU C 243 4.75 -4.54 -31.01
N GLU C 244 5.75 -4.97 -31.76
CA GLU C 244 5.67 -5.05 -33.22
C GLU C 244 4.50 -5.87 -33.75
N PHE C 245 4.09 -6.90 -33.01
CA PHE C 245 2.99 -7.74 -33.45
C PHE C 245 1.65 -7.04 -33.21
N GLY C 246 1.62 -6.16 -32.22
CA GLY C 246 0.43 -5.38 -31.87
C GLY C 246 -0.88 -6.10 -31.58
N ALA C 247 -0.84 -7.14 -30.76
CA ALA C 247 -2.08 -7.85 -30.42
C ALA C 247 -2.90 -6.92 -29.52
N ALA C 248 -4.22 -6.96 -29.67
CA ALA C 248 -5.09 -6.10 -28.87
C ALA C 248 -5.16 -6.51 -27.39
N ALA C 249 -5.04 -7.81 -27.12
CA ALA C 249 -5.11 -8.29 -25.74
C ALA C 249 -3.75 -8.57 -25.11
N ALA C 250 -3.64 -8.23 -23.82
CA ALA C 250 -2.42 -8.45 -23.08
C ALA C 250 -2.15 -9.95 -23.19
N ARG C 251 -0.89 -10.32 -23.20
CA ARG C 251 -0.54 -11.70 -23.33
C ARG C 251 0.51 -11.99 -22.26
N PRO C 252 0.61 -13.25 -21.81
CA PRO C 252 1.62 -13.53 -20.80
C PRO C 252 3.03 -13.70 -21.39
N LYS C 253 4.04 -13.31 -20.62
CA LYS C 253 5.42 -13.43 -21.05
C LYS C 253 5.82 -14.89 -20.89
N TYR C 254 5.24 -15.54 -19.88
CA TYR C 254 5.50 -16.94 -19.59
C TYR C 254 4.22 -17.76 -19.35
N SER C 255 3.85 -18.59 -20.32
CA SER C 255 2.66 -19.44 -20.20
C SER C 255 3.16 -20.80 -19.72
N ILE C 256 3.56 -20.86 -18.45
CA ILE C 256 4.07 -22.10 -17.88
C ILE C 256 3.47 -22.39 -16.52
N PHE C 257 3.15 -23.67 -16.29
CA PHE C 257 2.57 -24.11 -15.02
C PHE C 257 3.51 -25.06 -14.30
N GLN C 258 3.18 -25.34 -13.05
CA GLN C 258 3.92 -26.28 -12.22
C GLN C 258 2.91 -27.40 -12.09
N HIS C 259 3.32 -28.63 -12.42
CA HIS C 259 2.41 -29.76 -12.35
C HIS C 259 2.45 -30.49 -11.01
N ASN C 260 2.02 -29.80 -9.95
CA ASN C 260 2.02 -30.40 -8.61
C ASN C 260 0.93 -31.43 -8.37
N MET C 261 -0.33 -31.09 -8.68
CA MET C 261 -1.45 -32.02 -8.46
C MET C 261 -1.32 -33.36 -9.19
N LEU C 262 -0.76 -33.38 -10.39
CA LEU C 262 -0.58 -34.65 -11.11
C LEU C 262 0.38 -35.53 -10.32
N ARG C 263 1.51 -34.95 -9.93
CA ARG C 263 2.52 -35.67 -9.17
C ARG C 263 1.92 -36.09 -7.83
N LEU C 264 1.33 -35.13 -7.13
CA LEU C 264 0.72 -35.39 -5.82
C LEU C 264 -0.42 -36.43 -5.84
N ASN C 265 -1.14 -36.55 -6.95
CA ASN C 265 -2.24 -37.53 -7.01
C ASN C 265 -1.89 -38.82 -7.77
N GLY C 266 -0.60 -39.13 -7.84
CA GLY C 266 -0.13 -40.34 -8.51
C GLY C 266 -0.29 -40.48 -10.01
N PHE C 267 -0.44 -39.39 -10.74
CA PHE C 267 -0.58 -39.49 -12.19
C PHE C 267 0.77 -39.37 -12.87
N LEU C 268 0.88 -40.01 -14.03
CA LEU C 268 2.11 -39.99 -14.79
C LEU C 268 2.41 -38.60 -15.35
N GLN C 269 3.69 -38.28 -15.45
CA GLN C 269 4.14 -37.00 -15.98
C GLN C 269 3.81 -36.89 -17.47
N MET C 270 3.40 -35.70 -17.91
CA MET C 270 3.06 -35.45 -19.31
C MET C 270 4.30 -35.54 -20.20
N PRO C 271 4.11 -35.86 -21.48
CA PRO C 271 5.24 -35.94 -22.40
C PRO C 271 5.69 -34.54 -22.78
N SER C 272 6.93 -34.40 -23.28
CA SER C 272 7.44 -33.09 -23.68
C SER C 272 6.63 -32.54 -24.84
N TRP C 273 6.73 -31.23 -25.07
CA TRP C 273 5.98 -30.62 -26.16
C TRP C 273 6.46 -31.14 -27.53
N GLU C 274 7.74 -31.51 -27.65
CA GLU C 274 8.24 -32.03 -28.93
C GLU C 274 7.46 -33.31 -29.24
N GLU C 275 7.50 -34.25 -28.30
CA GLU C 275 6.81 -35.53 -28.41
C GLU C 275 5.34 -35.37 -28.76
N GLY C 276 4.72 -34.34 -28.18
CA GLY C 276 3.31 -34.08 -28.43
C GLY C 276 3.09 -33.66 -29.86
N LEU C 277 4.00 -32.84 -30.38
CA LEU C 277 3.92 -32.36 -31.75
C LEU C 277 4.35 -33.46 -32.73
N GLU C 278 5.20 -34.39 -32.27
CA GLU C 278 5.64 -35.49 -33.11
C GLU C 278 4.45 -36.36 -33.43
N ARG C 279 3.62 -36.63 -32.41
CA ARG C 279 2.45 -37.48 -32.57
C ARG C 279 1.33 -36.73 -33.31
N PHE C 280 1.42 -35.41 -33.38
CA PHE C 280 0.41 -34.63 -34.09
C PHE C 280 0.48 -34.90 -35.59
N PHE C 281 1.69 -34.89 -36.14
CA PHE C 281 1.87 -35.14 -37.57
C PHE C 281 1.64 -36.61 -37.95
N ILE C 282 1.91 -37.53 -37.03
CA ILE C 282 1.70 -38.95 -37.32
C ILE C 282 0.21 -39.22 -37.44
N GLU C 283 -0.58 -38.46 -36.70
CA GLU C 283 -2.03 -38.62 -36.71
C GLU C 283 -2.79 -37.70 -37.67
N THR C 284 -2.07 -37.04 -38.59
CA THR C 284 -2.74 -36.13 -39.54
C THR C 284 -2.22 -36.30 -40.98
N ASN D 2 51.73 31.10 19.05
CA ASN D 2 50.98 29.96 19.62
C ASN D 2 49.63 29.79 18.88
N ALA D 3 49.14 28.56 18.82
CA ALA D 3 47.87 28.23 18.14
C ALA D 3 46.61 28.78 18.82
N MET D 4 45.71 29.34 18.03
CA MET D 4 44.46 29.89 18.55
C MET D 4 43.46 28.80 18.89
N LYS D 5 42.84 28.94 20.06
CA LYS D 5 41.86 27.97 20.55
C LYS D 5 40.52 28.17 19.86
N GLU D 6 39.83 27.07 19.55
CA GLU D 6 38.52 27.14 18.90
C GLU D 6 37.46 27.54 19.92
N ARG D 7 36.72 28.59 19.62
CA ARG D 7 35.67 29.09 20.47
C ARG D 7 34.40 28.27 20.25
N VAL D 8 33.90 27.66 21.32
CA VAL D 8 32.71 26.84 21.26
C VAL D 8 31.63 27.29 22.24
N ILE D 9 30.38 27.28 21.78
CA ILE D 9 29.24 27.66 22.61
C ILE D 9 28.41 26.42 22.86
N ILE D 10 27.94 26.27 24.09
CA ILE D 10 27.12 25.13 24.45
C ILE D 10 25.81 25.64 25.03
N THR D 11 24.71 25.29 24.36
CA THR D 11 23.39 25.70 24.80
C THR D 11 22.83 24.56 25.63
N GLY D 12 22.05 24.88 26.66
CA GLY D 12 21.47 23.86 27.53
C GLY D 12 22.62 23.13 28.21
N ALA D 13 23.53 23.92 28.77
CA ALA D 13 24.72 23.40 29.45
C ALA D 13 24.49 22.65 30.77
N ASN D 14 23.31 22.80 31.38
CA ASN D 14 23.03 22.09 32.64
C ASN D 14 22.30 20.74 32.47
N GLY D 15 22.25 20.23 31.25
CA GLY D 15 21.59 18.95 30.97
C GLY D 15 22.63 17.84 31.01
N GLN D 16 22.27 16.65 30.52
CA GLN D 16 23.22 15.52 30.51
C GLN D 16 24.45 15.85 29.69
N LEU D 17 24.26 16.12 28.39
CA LEU D 17 25.39 16.45 27.53
C LEU D 17 26.06 17.72 27.99
N GLY D 18 25.33 18.82 27.91
CA GLY D 18 25.87 20.11 28.32
C GLY D 18 26.80 20.02 29.51
N LYS D 19 26.31 19.41 30.59
CA LYS D 19 27.09 19.27 31.81
C LYS D 19 28.30 18.37 31.61
N GLN D 20 28.10 17.19 31.04
CA GLN D 20 29.22 16.27 30.84
C GLN D 20 30.08 16.61 29.63
N LEU D 21 29.48 17.23 28.61
CA LEU D 21 30.21 17.62 27.42
C LEU D 21 31.13 18.77 27.81
N GLN D 22 30.68 19.54 28.80
CA GLN D 22 31.43 20.68 29.30
C GLN D 22 32.71 20.28 30.04
N GLU D 23 32.76 19.04 30.55
CA GLU D 23 33.97 18.60 31.25
C GLU D 23 34.86 17.72 30.38
N GLU D 24 34.34 17.27 29.23
CA GLU D 24 35.14 16.41 28.33
C GLU D 24 35.79 17.21 27.20
N LEU D 25 36.08 18.48 27.48
CA LEU D 25 36.71 19.38 26.52
C LEU D 25 37.78 20.17 27.28
N ASN D 26 39.04 19.82 27.03
CA ASN D 26 40.18 20.45 27.67
C ASN D 26 40.24 21.94 27.33
N PRO D 27 40.12 22.82 28.35
CA PRO D 27 40.16 24.28 28.15
C PRO D 27 41.47 24.78 27.52
N GLU D 28 42.51 23.96 27.52
CA GLU D 28 43.79 24.34 26.93
C GLU D 28 43.79 23.94 25.46
N GLU D 29 42.62 24.03 24.83
CA GLU D 29 42.46 23.67 23.44
C GLU D 29 41.22 24.35 22.84
N TYR D 30 40.19 24.56 23.66
CA TYR D 30 38.96 25.20 23.21
C TYR D 30 38.50 26.25 24.21
N ASP D 31 38.07 27.40 23.73
CA ASP D 31 37.57 28.43 24.62
C ASP D 31 36.09 28.06 24.74
N ILE D 32 35.76 27.37 25.82
CA ILE D 32 34.39 26.93 26.06
C ILE D 32 33.53 28.03 26.64
N TYR D 33 32.36 28.23 26.04
CA TYR D 33 31.41 29.24 26.48
C TYR D 33 30.07 28.56 26.73
N PRO D 34 29.90 27.96 27.91
CA PRO D 34 28.67 27.28 28.27
C PRO D 34 27.59 28.24 28.73
N PHE D 35 26.35 27.97 28.32
CA PHE D 35 25.24 28.81 28.70
C PHE D 35 24.05 28.01 29.19
N ASP D 36 23.48 28.48 30.29
CA ASP D 36 22.34 27.86 30.91
C ASP D 36 21.08 28.46 30.30
N LYS D 37 19.95 27.90 30.69
CA LYS D 37 18.63 28.33 30.23
C LYS D 37 18.36 29.82 30.50
N LYS D 38 18.96 30.38 31.55
CA LYS D 38 18.74 31.80 31.90
C LYS D 38 19.63 32.81 31.15
N LEU D 39 20.93 32.51 31.04
CA LEU D 39 21.86 33.41 30.35
C LEU D 39 21.73 33.37 28.82
N LEU D 40 21.24 32.25 28.28
CA LEU D 40 21.06 32.12 26.83
C LEU D 40 19.77 31.35 26.54
N ASP D 41 18.69 32.10 26.39
CA ASP D 41 17.38 31.52 26.09
C ASP D 41 17.24 31.40 24.58
N ILE D 42 17.27 30.18 24.06
CA ILE D 42 17.16 29.95 22.62
C ILE D 42 15.83 30.40 22.01
N THR D 43 14.81 30.61 22.84
CA THR D 43 13.50 31.04 22.34
C THR D 43 13.51 32.54 22.12
N ASN D 44 14.50 33.22 22.68
CA ASN D 44 14.65 34.67 22.55
C ASN D 44 15.73 34.96 21.50
N ILE D 45 15.31 35.11 20.25
CA ILE D 45 16.23 35.37 19.13
C ILE D 45 17.17 36.56 19.32
N SER D 46 16.68 37.66 19.88
CA SER D 46 17.52 38.84 20.08
C SER D 46 18.70 38.48 20.98
N GLN D 47 18.42 37.78 22.07
CA GLN D 47 19.46 37.37 23.01
C GLN D 47 20.42 36.38 22.36
N VAL D 48 19.91 35.52 21.50
CA VAL D 48 20.75 34.53 20.83
C VAL D 48 21.73 35.21 19.90
N GLN D 49 21.26 36.19 19.13
CA GLN D 49 22.13 36.91 18.20
C GLN D 49 23.02 37.96 18.87
N GLN D 50 22.84 38.17 20.17
CA GLN D 50 23.66 39.14 20.89
C GLN D 50 24.87 38.35 21.39
N VAL D 51 24.62 37.18 21.94
CA VAL D 51 25.66 36.32 22.46
C VAL D 51 26.50 35.72 21.32
N VAL D 52 25.87 35.25 20.26
CA VAL D 52 26.61 34.67 19.15
C VAL D 52 27.46 35.72 18.46
N GLN D 53 26.93 36.94 18.30
CA GLN D 53 27.70 38.01 17.66
C GLN D 53 28.89 38.45 18.53
N GLU D 54 28.70 38.44 19.84
CA GLU D 54 29.75 38.82 20.77
C GLU D 54 30.87 37.77 20.75
N ILE D 55 30.49 36.51 20.99
CA ILE D 55 31.47 35.43 21.01
C ILE D 55 32.04 35.14 19.62
N ARG D 56 31.19 35.20 18.60
CA ARG D 56 31.63 34.94 17.23
C ARG D 56 32.43 33.64 17.23
N PRO D 57 31.80 32.54 17.70
CA PRO D 57 32.38 31.21 17.81
C PRO D 57 32.54 30.45 16.50
N HIS D 58 33.39 29.42 16.53
CA HIS D 58 33.65 28.59 15.38
C HIS D 58 32.69 27.41 15.38
N ILE D 59 32.36 26.94 16.58
CA ILE D 59 31.47 25.81 16.76
C ILE D 59 30.38 26.08 17.79
N ILE D 60 29.22 25.44 17.60
CA ILE D 60 28.09 25.57 18.51
C ILE D 60 27.44 24.21 18.67
N ILE D 61 27.40 23.71 19.91
CA ILE D 61 26.79 22.41 20.19
C ILE D 61 25.47 22.71 20.88
N HIS D 62 24.40 22.63 20.10
CA HIS D 62 23.05 22.90 20.59
C HIS D 62 22.45 21.76 21.41
N CYS D 63 22.57 21.85 22.73
CA CYS D 63 22.05 20.83 23.64
C CYS D 63 20.74 21.27 24.29
N ALA D 64 20.29 22.49 24.02
CA ALA D 64 19.04 22.98 24.61
C ALA D 64 17.85 22.24 24.02
N ALA D 65 16.90 21.84 24.87
CA ALA D 65 15.72 21.13 24.39
C ALA D 65 14.73 20.74 25.49
N TYR D 66 13.51 20.43 25.06
CA TYR D 66 12.44 20.01 25.95
C TYR D 66 12.43 18.51 25.71
N THR D 67 13.03 17.76 26.65
CA THR D 67 13.14 16.32 26.57
C THR D 67 12.14 15.45 27.34
N LYS D 68 11.09 16.05 27.88
CA LYS D 68 10.09 15.29 28.63
C LYS D 68 9.04 14.73 27.65
N VAL D 69 9.32 13.54 27.13
CA VAL D 69 8.45 12.85 26.15
C VAL D 69 6.95 12.80 26.49
N ASP D 70 6.59 12.43 27.72
CA ASP D 70 5.17 12.37 28.10
C ASP D 70 4.49 13.74 28.16
N GLN D 71 5.13 14.71 28.80
CA GLN D 71 4.54 16.05 28.90
C GLN D 71 4.44 16.74 27.55
N ALA D 72 5.30 16.37 26.61
CA ALA D 72 5.29 16.95 25.27
C ALA D 72 3.89 16.83 24.67
N GLU D 73 3.19 15.75 24.99
CA GLU D 73 1.83 15.51 24.49
C GLU D 73 0.84 16.47 25.17
N LYS D 74 1.09 16.77 26.43
CA LYS D 74 0.23 17.66 27.21
C LYS D 74 0.58 19.14 27.03
N GLU D 75 1.76 19.42 26.47
CA GLU D 75 2.21 20.80 26.25
C GLU D 75 2.87 20.97 24.87
N ARG D 76 2.06 20.77 23.84
CA ARG D 76 2.47 20.88 22.44
C ARG D 76 3.30 22.10 22.09
N ASP D 77 2.76 23.28 22.37
CA ASP D 77 3.45 24.55 22.07
C ASP D 77 4.81 24.71 22.75
N LEU D 78 4.90 24.32 24.02
CA LEU D 78 6.16 24.44 24.75
C LEU D 78 7.24 23.59 24.07
N ALA D 79 6.87 22.39 23.63
CA ALA D 79 7.81 21.49 22.96
C ALA D 79 8.32 22.17 21.69
N TYR D 80 7.42 22.54 20.79
CA TYR D 80 7.82 23.21 19.54
C TYR D 80 8.58 24.52 19.75
N VAL D 81 8.15 25.35 20.69
CA VAL D 81 8.84 26.62 20.93
C VAL D 81 10.33 26.41 21.24
N ILE D 82 10.65 25.36 21.98
CA ILE D 82 12.04 25.07 22.33
C ILE D 82 12.79 24.22 21.30
N ASN D 83 12.26 23.06 20.98
CA ASN D 83 12.89 22.16 20.03
C ASN D 83 12.88 22.62 18.58
N ALA D 84 11.82 23.32 18.16
CA ALA D 84 11.72 23.80 16.78
C ALA D 84 12.14 25.26 16.59
N ILE D 85 11.47 26.18 17.28
CA ILE D 85 11.80 27.60 17.17
C ILE D 85 13.20 27.89 17.70
N GLY D 86 13.58 27.22 18.78
CA GLY D 86 14.90 27.40 19.37
C GLY D 86 16.00 27.05 18.38
N ALA D 87 15.85 25.92 17.70
CA ALA D 87 16.84 25.48 16.71
C ALA D 87 16.88 26.48 15.55
N ARG D 88 15.72 26.99 15.18
CA ARG D 88 15.63 27.95 14.08
C ARG D 88 16.41 29.21 14.46
N ASN D 89 16.24 29.71 15.68
CA ASN D 89 16.96 30.91 16.13
C ASN D 89 18.47 30.71 16.11
N VAL D 90 18.93 29.55 16.59
CA VAL D 90 20.37 29.26 16.63
C VAL D 90 20.92 29.02 15.21
N ALA D 91 20.14 28.37 14.35
CA ALA D 91 20.59 28.10 12.98
C ALA D 91 20.82 29.43 12.27
N VAL D 92 19.95 30.40 12.54
CA VAL D 92 20.06 31.73 11.94
C VAL D 92 21.33 32.41 12.43
N ALA D 93 21.55 32.33 13.74
CA ALA D 93 22.74 32.93 14.35
C ALA D 93 24.00 32.26 13.81
N SER D 94 23.96 30.93 13.75
CA SER D 94 25.09 30.14 13.26
C SER D 94 25.50 30.58 11.85
N GLN D 95 24.50 30.71 10.98
CA GLN D 95 24.74 31.12 9.60
C GLN D 95 25.27 32.52 9.50
N LEU D 96 24.78 33.38 10.38
CA LEU D 96 25.17 34.77 10.41
C LEU D 96 26.67 34.92 10.73
N VAL D 97 27.18 34.12 11.68
CA VAL D 97 28.60 34.19 12.07
C VAL D 97 29.47 33.15 11.37
N GLY D 98 28.85 32.26 10.59
CA GLY D 98 29.58 31.22 9.86
C GLY D 98 30.13 30.07 10.70
N ALA D 99 29.52 29.81 11.84
CA ALA D 99 29.97 28.72 12.72
C ALA D 99 29.43 27.37 12.29
N LYS D 100 30.00 26.30 12.85
CA LYS D 100 29.55 24.94 12.55
C LYS D 100 28.52 24.65 13.61
N LEU D 101 27.41 24.03 13.23
CA LEU D 101 26.35 23.73 14.18
C LEU D 101 26.13 22.23 14.36
N VAL D 102 26.08 21.80 15.62
CA VAL D 102 25.85 20.42 15.97
C VAL D 102 24.49 20.37 16.62
N TYR D 103 23.56 19.68 15.97
CA TYR D 103 22.21 19.57 16.49
C TYR D 103 21.93 18.11 16.87
N ILE D 104 21.62 17.89 18.15
CA ILE D 104 21.34 16.55 18.65
C ILE D 104 19.86 16.25 18.52
N SER D 105 19.54 15.20 17.77
CA SER D 105 18.16 14.81 17.56
C SER D 105 17.92 13.41 18.12
N THR D 106 16.70 12.90 17.92
CA THR D 106 16.32 11.60 18.42
C THR D 106 15.85 10.62 17.37
N ASP D 107 15.65 9.37 17.82
CA ASP D 107 15.17 8.29 16.98
C ASP D 107 13.65 8.33 16.85
N TYR D 108 13.00 9.15 17.69
CA TYR D 108 11.55 9.27 17.66
C TYR D 108 11.05 10.01 16.42
N VAL D 109 11.96 10.36 15.51
CA VAL D 109 11.57 11.04 14.29
C VAL D 109 11.11 9.95 13.31
N PHE D 110 11.32 8.68 13.69
CA PHE D 110 10.90 7.55 12.87
C PHE D 110 9.67 6.88 13.45
N GLN D 111 9.01 6.05 12.64
CA GLN D 111 7.80 5.37 13.07
C GLN D 111 8.16 4.32 14.13
N GLY D 112 9.32 3.68 13.96
CA GLY D 112 9.82 2.67 14.90
C GLY D 112 9.27 1.26 14.85
N ASP D 113 9.04 0.74 13.65
CA ASP D 113 8.54 -0.63 13.51
C ASP D 113 9.56 -1.57 12.86
N ARG D 114 10.58 -1.00 12.22
CA ARG D 114 11.61 -1.82 11.56
C ARG D 114 12.63 -2.38 12.54
N PRO D 115 12.70 -3.72 12.67
CA PRO D 115 13.69 -4.26 13.58
C PRO D 115 15.10 -4.17 12.98
N GLU D 116 15.16 -3.91 11.66
CA GLU D 116 16.43 -3.79 10.93
C GLU D 116 17.08 -2.45 11.23
N GLY D 117 16.26 -1.48 11.63
CA GLY D 117 16.73 -0.14 11.96
C GLY D 117 16.55 0.81 10.80
N TYR D 118 16.82 2.09 11.05
CA TYR D 118 16.69 3.14 10.03
C TYR D 118 18.04 3.77 9.75
N ASP D 119 18.35 3.98 8.47
CA ASP D 119 19.61 4.61 8.09
C ASP D 119 19.33 6.09 7.90
N GLU D 120 20.39 6.88 7.79
CA GLU D 120 20.26 8.32 7.61
C GLU D 120 19.52 8.72 6.33
N PHE D 121 19.08 7.76 5.53
CA PHE D 121 18.41 8.11 4.29
C PHE D 121 16.91 7.84 4.16
N HIS D 122 16.30 7.19 5.15
N HIS D 122 16.29 7.19 5.12
CA HIS D 122 14.87 6.93 5.09
CA HIS D 122 14.85 6.93 5.00
C HIS D 122 14.11 8.21 5.44
C HIS D 122 14.12 8.20 5.40
N ASN D 123 12.88 8.33 4.94
CA ASN D 123 12.06 9.49 5.24
C ASN D 123 11.46 9.38 6.63
N PRO D 124 11.82 10.30 7.52
CA PRO D 124 11.27 10.23 8.87
C PRO D 124 9.77 10.46 8.94
N ALA D 125 9.14 9.91 9.96
CA ALA D 125 7.71 10.04 10.19
C ALA D 125 7.54 10.00 11.70
N PRO D 126 7.76 11.15 12.35
CA PRO D 126 7.67 11.31 13.80
C PRO D 126 6.56 10.48 14.44
N ILE D 127 6.92 9.70 15.45
CA ILE D 127 5.96 8.85 16.14
C ILE D 127 5.18 9.62 17.21
N ASN D 128 5.70 10.76 17.65
CA ASN D 128 5.03 11.56 18.67
C ASN D 128 5.45 13.04 18.65
N ILE D 129 4.79 13.85 19.48
CA ILE D 129 5.08 15.29 19.57
C ILE D 129 6.56 15.59 19.82
N TYR D 130 7.17 14.87 20.75
CA TYR D 130 8.59 15.09 21.03
C TYR D 130 9.40 14.93 19.75
N GLY D 131 9.23 13.79 19.08
CA GLY D 131 9.95 13.52 17.85
C GLY D 131 9.61 14.52 16.75
N ALA D 132 8.35 14.96 16.74
CA ALA D 132 7.89 15.92 15.74
C ALA D 132 8.56 17.28 15.93
N SER D 133 8.65 17.73 17.17
CA SER D 133 9.27 19.01 17.49
C SER D 133 10.74 18.92 17.12
N LYS D 134 11.37 17.79 17.44
CA LYS D 134 12.77 17.52 17.14
C LYS D 134 13.01 17.55 15.63
N TYR D 135 12.10 16.95 14.88
CA TYR D 135 12.22 16.92 13.43
C TYR D 135 12.00 18.29 12.79
N ALA D 136 11.18 19.12 13.41
CA ALA D 136 10.93 20.46 12.89
C ALA D 136 12.24 21.24 12.96
N GLY D 137 12.93 21.08 14.09
CA GLY D 137 14.20 21.74 14.33
C GLY D 137 15.26 21.32 13.33
N GLU D 138 15.31 20.02 13.02
CA GLU D 138 16.28 19.52 12.05
C GLU D 138 16.08 20.24 10.74
N GLN D 139 14.81 20.44 10.37
CA GLN D 139 14.48 21.11 9.13
C GLN D 139 14.93 22.56 9.15
N PHE D 140 14.62 23.34 10.18
CA PHE D 140 15.08 24.72 10.17
C PHE D 140 16.59 24.77 10.03
N VAL D 141 17.28 23.84 10.69
CA VAL D 141 18.73 23.79 10.63
C VAL D 141 19.23 23.55 9.21
N LYS D 142 18.66 22.56 8.50
CA LYS D 142 19.11 22.31 7.14
C LYS D 142 18.63 23.41 6.19
N GLU D 143 17.46 23.95 6.47
CA GLU D 143 16.87 25.00 5.65
C GLU D 143 17.54 26.37 5.79
N LEU D 144 17.97 26.71 6.99
CA LEU D 144 18.58 28.01 7.23
C LEU D 144 20.10 28.05 7.39
N HIS D 145 20.77 26.91 7.34
CA HIS D 145 22.22 26.91 7.51
C HIS D 145 22.86 25.83 6.62
N ASN D 146 24.17 25.94 6.38
CA ASN D 146 24.86 24.95 5.52
C ASN D 146 26.16 24.34 6.09
N LYS D 147 26.34 24.40 7.40
CA LYS D 147 27.52 23.83 8.08
C LYS D 147 26.97 23.18 9.35
N TYR D 148 26.43 21.97 9.21
CA TYR D 148 25.86 21.29 10.35
C TYR D 148 26.10 19.80 10.42
N PHE D 149 25.81 19.27 11.60
CA PHE D 149 25.92 17.87 11.90
C PHE D 149 24.70 17.55 12.75
N ILE D 150 23.70 16.93 12.12
CA ILE D 150 22.49 16.56 12.82
C ILE D 150 22.79 15.19 13.37
N VAL D 151 23.04 15.12 14.68
CA VAL D 151 23.37 13.86 15.33
C VAL D 151 22.19 13.28 16.09
N ARG D 152 21.63 12.20 15.57
CA ARG D 152 20.49 11.53 16.20
C ARG D 152 21.01 10.44 17.10
N THR D 153 20.46 10.37 18.31
CA THR D 153 20.85 9.37 19.29
C THR D 153 19.60 8.78 19.91
N SER D 154 19.74 7.95 20.95
CA SER D 154 18.60 7.33 21.58
C SER D 154 18.88 6.72 22.95
N TRP D 155 17.90 6.73 23.85
CA TRP D 155 18.10 6.14 25.17
C TRP D 155 19.44 6.63 25.72
N LEU D 156 19.63 7.94 25.61
CA LEU D 156 20.84 8.61 26.07
C LEU D 156 20.88 8.74 27.59
N TYR D 157 21.99 8.35 28.21
CA TYR D 157 22.14 8.44 29.67
C TYR D 157 23.56 8.85 30.02
N GLY D 158 23.74 9.55 31.14
CA GLY D 158 25.05 9.99 31.57
C GLY D 158 25.18 10.14 33.08
N LYS D 159 26.32 10.65 33.52
CA LYS D 159 26.58 10.86 34.94
C LYS D 159 25.59 11.84 35.56
N TYR D 160 25.34 12.93 34.85
CA TYR D 160 24.45 13.97 35.32
C TYR D 160 23.04 13.90 34.72
N GLY D 161 22.16 14.76 35.22
CA GLY D 161 20.78 14.84 34.75
C GLY D 161 19.86 13.70 35.17
N ASN D 162 18.73 13.60 34.49
CA ASN D 162 17.74 12.56 34.75
C ASN D 162 17.76 11.56 33.61
N ASN D 163 17.84 10.28 33.95
CA ASN D 163 17.85 9.22 32.94
C ASN D 163 17.45 7.87 33.51
N PHE D 164 17.12 6.95 32.61
CA PHE D 164 16.69 5.61 33.00
C PHE D 164 17.70 4.88 33.88
N VAL D 165 18.99 5.04 33.60
CA VAL D 165 20.03 4.37 34.39
C VAL D 165 19.98 4.80 35.85
N LYS D 166 20.11 6.09 36.12
CA LYS D 166 20.07 6.56 37.51
C LYS D 166 18.70 6.39 38.16
N THR D 167 17.66 6.29 37.34
CA THR D 167 16.31 6.11 37.86
C THR D 167 16.21 4.70 38.46
N MET D 168 16.76 3.72 37.74
CA MET D 168 16.72 2.33 38.23
C MET D 168 17.62 2.15 39.45
N ILE D 169 18.73 2.87 39.49
CA ILE D 169 19.63 2.76 40.63
C ILE D 169 18.98 3.38 41.86
N ARG D 170 18.26 4.48 41.68
CA ARG D 170 17.60 5.14 42.80
C ARG D 170 16.46 4.29 43.35
N LEU D 171 15.66 3.71 42.47
CA LEU D 171 14.55 2.86 42.90
C LEU D 171 15.03 1.51 43.39
N GLY D 172 16.20 1.07 42.92
CA GLY D 172 16.76 -0.21 43.32
C GLY D 172 17.18 -0.23 44.78
N LYS D 173 17.59 0.93 45.29
CA LYS D 173 18.02 1.07 46.67
C LYS D 173 16.81 1.23 47.60
N GLU D 174 15.61 1.07 47.05
CA GLU D 174 14.38 1.20 47.81
C GLU D 174 13.57 -0.09 47.79
N ARG D 175 13.27 -0.56 46.58
CA ARG D 175 12.49 -1.79 46.41
C ARG D 175 13.28 -2.83 45.61
N GLU D 176 13.52 -3.97 46.23
CA GLU D 176 14.26 -5.05 45.57
C GLU D 176 13.36 -5.81 44.60
N GLU D 177 12.46 -5.08 43.94
CA GLU D 177 11.54 -5.68 42.98
C GLU D 177 10.85 -4.55 42.19
N ILE D 178 11.23 -4.42 40.92
CA ILE D 178 10.67 -3.38 40.05
C ILE D 178 10.03 -3.95 38.79
N SER D 179 9.09 -3.21 38.22
CA SER D 179 8.39 -3.60 37.00
C SER D 179 8.89 -2.73 35.85
N VAL D 180 9.39 -3.37 34.79
CA VAL D 180 9.91 -2.63 33.63
C VAL D 180 9.30 -3.13 32.33
N VAL D 181 9.10 -2.22 31.38
CA VAL D 181 8.55 -2.55 30.08
C VAL D 181 9.44 -3.57 29.36
N ALA D 182 8.82 -4.56 28.71
CA ALA D 182 9.56 -5.61 27.99
C ALA D 182 9.29 -5.71 26.48
N ASP D 183 8.12 -5.25 26.03
CA ASP D 183 7.77 -5.31 24.60
C ASP D 183 8.11 -4.00 23.89
N GLN D 184 9.21 -3.38 24.29
CA GLN D 184 9.64 -2.12 23.71
C GLN D 184 11.16 -2.09 23.65
N ILE D 185 11.70 -2.50 22.49
CA ILE D 185 13.14 -2.56 22.26
C ILE D 185 13.78 -1.27 21.77
N GLY D 186 14.99 -0.99 22.25
CA GLY D 186 15.74 0.20 21.88
C GLY D 186 17.24 -0.03 21.99
N SER D 187 18.02 1.04 21.80
N SER D 187 18.02 1.03 21.79
CA SER D 187 19.47 0.94 21.88
CA SER D 187 19.48 0.94 21.87
C SER D 187 20.04 2.04 22.78
C SER D 187 20.05 2.03 22.78
N PRO D 188 20.49 1.65 23.99
CA PRO D 188 21.05 2.61 24.95
C PRO D 188 22.28 3.32 24.39
N THR D 189 22.55 4.52 24.88
CA THR D 189 23.70 5.29 24.44
C THR D 189 24.30 6.07 25.59
N TYR D 190 25.59 5.84 25.81
CA TYR D 190 26.32 6.51 26.87
C TYR D 190 26.90 7.83 26.37
N VAL D 191 26.53 8.91 27.05
CA VAL D 191 26.98 10.25 26.70
C VAL D 191 28.45 10.32 26.30
N ALA D 192 29.33 9.71 27.11
CA ALA D 192 30.76 9.73 26.83
C ALA D 192 31.07 9.20 25.43
N ASP D 193 30.41 8.10 25.05
CA ASP D 193 30.64 7.52 23.72
C ASP D 193 30.08 8.43 22.64
N LEU D 194 29.02 9.15 22.96
CA LEU D 194 28.41 10.06 21.99
C LEU D 194 29.36 11.23 21.80
N ASN D 195 29.87 11.78 22.90
CA ASN D 195 30.80 12.91 22.83
C ASN D 195 32.07 12.58 22.08
N VAL D 196 32.48 11.31 22.13
CA VAL D 196 33.68 10.90 21.43
C VAL D 196 33.47 11.07 19.93
N MET D 197 32.22 10.92 19.49
CA MET D 197 31.92 11.04 18.09
C MET D 197 31.70 12.52 17.72
N ILE D 198 31.22 13.32 18.68
CA ILE D 198 30.99 14.74 18.44
C ILE D 198 32.34 15.43 18.23
N ASN D 199 33.33 15.06 19.04
CA ASN D 199 34.67 15.66 18.93
C ASN D 199 35.36 15.34 17.62
N LYS D 200 35.01 14.23 17.01
CA LYS D 200 35.61 13.84 15.74
C LYS D 200 34.96 14.57 14.56
N LEU D 201 33.73 15.02 14.76
CA LEU D 201 33.00 15.74 13.71
C LEU D 201 33.26 17.24 13.69
N ILE D 202 33.15 17.89 14.85
CA ILE D 202 33.36 19.33 14.96
C ILE D 202 34.58 19.89 14.24
N HIS D 203 35.61 19.07 14.02
CA HIS D 203 36.83 19.54 13.33
C HIS D 203 36.90 19.14 11.86
N THR D 204 35.76 18.81 11.28
CA THR D 204 35.71 18.39 9.89
C THR D 204 34.63 19.19 9.17
N SER D 205 34.49 18.94 7.87
CA SER D 205 33.48 19.62 7.08
C SER D 205 32.64 18.52 6.41
N LEU D 206 32.49 17.42 7.15
CA LEU D 206 31.73 16.24 6.71
C LEU D 206 30.27 16.43 7.17
N TYR D 207 29.69 17.56 6.78
CA TYR D 207 28.33 17.89 7.17
C TYR D 207 27.33 16.85 6.67
N GLY D 208 26.18 16.81 7.34
CA GLY D 208 25.10 15.89 7.02
C GLY D 208 24.44 15.47 8.33
N THR D 209 23.60 14.44 8.27
CA THR D 209 22.93 13.96 9.48
C THR D 209 23.51 12.58 9.80
N TYR D 210 23.82 12.37 11.07
CA TYR D 210 24.40 11.11 11.54
C TYR D 210 23.59 10.41 12.63
N HIS D 211 23.66 9.09 12.60
CA HIS D 211 23.03 8.18 13.55
C HIS D 211 24.13 7.73 14.48
N VAL D 212 24.00 8.06 15.77
CA VAL D 212 25.02 7.68 16.74
C VAL D 212 24.46 7.15 18.05
N SER D 213 24.73 5.88 18.30
CA SER D 213 24.29 5.20 19.51
C SER D 213 25.15 3.97 19.63
N ASN D 214 25.18 3.37 20.82
CA ASN D 214 25.96 2.17 21.02
C ASN D 214 25.28 1.06 20.21
N THR D 215 26.09 0.18 19.61
CA THR D 215 25.54 -0.92 18.80
C THR D 215 24.85 -1.92 19.70
N GLY D 216 23.91 -2.66 19.11
CA GLY D 216 23.16 -3.66 19.85
C GLY D 216 21.73 -3.22 20.09
N SER D 217 20.97 -4.07 20.77
CA SER D 217 19.58 -3.79 21.07
C SER D 217 19.14 -4.50 22.34
N CYS D 218 18.12 -3.95 23.01
CA CYS D 218 17.59 -4.53 24.24
C CYS D 218 16.37 -3.76 24.74
N SER D 219 15.42 -4.47 25.33
CA SER D 219 14.21 -3.87 25.86
C SER D 219 14.60 -3.22 27.16
N TRP D 220 13.76 -2.33 27.69
CA TRP D 220 14.08 -1.67 28.95
C TRP D 220 14.27 -2.73 30.03
N PHE D 221 13.52 -3.83 29.91
CA PHE D 221 13.59 -4.95 30.86
C PHE D 221 14.98 -5.57 30.91
N GLU D 222 15.48 -5.97 29.74
CA GLU D 222 16.81 -6.59 29.66
C GLU D 222 17.88 -5.59 30.08
N PHE D 223 17.66 -4.33 29.72
CA PHE D 223 18.58 -3.25 30.05
C PHE D 223 18.57 -2.93 31.55
N ALA D 224 17.44 -3.17 32.22
CA ALA D 224 17.33 -2.90 33.65
C ALA D 224 18.16 -3.92 34.43
N LYS D 225 17.97 -5.20 34.13
CA LYS D 225 18.71 -6.25 34.82
C LYS D 225 20.21 -6.09 34.62
N LYS D 226 20.57 -5.71 33.40
CA LYS D 226 21.97 -5.53 33.06
C LYS D 226 22.56 -4.44 33.95
N ILE D 227 21.75 -3.43 34.26
CA ILE D 227 22.18 -2.31 35.13
C ILE D 227 22.46 -2.79 36.54
N PHE D 228 21.55 -3.60 37.09
CA PHE D 228 21.73 -4.09 38.44
C PHE D 228 22.87 -5.11 38.49
N SER D 229 23.15 -5.74 37.36
CA SER D 229 24.23 -6.72 37.26
C SER D 229 25.56 -5.99 37.42
N TYR D 230 25.86 -5.03 36.54
CA TYR D 230 27.11 -4.28 36.64
C TYR D 230 27.19 -3.46 37.93
N ALA D 231 26.05 -3.02 38.42
CA ALA D 231 26.01 -2.25 39.65
C ALA D 231 26.11 -3.21 40.84
N ASN D 232 26.03 -4.50 40.54
CA ASN D 232 26.10 -5.57 41.54
C ASN D 232 25.15 -5.17 42.66
N MET D 233 23.91 -4.95 42.26
CA MET D 233 22.84 -4.53 43.14
C MET D 233 21.77 -5.64 43.14
N LYS D 234 21.06 -5.81 44.26
CA LYS D 234 20.04 -6.85 44.36
C LYS D 234 18.62 -6.38 44.12
N VAL D 235 18.09 -6.73 42.95
CA VAL D 235 16.74 -6.35 42.55
C VAL D 235 16.19 -7.37 41.57
N ASN D 236 14.96 -7.79 41.79
CA ASN D 236 14.30 -8.75 40.91
C ASN D 236 13.41 -7.95 39.97
N VAL D 237 13.75 -7.94 38.69
CA VAL D 237 12.97 -7.21 37.70
C VAL D 237 11.85 -8.04 37.10
N LEU D 238 10.66 -7.46 37.06
CA LEU D 238 9.47 -8.13 36.51
C LEU D 238 9.10 -7.46 35.18
N PRO D 239 8.75 -8.28 34.17
CA PRO D 239 8.39 -7.76 32.85
C PRO D 239 6.91 -7.35 32.74
N VAL D 240 6.66 -6.22 32.09
CA VAL D 240 5.30 -5.72 31.90
C VAL D 240 5.15 -5.23 30.45
N SER D 241 3.92 -5.04 30.02
CA SER D 241 3.63 -4.58 28.66
C SER D 241 3.42 -3.07 28.62
N THR D 242 3.43 -2.52 27.42
CA THR D 242 3.25 -1.09 27.22
C THR D 242 1.93 -0.56 27.78
N GLU D 243 0.84 -1.28 27.50
CA GLU D 243 -0.47 -0.86 27.99
C GLU D 243 -0.65 -1.09 29.49
N GLU D 244 0.16 -1.96 30.08
CA GLU D 244 0.08 -2.23 31.51
C GLU D 244 0.81 -1.14 32.28
N PHE D 245 1.63 -0.35 31.59
CA PHE D 245 2.39 0.73 32.22
C PHE D 245 1.56 2.02 32.22
N GLY D 246 0.68 2.18 31.22
CA GLY D 246 -0.18 3.35 31.09
C GLY D 246 0.46 4.67 30.67
N ALA D 247 1.47 4.61 29.80
CA ALA D 247 2.15 5.83 29.33
C ALA D 247 1.26 6.62 28.37
N ALA D 248 1.36 7.95 28.41
CA ALA D 248 0.57 8.82 27.55
C ALA D 248 1.17 8.90 26.14
N ALA D 249 2.48 9.13 26.07
CA ALA D 249 3.18 9.23 24.80
C ALA D 249 3.32 7.83 24.20
N ALA D 250 3.34 7.75 22.88
CA ALA D 250 3.47 6.48 22.20
C ALA D 250 4.89 6.19 21.76
N ARG D 251 5.45 5.09 22.27
CA ARG D 251 6.80 4.69 21.91
C ARG D 251 6.80 3.61 20.85
N PRO D 252 7.91 3.50 20.12
CA PRO D 252 8.04 2.50 19.08
C PRO D 252 8.49 1.18 19.68
N LYS D 253 8.20 0.08 19.02
CA LYS D 253 8.60 -1.23 19.52
C LYS D 253 10.08 -1.46 19.21
N TYR D 254 10.54 -0.90 18.10
CA TYR D 254 11.94 -1.03 17.68
C TYR D 254 12.58 0.34 17.46
N SER D 255 13.38 0.76 18.43
CA SER D 255 14.08 2.04 18.41
C SER D 255 15.57 1.80 18.13
N ILE D 256 15.87 1.34 16.92
CA ILE D 256 17.25 1.05 16.52
C ILE D 256 17.67 1.76 15.23
N PHE D 257 18.92 2.19 15.15
CA PHE D 257 19.44 2.86 13.95
C PHE D 257 20.43 1.98 13.20
N GLN D 258 20.80 2.43 12.01
CA GLN D 258 21.79 1.77 11.17
C GLN D 258 22.84 2.87 11.10
N HIS D 259 24.05 2.57 11.54
CA HIS D 259 25.13 3.55 11.55
C HIS D 259 25.88 3.62 10.21
N ASN D 260 25.18 4.02 9.16
CA ASN D 260 25.77 4.13 7.83
C ASN D 260 26.73 5.30 7.60
N MET D 261 26.40 6.49 8.12
CA MET D 261 27.27 7.65 7.93
C MET D 261 28.64 7.53 8.59
N LEU D 262 28.70 6.89 9.75
CA LEU D 262 29.98 6.72 10.45
C LEU D 262 30.89 5.88 9.55
N ARG D 263 30.31 4.84 8.96
CA ARG D 263 31.01 3.94 8.05
C ARG D 263 31.44 4.67 6.79
N LEU D 264 30.46 5.28 6.13
CA LEU D 264 30.70 6.01 4.90
C LEU D 264 31.70 7.16 5.05
N ASN D 265 31.82 7.70 6.26
CA ASN D 265 32.75 8.80 6.51
C ASN D 265 34.05 8.35 7.20
N GLY D 266 34.36 7.07 7.06
CA GLY D 266 35.57 6.47 7.63
C GLY D 266 35.71 6.34 9.14
N PHE D 267 34.67 6.68 9.90
CA PHE D 267 34.78 6.57 11.36
C PHE D 267 34.70 5.13 11.84
N LEU D 268 35.06 4.93 13.10
CA LEU D 268 35.03 3.60 13.71
C LEU D 268 33.64 3.33 14.26
N GLN D 269 33.23 2.07 14.22
CA GLN D 269 31.90 1.72 14.73
C GLN D 269 31.84 1.97 16.23
N MET D 270 30.66 2.34 16.70
CA MET D 270 30.45 2.62 18.10
C MET D 270 30.66 1.37 18.96
N PRO D 271 30.90 1.56 20.27
CA PRO D 271 31.08 0.42 21.14
C PRO D 271 29.70 -0.14 21.47
N SER D 272 29.62 -1.39 21.90
CA SER D 272 28.33 -2.00 22.23
C SER D 272 27.67 -1.24 23.38
N TRP D 273 26.34 -1.33 23.47
CA TRP D 273 25.62 -0.64 24.55
C TRP D 273 26.04 -1.27 25.86
N GLU D 274 26.44 -2.53 25.75
CA GLU D 274 26.87 -3.30 26.89
C GLU D 274 28.21 -2.75 27.36
N GLU D 275 29.08 -2.43 26.41
CA GLU D 275 30.40 -1.86 26.72
C GLU D 275 30.29 -0.43 27.23
N GLY D 276 29.26 0.28 26.77
CA GLY D 276 29.04 1.66 27.18
C GLY D 276 28.60 1.68 28.63
N LEU D 277 27.65 0.81 28.96
CA LEU D 277 27.13 0.74 30.31
C LEU D 277 28.24 0.27 31.24
N GLU D 278 29.11 -0.57 30.71
CA GLU D 278 30.22 -1.09 31.48
C GLU D 278 31.12 0.04 31.96
N ARG D 279 31.50 0.93 31.06
CA ARG D 279 32.37 2.02 31.48
C ARG D 279 31.62 3.17 32.17
N PHE D 280 30.31 3.03 32.28
CA PHE D 280 29.50 4.04 32.94
C PHE D 280 29.82 3.94 34.42
N PHE D 281 29.83 2.70 34.92
CA PHE D 281 30.13 2.45 36.32
C PHE D 281 31.60 2.67 36.65
N ILE D 282 32.48 2.46 35.67
CA ILE D 282 33.91 2.65 35.89
C ILE D 282 34.23 4.13 36.10
N GLU D 283 33.39 5.02 35.55
CA GLU D 283 33.60 6.46 35.68
C GLU D 283 32.70 7.11 36.74
N THR D 284 32.18 6.31 37.67
CA THR D 284 31.31 6.81 38.74
C THR D 284 31.53 6.04 40.05
N LYS E 5 38.74 34.61 -19.07
CA LYS E 5 38.11 33.28 -19.27
C LYS E 5 37.74 32.62 -17.95
N GLU E 6 36.58 31.99 -17.90
CA GLU E 6 36.13 31.32 -16.68
C GLU E 6 36.81 29.95 -16.62
N ARG E 7 36.93 29.39 -15.42
CA ARG E 7 37.59 28.09 -15.24
C ARG E 7 36.54 27.03 -15.00
N VAL E 8 36.80 25.83 -15.51
CA VAL E 8 35.86 24.74 -15.35
C VAL E 8 36.55 23.45 -14.92
N ILE E 9 36.06 22.86 -13.83
CA ILE E 9 36.61 21.61 -13.32
C ILE E 9 35.72 20.47 -13.74
N ILE E 10 36.32 19.41 -14.27
CA ILE E 10 35.57 18.24 -14.70
C ILE E 10 36.03 17.05 -13.86
N THR E 11 35.22 16.66 -12.88
CA THR E 11 35.54 15.53 -12.02
C THR E 11 35.16 14.26 -12.77
N GLY E 12 35.93 13.19 -12.60
CA GLY E 12 35.65 11.94 -13.29
C GLY E 12 35.85 12.14 -14.78
N ALA E 13 36.89 12.89 -15.12
CA ALA E 13 37.22 13.20 -16.51
C ALA E 13 37.50 12.02 -17.47
N ASN E 14 37.85 10.84 -16.97
CA ASN E 14 38.13 9.69 -17.86
C ASN E 14 36.93 8.83 -18.27
N GLY E 15 35.74 9.12 -17.74
CA GLY E 15 34.53 8.36 -18.08
C GLY E 15 33.99 8.83 -19.42
N GLN E 16 32.79 8.36 -19.78
CA GLN E 16 32.17 8.76 -21.05
C GLN E 16 32.02 10.28 -21.20
N LEU E 17 31.28 10.91 -20.27
CA LEU E 17 31.08 12.37 -20.33
C LEU E 17 32.35 13.14 -20.25
N GLY E 18 32.95 13.16 -19.06
CA GLY E 18 34.19 13.88 -18.83
C GLY E 18 35.13 13.84 -20.01
N LYS E 19 35.39 12.63 -20.50
CA LYS E 19 36.28 12.43 -21.64
C LYS E 19 35.82 13.19 -22.88
N GLN E 20 34.53 13.10 -23.21
CA GLN E 20 34.01 13.77 -24.39
C GLN E 20 33.59 15.22 -24.13
N LEU E 21 33.23 15.53 -22.87
CA LEU E 21 32.81 16.88 -22.50
C LEU E 21 34.00 17.83 -22.64
N GLN E 22 35.16 17.35 -22.20
CA GLN E 22 36.41 18.09 -22.26
C GLN E 22 36.74 18.55 -23.68
N GLU E 23 36.44 17.70 -24.65
CA GLU E 23 36.70 17.99 -26.06
C GLU E 23 35.69 18.95 -26.67
N GLU E 24 34.44 18.88 -26.20
CA GLU E 24 33.39 19.74 -26.74
C GLU E 24 33.31 21.15 -26.15
N LEU E 25 33.70 21.35 -24.89
CA LEU E 25 33.67 22.70 -24.33
C LEU E 25 34.71 23.55 -25.07
N ASN E 26 34.33 24.77 -25.42
CA ASN E 26 35.22 25.67 -26.15
C ASN E 26 36.40 26.12 -25.27
N PRO E 27 37.64 25.81 -25.71
CA PRO E 27 38.83 26.20 -24.95
C PRO E 27 39.15 27.69 -24.98
N GLU E 28 38.69 28.39 -26.01
CA GLU E 28 38.93 29.82 -26.13
C GLU E 28 37.88 30.64 -25.39
N GLU E 29 37.04 29.94 -24.63
CA GLU E 29 36.00 30.58 -23.85
C GLU E 29 36.22 30.23 -22.39
N TYR E 30 36.61 28.98 -22.11
CA TYR E 30 36.86 28.51 -20.76
C TYR E 30 38.23 27.84 -20.62
N ASP E 31 38.72 27.80 -19.39
CA ASP E 31 39.98 27.16 -19.08
C ASP E 31 39.54 25.84 -18.44
N ILE E 32 39.64 24.78 -19.21
CA ILE E 32 39.24 23.45 -18.77
C ILE E 32 40.28 22.73 -17.92
N TYR E 33 39.89 22.35 -16.71
CA TYR E 33 40.78 21.64 -15.78
C TYR E 33 40.17 20.28 -15.46
N PRO E 34 40.46 19.26 -16.30
CA PRO E 34 39.93 17.93 -16.06
C PRO E 34 40.74 17.19 -15.00
N PHE E 35 40.07 16.33 -14.23
CA PHE E 35 40.72 15.55 -13.18
C PHE E 35 40.30 14.10 -13.17
N ASP E 36 41.32 13.24 -13.08
CA ASP E 36 41.14 11.82 -13.04
C ASP E 36 40.87 11.42 -11.59
N LYS E 37 40.46 10.18 -11.40
CA LYS E 37 40.16 9.65 -10.08
C LYS E 37 41.36 9.78 -9.14
N LYS E 38 42.57 9.71 -9.70
CA LYS E 38 43.80 9.82 -8.90
C LYS E 38 44.11 11.25 -8.46
N LEU E 39 44.13 12.18 -9.42
CA LEU E 39 44.42 13.59 -9.12
C LEU E 39 43.31 14.27 -8.33
N LEU E 40 42.11 13.70 -8.34
CA LEU E 40 40.97 14.26 -7.60
C LEU E 40 39.98 13.17 -7.19
N ASP E 41 40.20 12.62 -6.00
CA ASP E 41 39.34 11.58 -5.45
C ASP E 41 38.26 12.29 -4.64
N ILE E 42 37.03 12.30 -5.16
CA ILE E 42 35.91 12.97 -4.49
C ILE E 42 35.61 12.43 -3.08
N THR E 43 36.12 11.25 -2.77
CA THR E 43 35.91 10.64 -1.46
C THR E 43 36.94 11.17 -0.48
N ASN E 44 37.97 11.83 -1.00
CA ASN E 44 39.04 12.41 -0.19
C ASN E 44 38.74 13.89 0.00
N ILE E 45 38.11 14.21 1.12
CA ILE E 45 37.73 15.59 1.44
C ILE E 45 38.89 16.59 1.42
N SER E 46 40.04 16.20 1.93
CA SER E 46 41.18 17.10 1.96
C SER E 46 41.70 17.42 0.55
N GLN E 47 41.64 16.43 -0.34
CA GLN E 47 42.12 16.64 -1.70
C GLN E 47 41.17 17.49 -2.55
N VAL E 48 39.86 17.30 -2.39
CA VAL E 48 38.91 18.09 -3.18
C VAL E 48 39.07 19.56 -2.81
N GLN E 49 39.27 19.84 -1.53
CA GLN E 49 39.43 21.21 -1.08
C GLN E 49 40.74 21.80 -1.60
N GLN E 50 41.79 20.99 -1.63
CA GLN E 50 43.08 21.46 -2.12
C GLN E 50 42.99 21.86 -3.58
N VAL E 51 42.38 21.01 -4.39
CA VAL E 51 42.24 21.27 -5.83
C VAL E 51 41.26 22.40 -6.14
N VAL E 52 40.10 22.41 -5.47
CA VAL E 52 39.11 23.45 -5.70
C VAL E 52 39.64 24.83 -5.27
N GLN E 53 40.32 24.89 -4.13
CA GLN E 53 40.88 26.15 -3.63
C GLN E 53 41.94 26.68 -4.59
N GLU E 54 42.84 25.79 -5.03
CA GLU E 54 43.91 26.16 -5.96
C GLU E 54 43.38 26.76 -7.25
N ILE E 55 42.46 26.05 -7.90
CA ILE E 55 41.88 26.51 -9.16
C ILE E 55 40.83 27.59 -8.97
N ARG E 56 40.15 27.55 -7.82
CA ARG E 56 39.10 28.52 -7.49
C ARG E 56 38.28 28.76 -8.76
N PRO E 57 37.56 27.72 -9.22
CA PRO E 57 36.74 27.75 -10.43
C PRO E 57 35.37 28.40 -10.30
N HIS E 58 34.81 28.71 -11.47
CA HIS E 58 33.49 29.33 -11.58
C HIS E 58 32.45 28.24 -11.72
N ILE E 59 32.81 27.22 -12.50
CA ILE E 59 31.91 26.11 -12.77
C ILE E 59 32.56 24.75 -12.47
N ILE E 60 31.75 23.82 -12.01
CA ILE E 60 32.20 22.46 -11.70
C ILE E 60 31.21 21.47 -12.29
N ILE E 61 31.66 20.73 -13.29
CA ILE E 61 30.81 19.74 -13.93
C ILE E 61 31.17 18.41 -13.31
N HIS E 62 30.40 18.02 -12.30
CA HIS E 62 30.64 16.79 -11.57
C HIS E 62 30.18 15.53 -12.32
N CYS E 63 31.15 14.75 -12.80
CA CYS E 63 30.87 13.51 -13.54
C CYS E 63 31.33 12.28 -12.77
N ALA E 64 32.02 12.48 -11.66
CA ALA E 64 32.51 11.37 -10.85
C ALA E 64 31.34 10.55 -10.34
N ALA E 65 31.43 9.24 -10.49
CA ALA E 65 30.37 8.37 -10.03
C ALA E 65 30.71 6.89 -10.18
N TYR E 66 29.95 6.07 -9.46
CA TYR E 66 30.08 4.62 -9.48
C TYR E 66 28.88 4.22 -10.32
N THR E 67 29.15 3.83 -11.57
CA THR E 67 28.08 3.44 -12.48
C THR E 67 27.83 1.94 -12.70
N LYS E 68 28.18 1.10 -11.72
CA LYS E 68 27.97 -0.34 -11.85
C LYS E 68 26.63 -0.67 -11.19
N VAL E 69 25.55 -0.56 -11.96
CA VAL E 69 24.19 -0.83 -11.46
C VAL E 69 24.02 -2.19 -10.75
N ASP E 70 24.38 -3.29 -11.42
CA ASP E 70 24.25 -4.63 -10.82
C ASP E 70 25.15 -4.81 -9.59
N GLN E 71 26.40 -4.42 -9.71
CA GLN E 71 27.35 -4.54 -8.61
C GLN E 71 26.94 -3.66 -7.43
N ALA E 72 26.20 -2.59 -7.71
CA ALA E 72 25.76 -1.67 -6.68
C ALA E 72 24.96 -2.41 -5.59
N GLU E 73 24.26 -3.47 -5.98
CA GLU E 73 23.46 -4.26 -5.04
C GLU E 73 24.34 -5.01 -4.02
N LYS E 74 25.57 -5.32 -4.41
CA LYS E 74 26.50 -6.02 -3.53
C LYS E 74 27.64 -5.13 -3.04
N GLU E 75 27.69 -3.90 -3.57
CA GLU E 75 28.72 -2.92 -3.19
C GLU E 75 28.01 -1.65 -2.75
N ARG E 76 27.03 -1.81 -1.86
CA ARG E 76 26.24 -0.70 -1.34
C ARG E 76 27.07 0.47 -0.82
N ASP E 77 27.97 0.22 0.12
CA ASP E 77 28.80 1.29 0.66
C ASP E 77 29.62 1.99 -0.40
N LEU E 78 30.20 1.22 -1.31
CA LEU E 78 31.03 1.78 -2.37
C LEU E 78 30.18 2.76 -3.20
N ALA E 79 28.95 2.37 -3.51
CA ALA E 79 28.04 3.21 -4.29
C ALA E 79 27.80 4.53 -3.56
N TYR E 80 27.35 4.47 -2.30
CA TYR E 80 27.10 5.69 -1.51
C TYR E 80 28.31 6.59 -1.28
N VAL E 81 29.45 6.00 -0.90
CA VAL E 81 30.64 6.81 -0.66
C VAL E 81 30.95 7.66 -1.89
N ILE E 82 30.94 7.04 -3.06
CA ILE E 82 31.22 7.78 -4.29
C ILE E 82 30.06 8.67 -4.75
N ASN E 83 28.90 8.06 -4.96
CA ASN E 83 27.71 8.81 -5.43
C ASN E 83 27.05 9.79 -4.46
N ALA E 84 27.04 9.49 -3.16
CA ALA E 84 26.42 10.38 -2.16
C ALA E 84 27.46 11.23 -1.43
N ILE E 85 28.36 10.57 -0.71
CA ILE E 85 29.40 11.26 0.03
C ILE E 85 30.29 12.06 -0.90
N GLY E 86 30.60 11.50 -2.06
CA GLY E 86 31.43 12.19 -3.04
C GLY E 86 30.78 13.50 -3.41
N ALA E 87 29.47 13.44 -3.69
CA ALA E 87 28.69 14.61 -4.05
C ALA E 87 28.73 15.66 -2.93
N ARG E 88 28.62 15.22 -1.68
CA ARG E 88 28.64 16.15 -0.55
C ARG E 88 29.91 16.98 -0.56
N ASN E 89 31.04 16.28 -0.53
CA ASN E 89 32.35 16.90 -0.53
C ASN E 89 32.46 17.98 -1.60
N VAL E 90 32.14 17.63 -2.84
CA VAL E 90 32.21 18.61 -3.91
C VAL E 90 31.21 19.75 -3.64
N ALA E 91 30.03 19.39 -3.15
CA ALA E 91 29.01 20.39 -2.83
C ALA E 91 29.57 21.42 -1.84
N VAL E 92 30.20 20.94 -0.77
CA VAL E 92 30.78 21.83 0.23
C VAL E 92 31.91 22.67 -0.36
N ALA E 93 32.83 22.03 -1.07
CA ALA E 93 33.96 22.73 -1.67
C ALA E 93 33.47 23.83 -2.63
N SER E 94 32.41 23.53 -3.38
CA SER E 94 31.84 24.48 -4.32
C SER E 94 31.22 25.69 -3.63
N GLN E 95 30.55 25.43 -2.51
CA GLN E 95 29.88 26.49 -1.74
C GLN E 95 30.92 27.51 -1.26
N LEU E 96 32.07 27.03 -0.78
CA LEU E 96 33.11 27.94 -0.29
C LEU E 96 33.71 28.78 -1.41
N VAL E 97 33.98 28.15 -2.55
CA VAL E 97 34.56 28.85 -3.69
C VAL E 97 33.51 29.64 -4.50
N GLY E 98 32.23 29.47 -4.17
CA GLY E 98 31.13 30.17 -4.86
C GLY E 98 30.96 29.80 -6.33
N ALA E 99 31.29 28.56 -6.68
CA ALA E 99 31.18 28.11 -8.06
C ALA E 99 29.83 27.46 -8.38
N LYS E 100 29.44 27.52 -9.65
CA LYS E 100 28.18 26.93 -10.10
C LYS E 100 28.51 25.44 -10.17
N LEU E 101 27.58 24.59 -9.74
CA LEU E 101 27.80 23.14 -9.76
C LEU E 101 26.82 22.37 -10.61
N VAL E 102 27.33 21.42 -11.40
CA VAL E 102 26.49 20.59 -12.25
C VAL E 102 26.59 19.15 -11.77
N TYR E 103 25.49 18.62 -11.25
CA TYR E 103 25.48 17.25 -10.77
C TYR E 103 24.67 16.40 -11.71
N ILE E 104 25.35 15.56 -12.48
CA ILE E 104 24.69 14.70 -13.42
C ILE E 104 23.99 13.61 -12.58
N SER E 105 22.74 13.30 -12.92
CA SER E 105 21.98 12.29 -12.19
C SER E 105 21.29 11.31 -13.14
N THR E 106 20.40 10.47 -12.61
CA THR E 106 19.69 9.49 -13.43
C THR E 106 18.19 9.34 -13.16
N ASP E 107 17.54 8.59 -14.05
CA ASP E 107 16.10 8.33 -13.95
C ASP E 107 15.82 7.26 -12.90
N TYR E 108 16.84 6.49 -12.51
CA TYR E 108 16.67 5.45 -11.51
C TYR E 108 16.26 5.98 -10.14
N VAL E 109 16.06 7.30 -10.05
CA VAL E 109 15.64 7.91 -8.80
C VAL E 109 14.13 7.77 -8.67
N PHE E 110 13.47 7.37 -9.76
CA PHE E 110 12.02 7.19 -9.78
C PHE E 110 11.70 5.71 -10.02
N GLN E 111 10.43 5.34 -9.85
CA GLN E 111 9.99 3.96 -10.03
C GLN E 111 10.09 3.53 -11.50
N GLY E 112 9.69 4.41 -12.40
CA GLY E 112 9.75 4.14 -13.84
C GLY E 112 8.62 3.25 -14.33
N ASP E 113 7.49 3.26 -13.63
CA ASP E 113 6.33 2.45 -14.00
C ASP E 113 5.27 3.33 -14.69
N ARG E 114 5.58 4.62 -14.80
CA ARG E 114 4.68 5.59 -15.43
C ARG E 114 5.13 5.74 -16.89
N PRO E 115 4.32 5.23 -17.84
CA PRO E 115 4.66 5.31 -19.27
C PRO E 115 4.94 6.70 -19.82
N GLU E 116 4.21 7.69 -19.32
CA GLU E 116 4.39 9.08 -19.75
C GLU E 116 5.47 9.87 -18.99
N GLY E 117 6.24 9.17 -18.17
CA GLY E 117 7.33 9.76 -17.39
C GLY E 117 7.01 10.74 -16.28
N TYR E 118 8.02 11.01 -15.44
CA TYR E 118 7.88 11.95 -14.33
C TYR E 118 8.50 13.30 -14.69
N ASP E 119 8.10 14.35 -13.98
CA ASP E 119 8.64 15.69 -14.24
C ASP E 119 9.64 16.02 -13.15
N GLU E 120 10.22 17.20 -13.24
CA GLU E 120 11.20 17.64 -12.28
C GLU E 120 10.65 17.93 -10.88
N PHE E 121 9.34 17.90 -10.70
CA PHE E 121 8.76 18.20 -9.38
C PHE E 121 8.17 17.05 -8.56
N HIS E 122 8.15 15.83 -9.10
N HIS E 122 8.17 15.83 -9.09
CA HIS E 122 7.60 14.70 -8.34
CA HIS E 122 7.61 14.69 -8.36
C HIS E 122 8.63 14.14 -7.36
C HIS E 122 8.64 14.13 -7.37
N ASN E 123 8.15 13.68 -6.21
CA ASN E 123 9.01 13.12 -5.17
C ASN E 123 9.61 11.80 -5.63
N PRO E 124 10.94 11.74 -5.72
CA PRO E 124 11.57 10.50 -6.16
C PRO E 124 11.43 9.34 -5.19
N ALA E 125 11.53 8.13 -5.73
CA ALA E 125 11.44 6.89 -4.96
C ALA E 125 12.32 5.91 -5.74
N PRO E 126 13.64 6.00 -5.54
CA PRO E 126 14.66 5.17 -6.20
C PRO E 126 14.26 3.70 -6.36
N ILE E 127 14.48 3.19 -7.56
CA ILE E 127 14.15 1.81 -7.90
C ILE E 127 15.23 0.82 -7.48
N ASN E 128 16.45 1.30 -7.21
CA ASN E 128 17.55 0.43 -6.80
C ASN E 128 18.67 1.19 -6.10
N ILE E 129 19.67 0.46 -5.61
CA ILE E 129 20.81 1.08 -4.90
C ILE E 129 21.46 2.19 -5.71
N TYR E 130 21.84 1.89 -6.95
CA TYR E 130 22.45 2.91 -7.80
C TYR E 130 21.64 4.19 -7.78
N GLY E 131 20.34 4.06 -8.07
CA GLY E 131 19.44 5.20 -8.08
C GLY E 131 19.31 5.87 -6.73
N ALA E 132 19.34 5.07 -5.66
CA ALA E 132 19.22 5.60 -4.30
C ALA E 132 20.49 6.36 -3.89
N SER E 133 21.63 5.92 -4.42
CA SER E 133 22.91 6.56 -4.12
C SER E 133 22.97 7.92 -4.81
N LYS E 134 22.49 7.97 -6.05
CA LYS E 134 22.48 9.20 -6.82
C LYS E 134 21.55 10.21 -6.16
N TYR E 135 20.37 9.77 -5.77
CA TYR E 135 19.41 10.65 -5.11
C TYR E 135 20.00 11.21 -3.83
N ALA E 136 20.74 10.39 -3.09
CA ALA E 136 21.36 10.82 -1.86
C ALA E 136 22.37 11.90 -2.24
N GLY E 137 23.00 11.73 -3.41
CA GLY E 137 23.96 12.70 -3.90
C GLY E 137 23.27 14.02 -4.18
N GLU E 138 22.13 13.96 -4.85
CA GLU E 138 21.36 15.16 -5.16
C GLU E 138 21.00 15.88 -3.88
N GLN E 139 20.48 15.14 -2.91
CA GLN E 139 20.09 15.74 -1.64
C GLN E 139 21.21 16.55 -0.98
N PHE E 140 22.44 16.04 -0.96
CA PHE E 140 23.51 16.83 -0.36
C PHE E 140 23.78 18.08 -1.18
N VAL E 141 23.78 17.95 -2.51
CA VAL E 141 24.03 19.09 -3.37
C VAL E 141 23.06 20.22 -3.05
N LYS E 142 21.78 19.91 -3.04
CA LYS E 142 20.75 20.90 -2.76
C LYS E 142 20.80 21.40 -1.31
N GLU E 143 21.13 20.50 -0.39
CA GLU E 143 21.21 20.80 1.05
C GLU E 143 22.45 21.56 1.55
N LEU E 144 23.51 21.59 0.76
CA LEU E 144 24.73 22.28 1.18
C LEU E 144 25.18 23.43 0.28
N HIS E 145 24.81 23.38 -1.00
CA HIS E 145 25.20 24.43 -1.93
C HIS E 145 23.93 25.11 -2.45
N ASN E 146 24.05 26.33 -2.99
CA ASN E 146 22.87 27.04 -3.50
C ASN E 146 22.96 27.58 -4.93
N LYS E 147 23.94 27.12 -5.69
CA LYS E 147 24.11 27.54 -7.08
C LYS E 147 24.43 26.28 -7.85
N TYR E 148 23.39 25.54 -8.21
CA TYR E 148 23.55 24.29 -8.92
C TYR E 148 22.57 23.98 -10.04
N PHE E 149 22.87 22.90 -10.75
CA PHE E 149 22.06 22.44 -11.83
C PHE E 149 22.05 20.93 -11.73
N ILE E 150 20.99 20.36 -11.17
CA ILE E 150 20.92 18.92 -11.07
C ILE E 150 20.36 18.51 -12.44
N VAL E 151 21.17 17.80 -13.20
CA VAL E 151 20.76 17.36 -14.53
C VAL E 151 20.63 15.84 -14.62
N ARG E 152 19.39 15.36 -14.63
CA ARG E 152 19.10 13.93 -14.72
C ARG E 152 19.02 13.49 -16.18
N THR E 153 19.68 12.38 -16.50
CA THR E 153 19.64 11.87 -17.86
C THR E 153 19.38 10.37 -17.78
N SER E 154 19.47 9.67 -18.91
CA SER E 154 19.22 8.23 -18.93
C SER E 154 19.70 7.57 -20.21
N TRP E 155 19.95 6.27 -20.14
CA TRP E 155 20.39 5.52 -21.34
C TRP E 155 21.40 6.35 -22.10
N LEU E 156 22.42 6.79 -21.39
CA LEU E 156 23.47 7.62 -21.93
C LEU E 156 24.60 6.80 -22.60
N TYR E 157 25.04 7.25 -23.77
CA TYR E 157 26.11 6.57 -24.50
C TYR E 157 27.00 7.59 -25.20
N GLY E 158 28.31 7.36 -25.19
CA GLY E 158 29.25 8.28 -25.83
C GLY E 158 30.25 7.56 -26.73
N LYS E 159 31.25 8.31 -27.21
CA LYS E 159 32.27 7.76 -28.09
C LYS E 159 33.27 6.95 -27.29
N TYR E 160 33.43 7.30 -26.02
CA TYR E 160 34.37 6.62 -25.14
C TYR E 160 33.68 5.77 -24.08
N GLY E 161 34.46 4.91 -23.44
CA GLY E 161 33.96 4.02 -22.38
C GLY E 161 33.08 2.89 -22.85
N ASN E 162 32.38 2.27 -21.89
CA ASN E 162 31.48 1.16 -22.15
C ASN E 162 30.02 1.60 -22.17
N ASN E 163 29.32 1.28 -23.25
CA ASN E 163 27.92 1.64 -23.40
C ASN E 163 27.20 0.58 -24.22
N PHE E 164 25.87 0.67 -24.26
CA PHE E 164 25.07 -0.28 -25.00
C PHE E 164 25.36 -0.21 -26.50
N VAL E 165 25.60 0.98 -27.02
CA VAL E 165 25.89 1.15 -28.45
C VAL E 165 27.13 0.38 -28.87
N LYS E 166 28.25 0.60 -28.19
CA LYS E 166 29.47 -0.11 -28.54
C LYS E 166 29.32 -1.60 -28.30
N THR E 167 28.68 -1.94 -27.18
CA THR E 167 28.47 -3.34 -26.83
C THR E 167 27.84 -4.06 -28.01
N MET E 168 26.81 -3.45 -28.61
CA MET E 168 26.12 -4.05 -29.75
C MET E 168 27.07 -4.22 -30.94
N ILE E 169 27.89 -3.22 -31.19
CA ILE E 169 28.84 -3.27 -32.30
C ILE E 169 29.89 -4.36 -32.08
N ARG E 170 30.34 -4.49 -30.83
CA ARG E 170 31.34 -5.49 -30.48
C ARG E 170 30.78 -6.91 -30.56
N LEU E 171 29.52 -7.08 -30.18
CA LEU E 171 28.88 -8.40 -30.23
C LEU E 171 28.53 -8.77 -31.67
N GLY E 172 28.25 -7.75 -32.50
CA GLY E 172 27.92 -7.98 -33.91
C GLY E 172 29.21 -8.30 -34.65
N LYS E 173 30.33 -8.00 -33.98
CA LYS E 173 31.68 -8.22 -34.50
C LYS E 173 32.12 -9.67 -34.22
N GLU E 174 31.31 -10.40 -33.44
CA GLU E 174 31.62 -11.79 -33.08
C GLU E 174 30.57 -12.80 -33.54
N ARG E 175 29.38 -12.71 -32.96
CA ARG E 175 28.27 -13.62 -33.28
C ARG E 175 27.32 -13.14 -34.37
N GLU E 176 26.46 -14.06 -34.82
CA GLU E 176 25.48 -13.79 -35.87
C GLU E 176 24.16 -13.23 -35.30
N GLU E 177 23.63 -13.84 -34.24
CA GLU E 177 22.39 -13.35 -33.65
C GLU E 177 22.58 -12.99 -32.18
N ILE E 178 21.92 -11.92 -31.75
CA ILE E 178 21.99 -11.44 -30.38
C ILE E 178 20.62 -11.27 -29.75
N SER E 179 20.51 -11.54 -28.45
CA SER E 179 19.26 -11.40 -27.73
C SER E 179 19.26 -10.08 -26.99
N VAL E 180 18.21 -9.29 -27.17
CA VAL E 180 18.10 -7.98 -26.51
C VAL E 180 16.74 -7.82 -25.85
N VAL E 181 16.72 -7.24 -24.66
CA VAL E 181 15.48 -7.01 -23.92
C VAL E 181 14.52 -6.09 -24.68
N ALA E 182 13.24 -6.45 -24.72
CA ALA E 182 12.23 -5.66 -25.42
C ALA E 182 11.03 -5.19 -24.56
N ASP E 183 10.97 -5.61 -23.30
CA ASP E 183 9.86 -5.22 -22.41
C ASP E 183 10.32 -4.17 -21.40
N GLN E 184 11.26 -3.36 -21.86
CA GLN E 184 11.84 -2.33 -21.05
C GLN E 184 12.22 -1.19 -21.99
N ILE E 185 11.48 -0.08 -21.92
CA ILE E 185 11.76 1.05 -22.79
C ILE E 185 12.32 2.25 -22.04
N GLY E 186 13.00 3.10 -22.78
CA GLY E 186 13.61 4.30 -22.23
C GLY E 186 13.94 5.24 -23.36
N SER E 187 14.64 6.32 -23.04
CA SER E 187 15.02 7.30 -24.05
C SER E 187 16.53 7.42 -24.12
N PRO E 188 17.14 6.84 -25.18
CA PRO E 188 18.59 6.88 -25.40
C PRO E 188 19.11 8.31 -25.46
N THR E 189 20.30 8.55 -24.91
CA THR E 189 20.87 9.88 -24.93
C THR E 189 22.33 9.86 -25.36
N TYR E 190 22.67 10.76 -26.30
CA TYR E 190 24.02 10.86 -26.80
C TYR E 190 24.76 12.01 -26.12
N VAL E 191 25.93 11.68 -25.56
CA VAL E 191 26.77 12.65 -24.86
C VAL E 191 26.85 14.01 -25.54
N ALA E 192 27.16 14.02 -26.83
CA ALA E 192 27.28 15.28 -27.57
C ALA E 192 26.03 16.15 -27.37
N ASP E 193 24.85 15.57 -27.57
CA ASP E 193 23.62 16.33 -27.39
C ASP E 193 23.45 16.76 -25.92
N LEU E 194 23.90 15.93 -24.99
CA LEU E 194 23.79 16.27 -23.58
C LEU E 194 24.71 17.44 -23.25
N ASN E 195 25.95 17.38 -23.73
CA ASN E 195 26.93 18.44 -23.49
C ASN E 195 26.44 19.78 -24.02
N VAL E 196 25.84 19.77 -25.20
CA VAL E 196 25.34 21.01 -25.79
C VAL E 196 24.41 21.68 -24.79
N MET E 197 23.55 20.89 -24.16
CA MET E 197 22.61 21.43 -23.20
C MET E 197 23.31 21.84 -21.92
N ILE E 198 24.35 21.10 -21.53
CA ILE E 198 25.09 21.44 -20.31
C ILE E 198 25.79 22.78 -20.53
N ASN E 199 26.39 22.94 -21.70
CA ASN E 199 27.10 24.16 -22.06
C ASN E 199 26.21 25.39 -21.86
N LYS E 200 24.98 25.29 -22.36
CA LYS E 200 24.02 26.39 -22.24
C LYS E 200 23.71 26.75 -20.78
N LEU E 201 23.43 25.73 -19.97
CA LEU E 201 23.11 25.94 -18.55
C LEU E 201 24.19 26.67 -17.77
N ILE E 202 25.44 26.26 -17.97
CA ILE E 202 26.57 26.89 -17.24
C ILE E 202 26.74 28.39 -17.48
N HIS E 203 26.36 28.88 -18.68
CA HIS E 203 26.49 30.31 -18.97
C HIS E 203 25.40 31.05 -18.22
N THR E 204 24.35 30.33 -17.85
CA THR E 204 23.21 30.92 -17.16
C THR E 204 23.30 30.80 -15.64
N SER E 205 22.27 31.30 -14.96
CA SER E 205 22.19 31.28 -13.52
C SER E 205 20.78 30.80 -13.13
N LEU E 206 20.19 29.98 -14.00
CA LEU E 206 18.84 29.41 -13.82
C LEU E 206 18.97 28.07 -13.09
N TYR E 207 19.26 28.13 -11.81
CA TYR E 207 19.45 26.93 -11.01
C TYR E 207 18.14 26.14 -10.81
N GLY E 208 18.30 24.82 -10.60
CA GLY E 208 17.16 23.92 -10.39
C GLY E 208 17.46 22.51 -10.89
N THR E 209 16.43 21.67 -10.95
CA THR E 209 16.57 20.29 -11.44
C THR E 209 16.01 20.18 -12.85
N TYR E 210 16.80 19.65 -13.77
CA TYR E 210 16.40 19.50 -15.17
C TYR E 210 16.51 18.08 -15.70
N HIS E 211 15.53 17.64 -16.50
CA HIS E 211 15.60 16.31 -17.09
C HIS E 211 16.11 16.55 -18.50
N VAL E 212 17.16 15.84 -18.90
CA VAL E 212 17.73 16.01 -20.23
C VAL E 212 18.03 14.69 -20.92
N SER E 213 17.38 14.47 -22.05
CA SER E 213 17.58 13.26 -22.83
C SER E 213 16.96 13.46 -24.20
N ASN E 214 17.41 12.68 -25.18
CA ASN E 214 16.86 12.81 -26.51
C ASN E 214 15.38 12.48 -26.43
N THR E 215 14.55 13.22 -27.17
CA THR E 215 13.11 12.99 -27.16
C THR E 215 12.75 11.63 -27.72
N GLY E 216 11.52 11.20 -27.47
CA GLY E 216 11.03 9.91 -27.95
C GLY E 216 11.46 8.80 -27.02
N SER E 217 11.17 7.56 -27.39
CA SER E 217 11.52 6.41 -26.59
C SER E 217 11.52 5.13 -27.41
N CYS E 218 12.15 4.09 -26.87
CA CYS E 218 12.24 2.81 -27.53
C CYS E 218 12.84 1.80 -26.59
N SER E 219 12.62 0.52 -26.87
CA SER E 219 13.15 -0.55 -26.05
C SER E 219 14.58 -0.78 -26.50
N TRP E 220 15.36 -1.51 -25.70
CA TRP E 220 16.73 -1.79 -26.09
C TRP E 220 16.72 -2.51 -27.45
N PHE E 221 15.72 -3.37 -27.64
CA PHE E 221 15.56 -4.12 -28.86
C PHE E 221 15.46 -3.25 -30.11
N GLU E 222 14.54 -2.29 -30.12
CA GLU E 222 14.41 -1.40 -31.30
C GLU E 222 15.71 -0.66 -31.50
N PHE E 223 16.20 -0.10 -30.40
CA PHE E 223 17.42 0.66 -30.36
C PHE E 223 18.59 -0.15 -30.92
N ALA E 224 18.61 -1.44 -30.63
CA ALA E 224 19.67 -2.32 -31.11
C ALA E 224 19.55 -2.47 -32.62
N LYS E 225 18.35 -2.78 -33.09
CA LYS E 225 18.09 -2.94 -34.51
C LYS E 225 18.36 -1.65 -35.26
N LYS E 226 18.13 -0.54 -34.60
CA LYS E 226 18.35 0.77 -35.18
C LYS E 226 19.86 0.98 -35.32
N ILE E 227 20.60 0.57 -34.30
CA ILE E 227 22.06 0.70 -34.28
C ILE E 227 22.72 -0.04 -35.43
N PHE E 228 22.29 -1.27 -35.69
CA PHE E 228 22.88 -2.03 -36.78
C PHE E 228 22.50 -1.43 -38.12
N SER E 229 21.34 -0.78 -38.17
CA SER E 229 20.87 -0.16 -39.40
C SER E 229 21.88 0.91 -39.84
N TYR E 230 22.14 1.89 -38.98
CA TYR E 230 23.10 2.96 -39.30
C TYR E 230 24.54 2.46 -39.37
N ALA E 231 24.83 1.35 -38.70
CA ALA E 231 26.18 0.80 -38.68
C ALA E 231 26.52 -0.07 -39.90
N ASN E 232 25.54 -0.33 -40.75
CA ASN E 232 25.74 -1.16 -41.94
C ASN E 232 26.19 -2.57 -41.59
N MET E 233 25.54 -3.16 -40.59
CA MET E 233 25.86 -4.52 -40.15
C MET E 233 24.64 -5.43 -40.21
N LYS E 234 24.83 -6.63 -40.77
CA LYS E 234 23.76 -7.60 -40.87
C LYS E 234 23.78 -8.44 -39.60
N VAL E 235 23.01 -8.02 -38.61
CA VAL E 235 22.94 -8.72 -37.34
C VAL E 235 21.49 -9.04 -36.99
N ASN E 236 21.20 -10.32 -36.83
CA ASN E 236 19.86 -10.78 -36.49
C ASN E 236 19.60 -10.58 -35.00
N VAL E 237 18.61 -9.74 -34.66
CA VAL E 237 18.30 -9.49 -33.26
C VAL E 237 17.02 -10.17 -32.81
N LEU E 238 17.12 -10.94 -31.73
CA LEU E 238 15.98 -11.65 -31.18
C LEU E 238 15.50 -10.94 -29.90
N PRO E 239 14.20 -10.67 -29.81
CA PRO E 239 13.68 -10.00 -28.63
C PRO E 239 13.54 -10.97 -27.45
N VAL E 240 13.65 -10.44 -26.24
CA VAL E 240 13.56 -11.23 -25.02
C VAL E 240 12.98 -10.39 -23.88
N SER E 241 12.43 -11.05 -22.85
CA SER E 241 11.86 -10.34 -21.70
C SER E 241 12.94 -10.11 -20.65
N THR E 242 12.64 -9.25 -19.69
CA THR E 242 13.59 -8.93 -18.61
C THR E 242 14.03 -10.12 -17.78
N GLU E 243 13.15 -11.11 -17.61
CA GLU E 243 13.47 -12.29 -16.82
C GLU E 243 14.60 -13.14 -17.39
N GLU E 244 14.74 -13.17 -18.72
CA GLU E 244 15.79 -13.96 -19.36
C GLU E 244 17.16 -13.31 -19.19
N PHE E 245 17.28 -12.06 -19.63
CA PHE E 245 18.54 -11.31 -19.55
C PHE E 245 18.78 -10.82 -18.13
N ALA E 249 20.23 -6.24 -10.36
CA ALA E 249 19.66 -4.91 -10.15
C ALA E 249 18.34 -4.75 -10.90
N ALA E 250 17.38 -4.08 -10.26
CA ALA E 250 16.07 -3.87 -10.85
C ALA E 250 15.97 -2.66 -11.77
N ARG E 251 15.42 -2.87 -12.95
CA ARG E 251 15.23 -1.80 -13.93
C ARG E 251 13.77 -1.44 -14.10
N PRO E 252 13.51 -0.18 -14.48
CA PRO E 252 12.16 0.27 -14.70
C PRO E 252 11.67 -0.20 -16.05
N LYS E 253 10.37 -0.21 -16.23
CA LYS E 253 9.80 -0.63 -17.50
C LYS E 253 9.75 0.57 -18.43
N TYR E 254 9.80 1.77 -17.86
CA TYR E 254 9.77 3.01 -18.62
C TYR E 254 10.77 4.05 -18.10
N SER E 255 11.84 4.29 -18.85
CA SER E 255 12.86 5.28 -18.49
C SER E 255 12.61 6.51 -19.34
N ILE E 256 11.53 7.21 -19.04
CA ILE E 256 11.16 8.41 -19.78
C ILE E 256 10.87 9.60 -18.87
N PHE E 257 11.33 10.78 -19.28
CA PHE E 257 11.11 12.01 -18.51
C PHE E 257 10.21 12.97 -19.27
N GLN E 258 9.76 14.00 -18.54
CA GLN E 258 8.93 15.05 -19.09
C GLN E 258 9.91 16.21 -19.01
N HIS E 259 10.14 16.89 -20.12
CA HIS E 259 11.09 18.00 -20.15
C HIS E 259 10.51 19.38 -19.83
N ASN E 260 9.94 19.54 -18.65
CA ASN E 260 9.34 20.82 -18.28
C ASN E 260 10.34 21.96 -18.08
N MET E 261 11.32 21.78 -17.19
CA MET E 261 12.33 22.83 -16.94
C MET E 261 13.01 23.40 -18.18
N LEU E 262 13.24 22.59 -19.21
CA LEU E 262 13.88 23.10 -20.42
C LEU E 262 13.05 24.15 -21.15
N ARG E 263 11.76 23.87 -21.41
CA ARG E 263 10.94 24.85 -22.11
C ARG E 263 10.55 25.99 -21.16
N LEU E 264 10.39 25.69 -19.87
CA LEU E 264 10.02 26.74 -18.92
C LEU E 264 11.16 27.74 -18.76
N ASN E 265 12.36 27.36 -19.21
CA ASN E 265 13.53 28.24 -19.12
C ASN E 265 14.05 28.68 -20.49
N GLY E 266 13.19 28.62 -21.49
CA GLY E 266 13.54 29.04 -22.84
C GLY E 266 14.54 28.24 -23.64
N PHE E 267 14.95 27.07 -23.17
CA PHE E 267 15.90 26.26 -23.94
C PHE E 267 15.17 25.48 -25.01
N LEU E 268 15.87 25.19 -26.11
CA LEU E 268 15.27 24.44 -27.20
C LEU E 268 15.17 22.97 -26.79
N GLN E 269 14.19 22.26 -27.33
CA GLN E 269 14.01 20.86 -27.01
C GLN E 269 15.16 20.03 -27.58
N MET E 270 15.49 18.94 -26.89
CA MET E 270 16.55 18.04 -27.32
C MET E 270 16.21 17.39 -28.65
N PRO E 271 17.21 16.84 -29.34
CA PRO E 271 16.93 16.17 -30.62
C PRO E 271 16.41 14.76 -30.35
N SER E 272 15.71 14.16 -31.32
CA SER E 272 15.18 12.81 -31.13
C SER E 272 16.31 11.83 -30.96
N TRP E 273 16.03 10.67 -30.37
CA TRP E 273 17.08 9.68 -30.15
C TRP E 273 17.62 9.15 -31.49
N GLU E 274 16.84 9.25 -32.56
CA GLU E 274 17.31 8.78 -33.87
C GLU E 274 18.39 9.75 -34.32
N GLU E 275 18.08 11.06 -34.21
CA GLU E 275 19.01 12.12 -34.61
C GLU E 275 20.28 12.05 -33.78
N GLY E 276 20.13 11.73 -32.50
CA GLY E 276 21.27 11.64 -31.60
C GLY E 276 22.14 10.46 -31.99
N LEU E 277 21.50 9.38 -32.41
CA LEU E 277 22.24 8.19 -32.80
C LEU E 277 22.93 8.43 -34.15
N GLU E 278 22.43 9.35 -34.96
CA GLU E 278 23.05 9.63 -36.26
C GLU E 278 24.38 10.31 -35.97
N ARG E 279 24.33 11.33 -35.09
CA ARG E 279 25.50 12.08 -34.68
C ARG E 279 26.63 11.14 -34.35
N PHE E 280 26.31 10.15 -33.53
CA PHE E 280 27.28 9.15 -33.10
C PHE E 280 28.02 8.49 -34.26
N PHE E 281 27.30 8.08 -35.30
CA PHE E 281 27.97 7.45 -36.45
C PHE E 281 28.64 8.46 -37.37
N ILE E 282 28.05 9.63 -37.54
CA ILE E 282 28.64 10.66 -38.40
C ILE E 282 29.97 11.09 -37.81
N GLU E 283 30.00 11.18 -36.48
CA GLU E 283 31.20 11.61 -35.75
C GLU E 283 32.07 10.43 -35.30
N THR E 284 31.91 9.26 -35.92
CA THR E 284 32.69 8.08 -35.56
C THR E 284 32.99 7.17 -36.75
N LYS E 285 32.96 7.71 -37.97
CA LYS E 285 33.23 6.88 -39.15
C LYS E 285 34.54 6.11 -38.99
N MET F 4 20.46 54.74 7.08
CA MET F 4 19.38 54.95 8.08
C MET F 4 18.11 54.19 7.71
N LYS F 5 17.46 54.62 6.63
CA LYS F 5 16.23 53.99 6.15
C LYS F 5 16.54 52.80 5.26
N GLU F 6 15.94 51.65 5.56
CA GLU F 6 16.17 50.45 4.76
C GLU F 6 15.43 50.54 3.43
N ARG F 7 15.95 49.85 2.42
CA ARG F 7 15.37 49.85 1.09
C ARG F 7 14.45 48.65 0.95
N VAL F 8 13.29 48.86 0.33
CA VAL F 8 12.32 47.79 0.13
C VAL F 8 11.77 47.72 -1.30
N ILE F 9 11.91 46.56 -1.93
CA ILE F 9 11.41 46.34 -3.27
C ILE F 9 10.12 45.53 -3.18
N ILE F 10 9.14 45.89 -3.99
CA ILE F 10 7.86 45.21 -4.02
C ILE F 10 7.59 44.81 -5.45
N THR F 11 7.73 43.51 -5.76
CA THR F 11 7.47 43.03 -7.11
C THR F 11 5.96 42.89 -7.25
N GLY F 12 5.44 43.17 -8.44
CA GLY F 12 4.00 43.08 -8.69
C GLY F 12 3.27 44.04 -7.76
N ALA F 13 3.72 45.30 -7.76
CA ALA F 13 3.14 46.34 -6.91
C ALA F 13 1.82 46.92 -7.41
N ASN F 14 1.30 46.38 -8.51
CA ASN F 14 0.04 46.89 -9.06
C ASN F 14 -1.16 46.00 -8.67
N GLY F 15 -0.90 44.81 -8.14
CA GLY F 15 -1.97 43.88 -7.72
C GLY F 15 -2.67 44.32 -6.45
N GLN F 16 -3.45 43.44 -5.81
CA GLN F 16 -4.15 43.81 -4.58
C GLN F 16 -3.17 44.22 -3.49
N LEU F 17 -2.31 43.29 -3.07
CA LEU F 17 -1.32 43.60 -2.02
C LEU F 17 -0.37 44.68 -2.44
N GLY F 18 0.36 44.42 -3.51
CA GLY F 18 1.33 45.35 -4.04
C GLY F 18 0.93 46.80 -3.98
N LYS F 19 -0.23 47.13 -4.54
CA LYS F 19 -0.72 48.49 -4.56
C LYS F 19 -1.13 49.01 -3.18
N GLN F 20 -1.64 48.15 -2.31
CA GLN F 20 -2.05 48.58 -0.97
C GLN F 20 -0.93 48.45 0.09
N LEU F 21 0.04 47.58 -0.17
CA LEU F 21 1.15 47.39 0.76
C LEU F 21 1.98 48.66 0.71
N GLN F 22 2.26 49.09 -0.51
CA GLN F 22 3.03 50.28 -0.81
C GLN F 22 2.55 51.52 -0.05
N GLU F 23 1.24 51.63 0.15
CA GLU F 23 0.66 52.78 0.87
C GLU F 23 0.71 52.60 2.37
N GLU F 24 0.77 51.35 2.83
CA GLU F 24 0.80 51.06 4.26
C GLU F 24 2.17 50.95 4.91
N LEU F 25 3.24 50.84 4.12
CA LEU F 25 4.58 50.76 4.68
C LEU F 25 4.95 52.20 5.02
N ASN F 26 5.47 52.41 6.23
CA ASN F 26 5.87 53.74 6.68
C ASN F 26 7.02 54.29 5.83
N PRO F 27 6.79 55.42 5.12
CA PRO F 27 7.82 56.00 4.27
C PRO F 27 9.00 56.60 5.04
N GLU F 28 8.78 56.95 6.31
CA GLU F 28 9.83 57.53 7.14
C GLU F 28 10.77 56.46 7.69
N GLU F 29 10.40 55.20 7.50
CA GLU F 29 11.18 54.06 7.96
C GLU F 29 11.83 53.33 6.78
N TYR F 30 11.22 53.40 5.61
CA TYR F 30 11.75 52.74 4.42
C TYR F 30 11.59 53.54 3.13
N ASP F 31 12.47 53.23 2.17
CA ASP F 31 12.46 53.85 0.86
C ASP F 31 11.82 52.77 0.00
N ILE F 32 10.52 52.87 -0.24
CA ILE F 32 9.83 51.87 -1.03
C ILE F 32 10.12 52.01 -2.52
N TYR F 33 10.47 50.89 -3.14
CA TYR F 33 10.77 50.84 -4.57
C TYR F 33 9.82 49.86 -5.24
N PRO F 34 8.60 50.32 -5.57
CA PRO F 34 7.61 49.47 -6.21
C PRO F 34 7.87 49.28 -7.70
N PHE F 35 7.59 48.08 -8.21
CA PHE F 35 7.80 47.78 -9.64
C PHE F 35 6.64 46.98 -10.23
N ASP F 36 6.15 47.46 -11.36
CA ASP F 36 5.06 46.81 -12.07
C ASP F 36 5.69 45.80 -13.02
N LYS F 37 4.83 45.02 -13.67
CA LYS F 37 5.23 43.99 -14.62
C LYS F 37 6.14 44.50 -15.75
N LYS F 38 6.08 45.80 -16.05
CA LYS F 38 6.90 46.37 -17.12
C LYS F 38 8.32 46.81 -16.72
N LEU F 39 8.48 47.37 -15.52
CA LEU F 39 9.81 47.81 -15.07
C LEU F 39 10.60 46.73 -14.35
N LEU F 40 9.97 45.58 -14.11
CA LEU F 40 10.63 44.46 -13.43
C LEU F 40 9.86 43.16 -13.66
N ASP F 41 10.16 42.52 -14.78
CA ASP F 41 9.53 41.26 -15.15
C ASP F 41 10.29 40.14 -14.43
N ILE F 42 9.64 39.48 -13.49
CA ILE F 42 10.29 38.40 -12.73
C ILE F 42 10.67 37.19 -13.58
N THR F 43 10.13 37.10 -14.79
CA THR F 43 10.45 35.97 -15.67
C THR F 43 11.74 36.27 -16.45
N ASN F 44 12.23 37.50 -16.36
CA ASN F 44 13.45 37.91 -17.03
C ASN F 44 14.52 38.05 -15.95
N ILE F 45 15.26 36.98 -15.74
CA ILE F 45 16.33 36.91 -14.72
C ILE F 45 17.37 38.03 -14.80
N SER F 46 17.82 38.37 -16.01
CA SER F 46 18.83 39.43 -16.16
C SER F 46 18.27 40.78 -15.72
N GLN F 47 16.98 41.01 -15.98
CA GLN F 47 16.37 42.27 -15.59
C GLN F 47 16.20 42.26 -14.08
N VAL F 48 15.92 41.09 -13.52
CA VAL F 48 15.73 40.95 -12.08
C VAL F 48 17.03 41.27 -11.34
N GLN F 49 18.13 40.68 -11.80
CA GLN F 49 19.43 40.92 -11.18
C GLN F 49 19.87 42.38 -11.33
N GLN F 50 19.77 42.91 -12.54
CA GLN F 50 20.16 44.28 -12.81
C GLN F 50 19.44 45.29 -11.91
N VAL F 51 18.15 45.07 -11.66
CA VAL F 51 17.36 45.97 -10.82
C VAL F 51 17.67 45.79 -9.32
N VAL F 52 17.94 44.55 -8.90
CA VAL F 52 18.25 44.27 -7.50
C VAL F 52 19.67 44.72 -7.17
N GLN F 53 20.62 44.51 -8.09
CA GLN F 53 22.01 44.90 -7.88
C GLN F 53 22.09 46.41 -7.68
N GLU F 54 21.38 47.16 -8.52
CA GLU F 54 21.37 48.61 -8.47
C GLU F 54 20.77 49.16 -7.18
N ILE F 55 19.56 48.71 -6.84
CA ILE F 55 18.91 49.18 -5.61
C ILE F 55 19.50 48.54 -4.36
N ARG F 56 20.01 47.32 -4.51
CA ARG F 56 20.62 46.58 -3.40
C ARG F 56 19.81 46.83 -2.12
N PRO F 57 18.63 46.19 -2.03
CA PRO F 57 17.72 46.31 -0.90
C PRO F 57 17.89 45.32 0.25
N HIS F 58 17.42 45.74 1.42
CA HIS F 58 17.48 44.94 2.64
C HIS F 58 16.31 43.96 2.67
N ILE F 59 15.20 44.35 2.03
CA ILE F 59 14.00 43.53 2.00
C ILE F 59 13.31 43.53 0.62
N ILE F 60 12.76 42.37 0.26
CA ILE F 60 12.05 42.21 -1.01
C ILE F 60 10.71 41.52 -0.72
N ILE F 61 9.61 42.19 -1.01
CA ILE F 61 8.29 41.61 -0.78
C ILE F 61 7.76 41.20 -2.13
N HIS F 62 7.88 39.91 -2.43
CA HIS F 62 7.43 39.35 -3.70
C HIS F 62 5.93 39.10 -3.79
N CYS F 63 5.22 40.06 -4.37
CA CYS F 63 3.76 39.99 -4.54
C CYS F 63 3.37 39.55 -5.96
N ALA F 64 4.34 39.62 -6.88
CA ALA F 64 4.10 39.23 -8.28
C ALA F 64 3.63 37.78 -8.35
N ALA F 65 2.64 37.52 -9.21
CA ALA F 65 2.11 36.17 -9.36
C ALA F 65 1.00 36.07 -10.41
N TYR F 66 0.72 34.83 -10.81
CA TYR F 66 -0.32 34.52 -11.78
C TYR F 66 -1.43 33.94 -10.90
N THR F 67 -2.44 34.77 -10.62
CA THR F 67 -3.56 34.38 -9.76
C THR F 67 -4.86 33.96 -10.44
N LYS F 68 -4.77 33.54 -11.70
CA LYS F 68 -5.96 33.08 -12.43
C LYS F 68 -6.12 31.60 -12.09
N VAL F 69 -6.78 31.30 -10.98
CA VAL F 69 -6.98 29.91 -10.55
C VAL F 69 -7.59 28.99 -11.62
N ASP F 70 -8.79 29.35 -12.10
CA ASP F 70 -9.44 28.53 -13.13
C ASP F 70 -8.67 28.39 -14.41
N GLN F 71 -8.31 29.51 -15.02
CA GLN F 71 -7.57 29.48 -16.27
C GLN F 71 -6.19 28.84 -16.16
N ALA F 72 -5.70 28.71 -14.93
CA ALA F 72 -4.39 28.10 -14.70
C ALA F 72 -4.38 26.66 -15.21
N GLU F 73 -5.54 26.01 -15.19
CA GLU F 73 -5.67 24.63 -15.63
C GLU F 73 -5.36 24.49 -17.12
N LYS F 74 -5.72 25.50 -17.91
CA LYS F 74 -5.48 25.49 -19.36
C LYS F 74 -4.05 25.96 -19.67
N GLU F 75 -3.66 27.06 -19.04
CA GLU F 75 -2.33 27.61 -19.24
C GLU F 75 -1.45 27.20 -18.08
N ARG F 76 -0.90 25.99 -18.15
CA ARG F 76 -0.04 25.47 -17.09
C ARG F 76 1.38 26.04 -17.08
N ASP F 77 2.04 26.04 -18.24
CA ASP F 77 3.40 26.58 -18.31
C ASP F 77 3.46 28.03 -17.84
N LEU F 78 2.45 28.82 -18.20
CA LEU F 78 2.41 30.21 -17.81
C LEU F 78 2.27 30.36 -16.27
N ALA F 79 1.61 29.40 -15.63
CA ALA F 79 1.43 29.44 -14.18
C ALA F 79 2.78 29.20 -13.52
N TYR F 80 3.49 28.16 -13.97
CA TYR F 80 4.80 27.84 -13.43
C TYR F 80 5.87 28.86 -13.73
N VAL F 81 5.92 29.34 -14.98
CA VAL F 81 6.90 30.33 -15.36
C VAL F 81 6.82 31.56 -14.45
N ILE F 82 5.61 32.00 -14.15
CA ILE F 82 5.42 33.17 -13.30
C ILE F 82 5.52 32.90 -11.80
N ASN F 83 4.83 31.88 -11.33
CA ASN F 83 4.85 31.55 -9.91
C ASN F 83 6.04 30.74 -9.41
N ALA F 84 6.57 29.86 -10.24
CA ALA F 84 7.72 29.04 -9.84
C ALA F 84 9.04 29.59 -10.36
N ILE F 85 9.21 29.64 -11.69
CA ILE F 85 10.46 30.16 -12.26
C ILE F 85 10.68 31.61 -11.86
N GLY F 86 9.60 32.35 -11.72
CA GLY F 86 9.70 33.74 -11.32
C GLY F 86 10.25 33.81 -9.91
N ALA F 87 9.66 33.02 -9.01
CA ALA F 87 10.11 32.98 -7.62
C ALA F 87 11.57 32.55 -7.54
N ARG F 88 11.95 31.61 -8.38
CA ARG F 88 13.32 31.10 -8.42
C ARG F 88 14.26 32.23 -8.78
N ASN F 89 13.88 33.03 -9.78
CA ASN F 89 14.69 34.16 -10.19
C ASN F 89 14.84 35.20 -9.09
N VAL F 90 13.74 35.57 -8.46
CA VAL F 90 13.81 36.56 -7.38
C VAL F 90 14.60 36.02 -6.20
N ALA F 91 14.52 34.71 -5.97
CA ALA F 91 15.25 34.08 -4.86
C ALA F 91 16.75 34.22 -5.10
N VAL F 92 17.19 33.87 -6.31
CA VAL F 92 18.59 33.95 -6.68
C VAL F 92 19.13 35.37 -6.49
N ALA F 93 18.40 36.36 -6.97
CA ALA F 93 18.80 37.75 -6.84
C ALA F 93 18.88 38.15 -5.36
N SER F 94 17.99 37.62 -4.54
CA SER F 94 17.98 37.93 -3.11
C SER F 94 19.23 37.39 -2.43
N GLN F 95 19.69 36.23 -2.90
CA GLN F 95 20.88 35.61 -2.33
C GLN F 95 22.14 36.43 -2.62
N LEU F 96 22.31 36.86 -3.88
CA LEU F 96 23.49 37.65 -4.25
C LEU F 96 23.60 38.97 -3.49
N VAL F 97 22.48 39.49 -3.02
CA VAL F 97 22.48 40.75 -2.29
C VAL F 97 22.27 40.57 -0.77
N GLY F 98 21.90 39.36 -0.36
CA GLY F 98 21.67 39.08 1.05
C GLY F 98 20.48 39.82 1.65
N ALA F 99 19.37 39.85 0.91
CA ALA F 99 18.17 40.52 1.38
C ALA F 99 17.17 39.52 1.97
N LYS F 100 16.29 40.02 2.84
CA LYS F 100 15.27 39.18 3.47
C LYS F 100 14.15 39.11 2.44
N LEU F 101 13.79 37.91 1.98
CA LEU F 101 12.72 37.76 0.97
C LEU F 101 11.42 37.24 1.55
N VAL F 102 10.33 37.93 1.24
CA VAL F 102 9.01 37.54 1.71
C VAL F 102 8.25 37.04 0.51
N TYR F 103 7.97 35.74 0.48
CA TYR F 103 7.22 35.14 -0.63
C TYR F 103 5.81 34.83 -0.17
N ILE F 104 4.84 35.52 -0.76
CA ILE F 104 3.44 35.31 -0.40
C ILE F 104 2.94 34.06 -1.13
N SER F 105 2.36 33.13 -0.36
CA SER F 105 1.85 31.90 -0.93
C SER F 105 0.35 31.72 -0.65
N THR F 106 -0.14 30.51 -0.88
CA THR F 106 -1.55 30.19 -0.69
C THR F 106 -1.87 28.89 0.05
N ASP F 107 -3.17 28.70 0.31
CA ASP F 107 -3.67 27.51 0.98
C ASP F 107 -3.94 26.41 -0.05
N TYR F 108 -3.97 26.78 -1.33
CA TYR F 108 -4.21 25.80 -2.39
C TYR F 108 -3.00 24.88 -2.51
N VAL F 109 -2.06 25.03 -1.58
CA VAL F 109 -0.87 24.24 -1.54
C VAL F 109 -1.22 22.92 -0.82
N PHE F 110 -2.37 22.90 -0.14
CA PHE F 110 -2.85 21.72 0.58
C PHE F 110 -4.05 21.07 -0.10
N GLN F 111 -4.36 19.85 0.33
CA GLN F 111 -5.47 19.07 -0.21
C GLN F 111 -6.83 19.68 0.22
N GLY F 112 -6.85 20.32 1.39
CA GLY F 112 -8.07 20.95 1.91
C GLY F 112 -9.16 20.03 2.43
N ASP F 113 -8.77 18.93 3.08
CA ASP F 113 -9.75 17.97 3.62
C ASP F 113 -9.96 18.08 5.13
N ARG F 114 -9.00 18.68 5.83
CA ARG F 114 -9.11 18.83 7.28
C ARG F 114 -9.89 20.08 7.68
N PRO F 115 -11.00 19.91 8.42
CA PRO F 115 -11.76 21.09 8.85
C PRO F 115 -10.97 21.94 9.83
N GLU F 116 -10.11 21.30 10.63
CA GLU F 116 -9.30 22.01 11.62
C GLU F 116 -8.25 22.82 10.89
N GLY F 117 -7.84 22.33 9.73
CA GLY F 117 -6.85 23.01 8.91
C GLY F 117 -5.48 22.36 9.00
N TYR F 118 -4.52 22.95 8.30
CA TYR F 118 -3.16 22.46 8.28
C TYR F 118 -2.18 23.45 8.92
N ASP F 119 -1.20 22.92 9.65
CA ASP F 119 -0.20 23.77 10.29
C ASP F 119 0.94 23.95 9.29
N GLU F 120 1.90 24.80 9.63
CA GLU F 120 3.01 25.06 8.74
C GLU F 120 3.96 23.88 8.56
N PHE F 121 3.81 22.84 9.37
CA PHE F 121 4.69 21.67 9.27
C PHE F 121 4.21 20.46 8.45
N HIS F 122 2.91 20.36 8.20
N HIS F 122 2.91 20.35 8.19
CA HIS F 122 2.39 19.24 7.40
CA HIS F 122 2.41 19.23 7.41
C HIS F 122 2.86 19.35 5.95
C HIS F 122 2.86 19.34 5.95
N ASN F 123 3.13 18.20 5.33
CA ASN F 123 3.58 18.15 3.95
C ASN F 123 2.49 18.61 2.99
N PRO F 124 2.82 19.60 2.14
CA PRO F 124 1.83 20.11 1.20
C PRO F 124 1.50 19.12 0.08
N ALA F 125 0.25 19.18 -0.39
CA ALA F 125 -0.24 18.31 -1.45
C ALA F 125 -1.21 19.14 -2.30
N PRO F 126 -0.67 20.01 -3.16
CA PRO F 126 -1.42 20.89 -4.06
C PRO F 126 -2.69 20.28 -4.63
N ILE F 127 -3.80 20.99 -4.47
CA ILE F 127 -5.10 20.55 -4.95
C ILE F 127 -5.37 20.92 -6.42
N ASN F 128 -4.67 21.93 -6.93
CA ASN F 128 -4.82 22.40 -8.32
C ASN F 128 -3.52 22.94 -8.92
N ILE F 129 -3.53 23.29 -10.20
CA ILE F 129 -2.34 23.83 -10.89
C ILE F 129 -1.81 25.09 -10.18
N TYR F 130 -2.70 26.02 -9.86
CA TYR F 130 -2.28 27.24 -9.18
C TYR F 130 -1.54 26.91 -7.91
N GLY F 131 -2.11 26.02 -7.10
CA GLY F 131 -1.51 25.61 -5.85
C GLY F 131 -0.18 24.93 -6.07
N ALA F 132 -0.11 24.11 -7.11
CA ALA F 132 1.11 23.40 -7.46
C ALA F 132 2.16 24.39 -7.93
N SER F 133 1.74 25.36 -8.73
CA SER F 133 2.67 26.38 -9.22
C SER F 133 3.28 27.10 -8.02
N LYS F 134 2.45 27.52 -7.06
CA LYS F 134 3.04 28.19 -5.90
C LYS F 134 3.83 27.33 -4.95
N TYR F 135 3.53 26.04 -4.90
CA TYR F 135 4.29 25.17 -4.02
C TYR F 135 5.70 25.01 -4.60
N ALA F 136 5.78 24.93 -5.93
CA ALA F 136 7.06 24.79 -6.60
C ALA F 136 7.88 26.06 -6.36
N GLY F 137 7.16 27.18 -6.26
CA GLY F 137 7.80 28.47 -6.00
C GLY F 137 8.38 28.49 -4.60
N GLU F 138 7.60 28.02 -3.62
CA GLU F 138 8.07 27.99 -2.24
C GLU F 138 9.35 27.19 -2.21
N GLN F 139 9.35 26.09 -2.94
CA GLN F 139 10.52 25.24 -2.98
C GLN F 139 11.76 25.91 -3.55
N PHE F 140 11.67 26.58 -4.69
CA PHE F 140 12.86 27.26 -5.21
C PHE F 140 13.39 28.31 -4.24
N VAL F 141 12.49 28.93 -3.49
CA VAL F 141 12.88 29.95 -2.52
C VAL F 141 13.70 29.35 -1.38
N LYS F 142 13.20 28.25 -0.82
CA LYS F 142 13.86 27.57 0.30
C LYS F 142 15.15 26.90 -0.15
N GLU F 143 15.14 26.41 -1.39
CA GLU F 143 16.28 25.72 -1.97
C GLU F 143 17.42 26.63 -2.44
N LEU F 144 17.11 27.88 -2.78
CA LEU F 144 18.17 28.77 -3.26
C LEU F 144 18.45 30.01 -2.40
N HIS F 145 17.79 30.15 -1.27
CA HIS F 145 18.01 31.31 -0.41
C HIS F 145 17.78 30.92 1.04
N ASN F 146 18.50 31.59 1.96
CA ASN F 146 18.38 31.29 3.39
C ASN F 146 17.87 32.41 4.30
N LYS F 147 17.25 33.44 3.73
CA LYS F 147 16.70 34.56 4.52
C LYS F 147 15.35 34.89 3.90
N TYR F 148 14.32 34.16 4.32
CA TYR F 148 12.98 34.34 3.80
C TYR F 148 11.84 34.14 4.79
N PHE F 149 10.66 34.57 4.35
CA PHE F 149 9.44 34.46 5.11
C PHE F 149 8.36 33.97 4.16
N ILE F 150 8.06 32.68 4.18
CA ILE F 150 7.01 32.17 3.32
C ILE F 150 5.69 32.39 4.05
N VAL F 151 4.92 33.36 3.55
CA VAL F 151 3.63 33.71 4.16
C VAL F 151 2.43 33.26 3.32
N ARG F 152 1.77 32.20 3.78
CA ARG F 152 0.59 31.66 3.10
C ARG F 152 -0.64 32.38 3.60
N THR F 153 -1.45 32.88 2.67
CA THR F 153 -2.67 33.57 3.03
C THR F 153 -3.83 32.90 2.31
N SER F 154 -5.04 33.44 2.46
CA SER F 154 -6.21 32.86 1.81
C SER F 154 -7.41 33.79 1.74
N TRP F 155 -8.26 33.62 0.72
CA TRP F 155 -9.46 34.46 0.61
C TRP F 155 -9.06 35.90 0.86
N LEU F 156 -8.03 36.31 0.14
CA LEU F 156 -7.46 37.65 0.24
C LEU F 156 -8.28 38.68 -0.53
N TYR F 157 -8.60 39.80 0.12
CA TYR F 157 -9.38 40.86 -0.50
C TYR F 157 -8.89 42.22 0.02
N GLY F 158 -8.86 43.23 -0.84
CA GLY F 158 -8.42 44.56 -0.42
C GLY F 158 -9.15 45.69 -1.12
N LYS F 159 -8.71 46.91 -0.83
CA LYS F 159 -9.31 48.09 -1.44
C LYS F 159 -9.21 48.09 -2.94
N TYR F 160 -8.02 47.76 -3.44
CA TYR F 160 -7.79 47.77 -4.88
C TYR F 160 -7.94 46.42 -5.57
N GLY F 161 -7.89 46.46 -6.90
CA GLY F 161 -8.01 45.27 -7.74
C GLY F 161 -9.41 44.68 -7.72
N ASN F 162 -9.53 43.44 -8.19
CA ASN F 162 -10.81 42.73 -8.22
C ASN F 162 -10.81 41.63 -7.17
N ASN F 163 -11.89 41.53 -6.41
CA ASN F 163 -12.01 40.51 -5.38
C ASN F 163 -13.47 40.18 -5.09
N PHE F 164 -13.69 39.06 -4.43
CA PHE F 164 -15.04 38.62 -4.10
C PHE F 164 -15.84 39.70 -3.38
N VAL F 165 -15.23 40.37 -2.40
CA VAL F 165 -15.92 41.41 -1.65
C VAL F 165 -16.44 42.55 -2.50
N LYS F 166 -15.60 43.15 -3.34
CA LYS F 166 -16.07 44.27 -4.18
C LYS F 166 -17.03 43.83 -5.28
N THR F 167 -16.93 42.59 -5.72
CA THR F 167 -17.82 42.09 -6.76
C THR F 167 -19.22 41.93 -6.17
N MET F 168 -19.30 41.39 -4.96
CA MET F 168 -20.59 41.22 -4.30
C MET F 168 -21.27 42.57 -4.10
N ILE F 169 -20.49 43.58 -3.72
CA ILE F 169 -21.05 44.92 -3.52
C ILE F 169 -21.47 45.50 -4.87
N ARG F 170 -20.57 45.42 -5.84
CA ARG F 170 -20.82 45.92 -7.20
C ARG F 170 -22.04 45.29 -7.85
N LEU F 171 -22.22 43.99 -7.68
CA LEU F 171 -23.37 43.30 -8.27
C LEU F 171 -24.61 43.49 -7.38
N GLY F 172 -24.38 43.91 -6.14
CA GLY F 172 -25.46 44.13 -5.19
C GLY F 172 -26.47 45.18 -5.60
N LYS F 173 -26.02 46.33 -6.08
CA LYS F 173 -26.94 47.39 -6.49
C LYS F 173 -27.78 46.89 -7.67
N GLU F 174 -27.06 46.38 -8.66
CA GLU F 174 -27.62 45.85 -9.90
C GLU F 174 -28.72 44.79 -9.81
N ARG F 175 -28.67 43.91 -8.81
CA ARG F 175 -29.70 42.86 -8.71
C ARG F 175 -30.18 42.42 -7.34
N GLU F 176 -31.32 41.73 -7.33
CA GLU F 176 -31.94 41.26 -6.07
C GLU F 176 -31.53 39.85 -5.63
N GLU F 177 -30.91 39.08 -6.52
CA GLU F 177 -30.47 37.73 -6.15
C GLU F 177 -29.13 37.38 -6.78
N ILE F 178 -28.30 36.71 -5.97
CA ILE F 178 -26.97 36.28 -6.39
C ILE F 178 -26.76 34.86 -5.88
N SER F 179 -26.14 34.01 -6.71
CA SER F 179 -25.87 32.63 -6.33
C SER F 179 -24.40 32.48 -5.96
N VAL F 180 -24.17 31.97 -4.74
CA VAL F 180 -22.82 31.78 -4.20
C VAL F 180 -22.62 30.34 -3.68
N VAL F 181 -21.39 29.85 -3.74
CA VAL F 181 -21.06 28.51 -3.27
C VAL F 181 -21.11 28.47 -1.74
N ALA F 182 -21.78 27.45 -1.19
CA ALA F 182 -21.91 27.32 0.27
C ALA F 182 -21.30 26.06 0.89
N ASP F 183 -20.94 25.07 0.07
CA ASP F 183 -20.34 23.82 0.59
C ASP F 183 -18.81 23.90 0.50
N GLN F 184 -18.28 25.12 0.56
CA GLN F 184 -16.86 25.37 0.47
C GLN F 184 -16.51 26.44 1.50
N ILE F 185 -15.92 26.00 2.62
CA ILE F 185 -15.55 26.89 3.71
C ILE F 185 -14.07 27.30 3.71
N GLY F 186 -13.82 28.49 4.24
CA GLY F 186 -12.48 29.03 4.33
C GLY F 186 -12.48 30.22 5.27
N SER F 187 -11.37 30.93 5.34
CA SER F 187 -11.28 32.10 6.21
C SER F 187 -10.80 33.32 5.41
N PRO F 188 -11.68 34.32 5.27
CA PRO F 188 -11.37 35.54 4.54
C PRO F 188 -10.19 36.31 5.15
N THR F 189 -9.47 37.06 4.34
CA THR F 189 -8.35 37.82 4.84
C THR F 189 -8.26 39.19 4.18
N TYR F 190 -8.35 40.23 5.01
CA TYR F 190 -8.27 41.60 4.53
C TYR F 190 -6.82 42.04 4.49
N VAL F 191 -6.39 42.44 3.30
CA VAL F 191 -5.01 42.89 3.06
C VAL F 191 -4.39 43.76 4.15
N ALA F 192 -5.15 44.70 4.71
CA ALA F 192 -4.61 45.57 5.76
C ALA F 192 -4.08 44.77 6.95
N ASP F 193 -4.82 43.73 7.35
CA ASP F 193 -4.40 42.89 8.46
C ASP F 193 -3.17 42.08 8.07
N LEU F 194 -3.13 41.65 6.81
CA LEU F 194 -1.99 40.88 6.32
C LEU F 194 -0.74 41.76 6.33
N ASN F 195 -0.85 42.93 5.71
CA ASN F 195 0.27 43.86 5.65
C ASN F 195 0.80 44.13 7.06
N VAL F 196 -0.11 44.37 8.01
CA VAL F 196 0.30 44.63 9.38
C VAL F 196 1.21 43.50 9.83
N MET F 197 0.82 42.26 9.55
CA MET F 197 1.63 41.13 9.96
C MET F 197 2.92 41.03 9.16
N ILE F 198 2.86 41.34 7.86
CA ILE F 198 4.05 41.30 7.01
C ILE F 198 5.06 42.32 7.52
N ASN F 199 4.52 43.45 7.97
CA ASN F 199 5.33 44.54 8.50
C ASN F 199 6.16 44.07 9.70
N LYS F 200 5.56 43.34 10.65
CA LYS F 200 6.35 42.88 11.79
C LYS F 200 7.41 41.87 11.43
N LEU F 201 7.11 41.00 10.47
CA LEU F 201 8.09 39.99 10.08
C LEU F 201 9.36 40.57 9.48
N ILE F 202 9.22 41.50 8.55
CA ILE F 202 10.40 42.10 7.92
C ILE F 202 11.42 42.76 8.88
N HIS F 203 11.02 42.99 10.15
CA HIS F 203 11.92 43.58 11.16
C HIS F 203 12.45 42.51 12.12
N THR F 204 12.34 41.23 11.81
CA THR F 204 12.80 40.25 12.80
C THR F 204 13.79 39.13 12.48
N SER F 205 13.83 38.67 11.24
CA SER F 205 14.74 37.57 10.86
C SER F 205 14.29 36.22 11.49
N LEU F 206 13.01 36.13 11.83
CA LEU F 206 12.42 34.92 12.41
C LEU F 206 11.97 34.18 11.17
N TYR F 207 12.94 33.77 10.36
CA TYR F 207 12.67 33.08 9.10
C TYR F 207 11.89 31.78 9.26
N GLY F 208 11.16 31.42 8.21
CA GLY F 208 10.35 30.21 8.20
C GLY F 208 9.10 30.37 7.37
N THR F 209 8.14 29.47 7.56
CA THR F 209 6.88 29.47 6.85
C THR F 209 5.79 29.87 7.85
N TYR F 210 4.87 30.72 7.44
CA TYR F 210 3.77 31.19 8.30
C TYR F 210 2.41 31.27 7.65
N HIS F 211 1.37 30.93 8.40
CA HIS F 211 0.02 31.02 7.86
C HIS F 211 -0.57 32.28 8.43
N VAL F 212 -1.02 33.18 7.56
CA VAL F 212 -1.61 34.42 7.99
C VAL F 212 -2.95 34.66 7.31
N SER F 213 -3.98 34.85 8.14
CA SER F 213 -5.34 35.10 7.68
C SER F 213 -6.15 35.46 8.90
N ASN F 214 -7.29 36.10 8.70
CA ASN F 214 -8.13 36.46 9.83
C ASN F 214 -8.60 35.17 10.47
N THR F 215 -8.86 35.20 11.78
CA THR F 215 -9.32 34.00 12.48
C THR F 215 -10.77 33.70 12.17
N GLY F 216 -11.18 32.48 12.47
CA GLY F 216 -12.55 32.04 12.23
C GLY F 216 -12.68 31.49 10.81
N SER F 217 -13.88 31.08 10.46
CA SER F 217 -14.13 30.54 9.13
C SER F 217 -15.59 30.70 8.70
N CYS F 218 -15.82 30.59 7.39
CA CYS F 218 -17.15 30.71 6.82
C CYS F 218 -17.15 30.32 5.34
N SER F 219 -18.34 30.02 4.84
CA SER F 219 -18.51 29.64 3.46
C SER F 219 -18.67 30.92 2.65
N TRP F 220 -18.46 30.85 1.34
CA TRP F 220 -18.62 32.05 0.54
C TRP F 220 -20.04 32.56 0.70
N PHE F 221 -20.96 31.64 0.94
CA PHE F 221 -22.36 31.95 1.13
C PHE F 221 -22.57 32.78 2.39
N GLU F 222 -22.09 32.29 3.54
CA GLU F 222 -22.24 33.03 4.80
C GLU F 222 -21.48 34.35 4.75
N PHE F 223 -20.40 34.37 3.98
CA PHE F 223 -19.58 35.55 3.82
C PHE F 223 -20.33 36.58 2.97
N ALA F 224 -20.99 36.12 1.92
CA ALA F 224 -21.75 37.02 1.05
C ALA F 224 -22.80 37.75 1.89
N LYS F 225 -23.52 37.01 2.75
CA LYS F 225 -24.54 37.62 3.60
C LYS F 225 -23.95 38.63 4.56
N LYS F 226 -22.83 38.28 5.16
CA LYS F 226 -22.16 39.15 6.10
C LYS F 226 -21.79 40.45 5.38
N ILE F 227 -21.37 40.35 4.13
CA ILE F 227 -20.99 41.53 3.34
C ILE F 227 -22.17 42.46 3.17
N PHE F 228 -23.29 41.91 2.72
CA PHE F 228 -24.47 42.73 2.52
C PHE F 228 -25.08 43.19 3.84
N SER F 229 -24.69 42.54 4.94
CA SER F 229 -25.20 42.91 6.24
C SER F 229 -24.55 44.24 6.60
N TYR F 230 -23.23 44.34 6.49
CA TYR F 230 -22.51 45.59 6.81
C TYR F 230 -22.71 46.63 5.73
N ALA F 231 -22.83 46.19 4.48
CA ALA F 231 -23.04 47.11 3.36
C ALA F 231 -24.45 47.68 3.44
N ASN F 232 -25.23 47.15 4.37
CA ASN F 232 -26.61 47.56 4.61
C ASN F 232 -27.44 47.40 3.34
N MET F 233 -26.98 46.52 2.45
CA MET F 233 -27.69 46.28 1.20
C MET F 233 -28.72 45.19 1.48
N LYS F 234 -29.71 45.07 0.59
CA LYS F 234 -30.76 44.09 0.79
C LYS F 234 -30.81 43.16 -0.42
N VAL F 235 -30.05 42.08 -0.37
CA VAL F 235 -29.99 41.12 -1.47
C VAL F 235 -30.17 39.67 -1.02
N ASN F 236 -30.98 38.92 -1.76
CA ASN F 236 -31.23 37.53 -1.44
C ASN F 236 -30.15 36.65 -2.06
N VAL F 237 -29.28 36.10 -1.22
CA VAL F 237 -28.20 35.24 -1.68
C VAL F 237 -28.67 33.78 -1.72
N LEU F 238 -28.51 33.15 -2.88
CA LEU F 238 -28.90 31.74 -3.05
C LEU F 238 -27.70 30.84 -2.83
N PRO F 239 -27.88 29.74 -2.08
CA PRO F 239 -26.81 28.79 -1.80
C PRO F 239 -26.68 27.75 -2.91
N VAL F 240 -25.47 27.56 -3.41
CA VAL F 240 -25.20 26.60 -4.47
C VAL F 240 -24.11 25.63 -4.07
N SER F 241 -24.07 24.46 -4.70
CA SER F 241 -23.05 23.46 -4.38
C SER F 241 -21.91 23.57 -5.37
N THR F 242 -20.77 23.00 -5.00
CA THR F 242 -19.59 23.01 -5.84
C THR F 242 -19.87 22.39 -7.21
N GLU F 243 -20.56 21.25 -7.21
CA GLU F 243 -20.89 20.57 -8.45
C GLU F 243 -21.77 21.45 -9.34
N GLU F 244 -22.76 22.09 -8.74
CA GLU F 244 -23.68 22.97 -9.47
C GLU F 244 -23.01 24.23 -10.02
N PHE F 245 -21.98 24.71 -9.32
CA PHE F 245 -21.26 25.92 -9.75
C PHE F 245 -20.49 25.69 -11.06
N GLY F 246 -19.95 24.48 -11.23
CA GLY F 246 -19.21 24.12 -12.44
C GLY F 246 -17.82 24.70 -12.66
N ALA F 247 -17.12 25.04 -11.58
CA ALA F 247 -15.76 25.61 -11.70
C ALA F 247 -14.83 24.59 -12.35
N ALA F 248 -13.87 25.09 -13.13
CA ALA F 248 -12.91 24.21 -13.82
C ALA F 248 -11.85 23.65 -12.88
N ALA F 249 -11.30 24.52 -12.02
CA ALA F 249 -10.28 24.10 -11.08
C ALA F 249 -10.88 23.62 -9.77
N ALA F 250 -10.37 22.51 -9.27
CA ALA F 250 -10.84 21.93 -8.04
C ALA F 250 -10.47 22.81 -6.84
N ARG F 251 -11.42 22.99 -5.93
CA ARG F 251 -11.22 23.79 -4.72
C ARG F 251 -11.22 22.97 -3.44
N PRO F 252 -10.61 23.51 -2.39
CA PRO F 252 -10.55 22.85 -1.11
C PRO F 252 -11.89 22.98 -0.40
N LYS F 253 -12.37 21.88 0.19
CA LYS F 253 -13.62 21.93 0.90
C LYS F 253 -13.40 22.82 2.12
N TYR F 254 -12.24 22.69 2.73
CA TYR F 254 -11.88 23.48 3.89
C TYR F 254 -10.51 24.11 3.72
N SER F 255 -10.47 25.39 3.38
CA SER F 255 -9.20 26.08 3.21
C SER F 255 -9.02 26.96 4.43
N ILE F 256 -8.69 26.31 5.53
CA ILE F 256 -8.48 26.96 6.82
C ILE F 256 -7.09 26.60 7.35
N PHE F 257 -6.35 27.58 7.87
CA PHE F 257 -5.03 27.32 8.40
C PHE F 257 -5.05 27.29 9.93
N GLN F 258 -3.97 26.78 10.50
CA GLN F 258 -3.80 26.73 11.93
C GLN F 258 -2.70 27.78 12.01
N HIS F 259 -2.80 28.71 12.95
CA HIS F 259 -1.81 29.76 13.08
C HIS F 259 -0.76 29.44 14.14
N ASN F 260 -0.03 28.35 13.95
CA ASN F 260 1.01 27.94 14.90
C ASN F 260 2.22 28.89 14.92
N MET F 261 2.93 28.99 13.81
CA MET F 261 4.10 29.86 13.74
C MET F 261 3.88 31.22 14.35
N LEU F 262 2.73 31.84 14.10
CA LEU F 262 2.46 33.16 14.70
C LEU F 262 2.45 33.04 16.21
N ARG F 263 1.71 32.06 16.70
CA ARG F 263 1.60 31.83 18.13
C ARG F 263 2.94 31.38 18.72
N LEU F 264 3.63 30.51 18.01
CA LEU F 264 4.93 30.00 18.47
C LEU F 264 6.02 31.06 18.47
N ASN F 265 5.93 32.02 17.55
CA ASN F 265 6.95 33.07 17.49
C ASN F 265 6.58 34.35 18.25
N GLY F 266 5.67 34.22 19.20
CA GLY F 266 5.23 35.35 20.03
C GLY F 266 4.28 36.38 19.44
N PHE F 267 3.94 36.28 18.16
CA PHE F 267 3.01 37.24 17.57
C PHE F 267 1.61 37.08 18.16
N LEU F 268 0.83 38.15 18.11
CA LEU F 268 -0.52 38.13 18.66
C LEU F 268 -1.50 37.67 17.56
N GLN F 269 -2.59 37.03 17.98
CA GLN F 269 -3.61 36.53 17.05
C GLN F 269 -4.18 37.58 16.11
N MET F 270 -4.43 37.15 14.87
CA MET F 270 -5.00 38.01 13.84
C MET F 270 -6.43 38.33 14.26
N PRO F 271 -7.01 39.39 13.67
CA PRO F 271 -8.38 39.71 14.04
C PRO F 271 -9.29 38.72 13.31
N SER F 272 -10.53 38.59 13.74
CA SER F 272 -11.46 37.68 13.10
C SER F 272 -11.80 38.18 11.70
N TRP F 273 -12.44 37.34 10.90
CA TRP F 273 -12.79 37.76 9.54
C TRP F 273 -13.86 38.83 9.59
N GLU F 274 -14.69 38.82 10.64
CA GLU F 274 -15.75 39.83 10.78
C GLU F 274 -15.05 41.17 11.04
N GLU F 275 -14.10 41.16 11.97
CA GLU F 275 -13.33 42.35 12.34
C GLU F 275 -12.56 42.87 11.14
N GLY F 276 -12.03 41.96 10.34
CA GLY F 276 -11.26 42.32 9.15
C GLY F 276 -12.19 42.94 8.13
N LEU F 277 -13.37 42.35 7.96
CA LEU F 277 -14.35 42.85 7.02
C LEU F 277 -14.90 44.18 7.52
N GLU F 278 -14.93 44.35 8.83
CA GLU F 278 -15.43 45.58 9.40
C GLU F 278 -14.53 46.74 8.98
N ARG F 279 -13.22 46.55 9.03
CA ARG F 279 -12.28 47.59 8.65
C ARG F 279 -12.37 47.92 7.16
N PHE F 280 -12.65 46.91 6.34
CA PHE F 280 -12.74 47.09 4.91
C PHE F 280 -13.73 48.20 4.59
N PHE F 281 -14.86 48.21 5.29
CA PHE F 281 -15.87 49.25 5.06
C PHE F 281 -15.45 50.59 5.64
N ILE F 282 -14.87 50.57 6.83
CA ILE F 282 -14.44 51.82 7.47
C ILE F 282 -13.38 52.53 6.61
N GLU F 283 -12.54 51.74 5.92
CA GLU F 283 -11.50 52.30 5.08
C GLU F 283 -11.89 52.44 3.61
N THR F 284 -13.16 52.18 3.29
CA THR F 284 -13.65 52.30 1.90
C THR F 284 -15.11 52.78 1.87
PA NAP G . 0.47 -36.95 15.89
O1A NAP G . 1.59 -36.95 14.89
O2A NAP G . 0.64 -37.71 17.19
O5B NAP G . -0.88 -37.47 15.18
C5B NAP G . -0.97 -37.66 13.77
C4B NAP G . -1.26 -39.13 13.49
O4B NAP G . -1.58 -39.30 12.10
C3B NAP G . -0.05 -40.02 13.79
O3B NAP G . -0.39 -41.05 14.73
C2B NAP G . 0.32 -40.62 12.45
O2B NAP G . 0.77 -41.97 12.58
C1B NAP G . -0.99 -40.52 11.67
N9A NAP G . -0.78 -40.65 10.20
C8A NAP G . 0.33 -40.36 9.50
N7A NAP G . 0.12 -40.64 8.21
C5A NAP G . -1.14 -41.12 8.09
C6A NAP G . -1.97 -41.61 6.97
N6A NAP G . -1.48 -41.63 5.70
N1A NAP G . -3.23 -42.02 7.23
C2A NAP G . -3.71 -42.01 8.49
N3A NAP G . -2.96 -41.57 9.53
C4A NAP G . -1.70 -41.12 9.35
O3 NAP G . 0.09 -35.41 16.23
PN NAP G . -1.29 -34.98 16.97
O1N NAP G . -0.99 -33.76 17.81
O2N NAP G . -1.95 -36.19 17.58
O5D NAP G . -2.21 -34.52 15.74
C5D NAP G . -3.45 -33.86 15.97
C4D NAP G . -3.67 -32.75 14.94
O4D NAP G . -3.41 -31.47 15.53
C3D NAP G . -2.77 -32.88 13.73
O3D NAP G . -3.55 -32.89 12.53
C2D NAP G . -1.87 -31.66 13.76
O2D NAP G . -1.65 -31.16 12.43
C1D NAP G . -2.61 -30.67 14.64
N1N NAP G . -1.74 -29.76 15.40
C2N NAP G . -0.85 -30.26 16.26
C3N NAP G . 0.00 -29.42 16.99
C7N NAP G . 0.98 -30.02 17.96
O7N NAP G . 1.08 -31.23 18.03
N7N NAP G . 1.73 -29.22 18.71
C4N NAP G . -0.11 -28.05 16.81
C5N NAP G . -1.04 -27.55 15.91
C6N NAP G . -1.86 -28.44 15.21
P2B NAP G . 2.33 -42.32 12.41
O1X NAP G . 2.41 -43.75 12.88
O2X NAP G . 2.62 -42.14 10.94
O3X NAP G . 3.05 -41.33 13.31
S SO4 H . 2.50 -43.44 25.96
O1 SO4 H . 1.68 -43.07 24.82
O2 SO4 H . 2.05 -44.73 26.49
O3 SO4 H . 3.90 -43.55 25.53
O4 SO4 H . 2.39 -42.42 27.00
S SO4 I . -5.90 -6.03 9.94
O1 SO4 I . -6.95 -5.12 9.46
O2 SO4 I . -6.47 -6.90 10.96
O3 SO4 I . -5.40 -6.82 8.82
O4 SO4 I . -4.81 -5.25 10.51
PA NAP J . -34.02 -3.14 8.87
PA NAP J . -34.14 -2.43 9.37
O1A NAP J . -32.59 -2.99 9.31
O1A NAP J . -33.40 -1.26 8.76
O2A NAP J . -34.98 -1.99 9.01
O2A NAP J . -35.20 -2.16 10.41
O5B NAP J . -34.64 -4.42 9.63
O5B NAP J . -33.08 -3.48 9.99
C5B NAP J . -33.94 -5.66 9.73
C5B NAP J . -33.27 -4.88 9.77
C4B NAP J . -34.73 -6.56 10.66
C4B NAP J . -34.39 -5.39 10.67
O4B NAP J . -33.93 -7.62 11.22
O4B NAP J . -34.10 -6.73 11.11
C3B NAP J . -35.30 -5.79 11.84
C3B NAP J . -34.55 -4.54 11.92
O3B NAP J . -36.72 -5.88 11.87
O3B NAP J . -35.81 -3.85 11.93
C2B NAP J . -34.70 -6.44 13.05
C2B NAP J . -34.46 -5.50 13.09
O2B NAP J . -35.57 -6.48 14.19
O2B NAP J . -35.54 -5.28 14.00
C1B NAP J . -34.39 -7.83 12.54
C1B NAP J . -34.51 -6.88 12.47
N9A NAP J . -33.45 -8.51 13.46
N9A NAP J . -33.61 -7.79 13.24
C8A NAP J . -32.47 -7.95 14.18
C8A NAP J . -32.56 -7.39 13.98
N7A NAP J . -31.86 -8.92 14.91
N7A NAP J . -31.99 -8.48 14.55
C5A NAP J . -32.48 -10.08 14.63
C5A NAP J . -32.71 -9.55 14.16
C6A NAP J . -32.31 -11.48 15.07
C6A NAP J . -32.61 -11.00 14.44
N6A NAP J . -31.35 -11.82 15.95
N6A NAP J . -31.63 -11.49 15.23
N1A NAP J . -33.14 -12.42 14.56
N1A NAP J . -33.52 -11.82 13.87
C2A NAP J . -34.10 -12.08 13.68
C2A NAP J . -34.49 -11.33 13.08
N3A NAP J . -34.27 -10.82 13.26
N3A NAP J . -34.60 -10.02 12.82
C4A NAP J . -33.48 -9.81 13.72
C4A NAP J . -33.73 -9.11 13.35
O3 NAP J . -34.08 -3.68 7.34
O3 NAP J . -34.79 -3.31 8.18
PN NAP J . -33.20 -3.07 6.14
PN NAP J . -34.21 -3.30 6.67
O1N NAP J . -32.51 -1.81 6.63
O1N NAP J . -33.51 -1.99 6.42
O2N NAP J . -34.07 -3.01 4.91
O2N NAP J . -35.34 -3.74 5.76
O5D NAP J . -32.10 -4.22 5.93
O5D NAP J . -33.12 -4.48 6.64
C5D NAP J . -32.42 -5.37 5.16
C5D NAP J . -33.20 -5.45 5.60
C4D NAP J . -31.24 -5.76 4.27
C4D NAP J . -31.88 -5.60 4.85
O4D NAP J . -30.95 -4.73 3.32
O4D NAP J . -31.57 -4.41 4.12
C3D NAP J . -29.97 -6.00 5.07
C3D NAP J . -30.70 -5.86 5.78
O3D NAP J . -29.56 -7.36 4.96
O3D NAP J . -30.21 -7.20 5.62
C2D NAP J . -28.92 -5.06 4.50
C2D NAP J . -29.64 -4.85 5.42
O2D NAP J . -27.72 -5.76 4.15
O2D NAP J . -28.40 -5.49 5.12
C1D NAP J . -29.55 -4.46 3.25
C1D NAP J . -30.16 -4.13 4.19
N1N NAP J . -29.29 -3.01 3.17
N1N NAP J . -29.90 -2.69 4.29
C2N NAP J . -29.95 -2.17 3.96
C2N NAP J . -28.93 -2.15 3.55
C3N NAP J . -29.72 -0.79 3.91
C3N NAP J . -28.65 -0.79 3.62
C7N NAP J . -30.47 0.14 4.81
C7N NAP J . -27.57 -0.20 2.77
O7N NAP J . -30.67 1.29 4.45
O7N NAP J . -27.33 1.00 2.82
N7N NAP J . -30.88 -0.30 5.99
N7N NAP J . -26.88 -1.01 1.97
C4N NAP J . -28.80 -0.31 2.99
C4N NAP J . -29.37 0.01 4.49
C5N NAP J . -28.12 -1.20 2.17
C5N NAP J . -30.37 -0.57 5.26
C6N NAP J . -28.39 -2.56 2.28
C6N NAP J . -30.62 -1.93 5.14
P2B NAP J . -35.42 -5.35 15.33
P2B NAP J . -35.32 -4.34 15.29
O1X NAP J . -36.65 -5.57 16.20
O1X NAP J . -36.55 -4.58 16.13
O2X NAP J . -34.11 -5.68 16.00
O2X NAP J . -34.04 -4.86 15.91
O3X NAP J . -35.42 -4.05 14.57
O3X NAP J . -35.21 -2.95 14.71
S SO4 K . -26.59 4.65 10.68
O1 SO4 K . -26.74 3.26 10.25
O2 SO4 K . -27.59 4.97 11.69
O3 SO4 K . -25.26 4.82 11.28
O4 SO4 K . -26.74 5.53 9.53
S SO4 L . -44.22 3.68 9.48
O1 SO4 L . -44.34 2.30 9.03
O2 SO4 L . -44.35 3.75 10.93
O3 SO4 L . -42.92 4.22 9.10
O4 SO4 L . -45.27 4.49 8.86
S SO4 M . -46.21 22.44 3.78
O1 SO4 M . -45.82 21.74 2.55
O2 SO4 M . -47.17 21.62 4.53
O3 SO4 M . -45.03 22.68 4.61
O4 SO4 M . -46.83 23.72 3.44
S SO4 N . -9.69 -3.52 -11.23
O1 SO4 N . -9.71 -4.71 -12.09
O2 SO4 N . -11.00 -2.89 -11.27
O3 SO4 N . -9.36 -3.91 -9.87
O4 SO4 N . -8.69 -2.57 -11.72
PA NAP O . -12.97 -23.88 -29.55
O1A NAP O . -13.37 -22.48 -29.94
O2A NAP O . -12.50 -24.84 -30.62
O5B NAP O . -14.17 -24.58 -28.73
C5B NAP O . -15.22 -23.85 -28.11
C4B NAP O . -16.55 -24.43 -28.58
O4B NAP O . -17.63 -24.02 -27.72
C3B NAP O . -16.89 -23.99 -29.99
O3B NAP O . -17.25 -25.10 -30.82
C2B NAP O . -18.07 -23.07 -29.81
O2B NAP O . -18.96 -23.11 -30.92
C1B NAP O . -18.72 -23.63 -28.56
N9A NAP O . -19.65 -22.64 -27.94
C8A NAP O . -19.56 -21.30 -27.95
N7A NAP O . -20.62 -20.79 -27.28
C5A NAP O . -21.36 -21.83 -26.86
C6A NAP O . -22.62 -21.95 -26.09
N6A NAP O . -23.27 -20.86 -25.64
N1A NAP O . -23.10 -23.19 -25.84
C2A NAP O . -22.45 -24.27 -26.28
N3A NAP O . -21.30 -24.18 -26.98
C4A NAP O . -20.75 -22.98 -27.28
O3 NAP O . -11.79 -23.80 -28.46
PN NAP O . -11.16 -25.12 -27.77
O1N NAP O . -9.66 -25.12 -27.96
O2N NAP O . -11.98 -26.32 -28.18
O5D NAP O . -11.43 -24.84 -26.22
C5D NAP O . -11.58 -25.91 -25.30
C4D NAP O . -11.44 -25.37 -23.88
O4D NAP O . -10.05 -25.17 -23.60
C3D NAP O . -12.13 -24.02 -23.71
O3D NAP O . -12.85 -24.01 -22.48
C2D NAP O . -11.00 -23.02 -23.69
O2D NAP O . -11.30 -21.91 -22.83
C1D NAP O . -9.82 -23.82 -23.17
N1N NAP O . -8.53 -23.34 -23.65
C2N NAP O . -8.29 -23.23 -24.96
C3N NAP O . -7.06 -22.78 -25.44
C7N NAP O . -6.82 -22.68 -26.93
O7N NAP O . -7.78 -22.69 -27.69
N7N NAP O . -5.58 -22.58 -27.40
C4N NAP O . -6.07 -22.43 -24.52
C5N NAP O . -6.33 -22.54 -23.17
C6N NAP O . -7.58 -23.01 -22.76
P2B NAP O . -18.91 -21.98 -32.08
O1X NAP O . -20.25 -22.13 -32.75
O2X NAP O . -18.71 -20.66 -31.36
O3X NAP O . -17.72 -22.39 -32.92
S SO4 P . -3.81 -17.69 -28.24
O1 SO4 P . -3.62 -19.08 -28.63
O2 SO4 P . -5.17 -17.25 -28.59
O3 SO4 P . -3.62 -17.58 -26.79
O4 SO4 P . -2.84 -16.84 -28.93
S SO4 Q . -12.47 -28.49 -38.79
O1 SO4 Q . -13.21 -28.68 -40.02
O2 SO4 Q . -12.32 -27.07 -38.52
O3 SO4 Q . -13.20 -29.11 -37.69
O4 SO4 Q . -11.14 -29.11 -38.92
PA NAP R . 18.26 17.37 29.38
O1A NAP R . 16.79 17.61 29.63
O2A NAP R . 19.08 16.71 30.47
O5B NAP R . 18.97 18.76 28.98
C5B NAP R . 18.34 19.69 28.09
C4B NAP R . 18.68 21.11 28.53
O4B NAP R . 18.04 22.11 27.72
C3B NAP R . 18.25 21.37 29.97
O3B NAP R . 19.36 21.85 30.75
C2B NAP R . 17.19 22.44 29.86
O2B NAP R . 17.12 23.28 31.00
C1B NAP R . 17.64 23.17 28.61
N9A NAP R . 16.59 24.09 28.09
C8A NAP R . 15.26 23.92 28.12
N7A NAP R . 14.66 25.01 27.57
C5A NAP R . 15.64 25.85 27.21
C6A NAP R . 15.68 27.19 26.56
N6A NAP R . 14.54 27.81 26.20
N1A NAP R . 16.87 27.76 26.34
C2A NAP R . 18.02 27.15 26.69
N3A NAP R . 18.01 25.94 27.28
C4A NAP R . 16.86 25.28 27.54
O3 NAP R . 18.36 16.49 28.03
PN NAP R . 19.73 16.03 27.31
O1N NAP R . 19.73 14.52 27.27
O2N NAP R . 20.93 16.78 27.85
O5D NAP R . 19.50 16.56 25.81
C5D NAP R . 20.59 16.75 24.92
C4D NAP R . 20.09 16.56 23.49
O4D NAP R . 19.88 15.17 23.22
C3D NAP R . 18.75 17.24 23.27
O3D NAP R . 18.76 17.95 22.03
C2D NAP R . 17.75 16.11 23.24
O2D NAP R . 16.61 16.41 22.41
C1D NAP R . 18.57 14.95 22.69
N1N NAP R . 18.04 13.63 23.06
C2N NAP R . 17.80 13.35 24.35
C3N NAP R . 17.31 12.09 24.73
C7N NAP R . 17.04 11.82 26.18
O7N NAP R . 17.33 12.68 27.00
N7N NAP R . 16.52 10.66 26.57
C4N NAP R . 17.07 11.13 23.74
C5N NAP R . 17.34 11.46 22.42
C6N NAP R . 17.82 12.73 22.10
P2B NAP R . 16.08 22.96 32.19
O1X NAP R . 16.33 24.07 33.17
O2X NAP R . 14.73 22.95 31.52
O3X NAP R . 16.51 21.59 32.70
S SO4 S . 23.18 16.25 38.56
O1 SO4 S . 22.93 14.89 38.07
O2 SO4 S . 22.06 16.67 39.40
O3 SO4 S . 24.41 16.25 39.34
O4 SO4 S . 23.32 17.17 37.43
S SO4 T . 9.34 10.83 29.87
O1 SO4 T . 8.44 10.00 29.07
O2 SO4 T . 8.64 12.07 30.26
O3 SO4 T . 9.71 10.09 31.07
O4 SO4 T . 10.52 11.15 29.09
PA NAP U . 31.60 6.38 -16.21
O1A NAP U . 31.75 5.23 -15.25
O2A NAP U . 32.13 6.27 -17.62
O5B NAP U . 32.25 7.70 -15.54
C5B NAP U . 32.35 7.85 -14.12
C4B NAP U . 33.78 8.29 -13.80
O4B NAP U . 33.92 8.55 -12.40
C3B NAP U . 34.80 7.21 -14.16
O3B NAP U . 35.87 7.77 -14.92
C2B NAP U . 35.30 6.73 -12.83
O2B NAP U . 36.63 6.24 -12.87
C1B NAP U . 35.16 7.99 -11.99
N9A NAP U . 35.29 7.76 -10.54
C8A NAP U . 35.01 6.63 -9.87
N7A NAP U . 35.29 6.84 -8.55
C5A NAP U . 35.73 8.11 -8.44
C6A NAP U . 36.18 8.94 -7.31
N6A NAP U . 36.20 8.46 -6.05
N1A NAP U . 36.57 10.22 -7.56
C2A NAP U . 36.55 10.71 -8.82
N3A NAP U . 36.14 9.96 -9.86
C4A NAP U . 35.73 8.67 -9.69
O3 NAP U . 30.04 6.82 -16.30
PN NAP U . 29.57 8.02 -17.26
O1N NAP U . 28.88 7.44 -18.47
O2N NAP U . 30.72 8.99 -17.45
O5D NAP U . 28.44 8.76 -16.38
C5D NAP U . 28.68 10.04 -15.80
C4D NAP U . 27.48 10.46 -14.97
O4D NAP U . 26.27 10.16 -15.68
C3D NAP U . 27.41 9.70 -13.65
O3D NAP U . 27.21 10.60 -12.56
C2D NAP U . 26.23 8.77 -13.78
O2D NAP U . 25.56 8.62 -12.52
C1D NAP U . 25.37 9.44 -14.84
N1N NAP U . 24.54 8.48 -15.61
C2N NAP U . 25.11 7.60 -16.45
C3N NAP U . 24.34 6.69 -17.17
C7N NAP U . 24.95 5.70 -18.11
O7N NAP U . 24.27 5.29 -19.04
N7N NAP U . 26.20 5.28 -17.93
C4N NAP U . 22.95 6.72 -17.01
C5N NAP U . 22.39 7.63 -16.14
C6N NAP U . 23.21 8.50 -15.45
P2B NAP U . 36.93 4.67 -13.01
O1X NAP U . 36.82 4.45 -14.50
O2X NAP U . 38.32 4.51 -12.43
O3X NAP U . 35.86 3.98 -12.18
S SO4 V . 38.02 4.58 -24.63
O1 SO4 V . 36.93 4.21 -25.54
O2 SO4 V . 37.48 5.14 -23.39
O3 SO4 V . 38.80 3.38 -24.30
O4 SO4 V . 38.88 5.56 -25.27
S SO4 W . 0.72 12.15 -9.39
O1 SO4 W . 0.19 11.03 -10.16
O2 SO4 W . -0.34 12.69 -8.53
O3 SO4 W . 1.81 11.68 -8.54
O4 SO4 W . 1.21 13.19 -10.29
S SO4 X . 27.07 -12.11 -24.01
O1 SO4 X . 26.26 -11.18 -24.77
O2 SO4 X . 27.28 -11.60 -22.64
O3 SO4 X . 26.40 -13.40 -23.93
O4 SO4 X . 28.38 -12.27 -24.65
S SO4 Y . 25.86 -2.81 -14.75
O1 SO4 Y . 26.57 -3.22 -15.97
O2 SO4 Y . 24.62 -3.57 -14.64
O3 SO4 Y . 26.70 -3.09 -13.58
O4 SO4 Y . 25.56 -1.39 -14.82
PA NAP Z . -2.97 40.10 -8.25
O1A NAP Z . -3.18 39.31 -9.52
O2A NAP Z . -3.85 41.30 -7.99
O5B NAP Z . -1.45 40.60 -8.20
C5B NAP Z . -0.40 39.94 -8.92
C4B NAP Z . 0.37 40.96 -9.73
O4B NAP Z . 1.55 40.35 -10.28
C3B NAP Z . -0.43 41.52 -10.89
O3B NAP Z . -0.56 42.95 -10.83
C2B NAP Z . 0.35 41.12 -12.12
O2B NAP Z . 0.31 42.09 -13.16
C1B NAP Z . 1.75 40.92 -11.58
N9A NAP Z . 2.59 40.10 -12.50
C8A NAP Z . 2.18 39.13 -13.33
N7A NAP Z . 3.25 38.65 -14.00
C5A NAP Z . 4.32 39.33 -13.58
C6A NAP Z . 5.77 39.28 -13.91
N6A NAP Z . 6.23 38.40 -14.83
N1A NAP Z . 6.59 40.14 -13.27
C2A NAP Z . 6.12 41.01 -12.36
N3A NAP Z . 4.82 41.06 -12.04
C4A NAP Z . 3.91 40.25 -12.63
O3 NAP Z . -3.08 39.10 -6.99
PN NAP Z . -2.85 39.60 -5.47
O1N NAP Z . -4.15 39.43 -4.69
O2N NAP Z . -2.15 40.94 -5.49
O5D NAP Z . -1.83 38.51 -4.93
C5D NAP Z . -0.97 38.72 -3.80
C4D NAP Z . -0.23 37.43 -3.52
O4D NAP Z . -1.01 36.60 -2.62
C3D NAP Z . -0.04 36.62 -4.81
O3D NAP Z . 1.30 36.11 -4.89
C2D NAP Z . -1.08 35.51 -4.71
O2D NAP Z . -0.67 34.29 -5.32
C1D NAP Z . -1.29 35.33 -3.22
N1N NAP Z . -2.66 34.86 -2.95
C2N NAP Z . -3.71 35.58 -3.35
C3N NAP Z . -5.01 35.15 -3.11
C7N NAP Z . -6.19 35.97 -3.57
O7N NAP Z . -7.24 35.89 -2.94
N7N NAP Z . -6.07 36.77 -4.63
C4N NAP Z . -5.22 33.94 -2.45
C5N NAP Z . -4.12 33.21 -2.04
C6N NAP Z . -2.84 33.69 -2.31
P2B NAP Z . -0.83 42.00 -14.30
O1X NAP Z . -0.34 42.99 -15.34
O2X NAP Z . -0.81 40.56 -14.77
O3X NAP Z . -2.08 42.42 -13.57
S SO4 AA . 23.77 50.19 3.33
O1 SO4 AA . 22.83 49.54 2.42
O2 SO4 AA . 23.73 51.64 3.12
O3 SO4 AA . 23.39 49.88 4.71
O4 SO4 AA . 25.12 49.70 3.06
S SO4 BA . -8.70 49.57 -8.50
O1 SO4 BA . -9.04 48.30 -9.12
O2 SO4 BA . -9.26 49.63 -7.15
O3 SO4 BA . -7.25 49.71 -8.44
O4 SO4 BA . -9.27 50.67 -9.28
S SO4 CA . -1.88 13.57 10.36
O1 SO4 CA . -1.49 13.72 8.97
O2 SO4 CA . -3.28 13.18 10.46
O3 SO4 CA . -1.05 12.52 10.98
O4 SO4 CA . -1.67 14.83 11.07
#